data_6TXL
#
_entry.id   6TXL
#
_cell.length_a   176.219
_cell.length_b   176.219
_cell.length_c   355.045
_cell.angle_alpha   90.000
_cell.angle_beta   90.000
_cell.angle_gamma   120.000
#
_symmetry.space_group_name_H-M   'H 3 2'
#
loop_
_entity.id
_entity.type
_entity.pdbx_description
1 polymer Ferritin
2 non-polymer 'FE (III) ION'
3 non-polymer 'SULFATE ION'
4 non-polymer GLYCEROL
5 non-polymer EICOSANE
6 water water
#
_entity_poly.entity_id   1
_entity_poly.type   'polypeptide(L)'
_entity_poly.pdbx_seq_one_letter_code
;MMVISEKVRKALNDQLNREIYSSYLYLSMATYFDAEGFKGFAHWMKKQAQEELTHAMKFYEYIYQRGGRVELEAIEKPPS
NWNGIKDAFEAALKHEEFVTQSIYNILELASEEKDHATVSFLKWFVDEQVEEEDQVREILDLLEKANGQMSVIFQLDRYL
GQRE
;
_entity_poly.pdbx_strand_id   A,B,C,D,E,F,G,H
#
loop_
_chem_comp.id
_chem_comp.type
_chem_comp.name
_chem_comp.formula
FE non-polymer 'FE (III) ION' 'Fe 3'
GOL non-polymer GLYCEROL 'C3 H8 O3'
LFA non-polymer EICOSANE 'C20 H42'
SO4 non-polymer 'SULFATE ION' 'O4 S -2'
#
# COMPACT_ATOMS: atom_id res chain seq x y z
N MET A 1 -3.40 -26.45 27.95
CA MET A 1 -4.23 -27.45 28.62
C MET A 1 -5.17 -28.13 27.63
N MET A 2 -5.56 -29.36 27.96
CA MET A 2 -6.47 -30.14 27.12
C MET A 2 -7.91 -29.69 27.34
N VAL A 3 -8.60 -29.34 26.25
CA VAL A 3 -9.97 -28.87 26.34
C VAL A 3 -10.96 -29.91 25.83
N ILE A 4 -10.49 -31.11 25.52
CA ILE A 4 -11.37 -32.27 25.37
C ILE A 4 -11.27 -33.08 26.66
N SER A 5 -12.38 -33.72 27.03
CA SER A 5 -12.33 -34.62 28.17
C SER A 5 -11.40 -35.80 27.88
N GLU A 6 -10.93 -36.45 28.95
CA GLU A 6 -10.10 -37.64 28.76
C GLU A 6 -10.89 -38.75 28.10
N LYS A 7 -12.17 -38.88 28.42
CA LYS A 7 -13.02 -39.86 27.74
C LYS A 7 -13.06 -39.61 26.24
N VAL A 8 -13.26 -38.35 25.85
CA VAL A 8 -13.36 -38.02 24.43
C VAL A 8 -12.01 -38.15 23.74
N ARG A 9 -10.94 -37.74 24.42
CA ARG A 9 -9.62 -37.92 23.84
C ARG A 9 -9.30 -39.40 23.63
N LYS A 10 -9.65 -40.26 24.59
CA LYS A 10 -9.42 -41.68 24.43
C LYS A 10 -10.22 -42.26 23.27
N ALA A 11 -11.48 -41.80 23.10
CA ALA A 11 -12.29 -42.24 21.97
C ALA A 11 -11.68 -41.81 20.65
N LEU A 12 -11.17 -40.57 20.57
CA LEU A 12 -10.56 -40.12 19.32
C LEU A 12 -9.26 -40.87 19.04
N ASN A 13 -8.44 -41.06 20.09
CA ASN A 13 -7.20 -41.80 19.93
C ASN A 13 -7.46 -43.25 19.53
N ASP A 14 -8.47 -43.88 20.12
CA ASP A 14 -8.85 -45.22 19.72
C ASP A 14 -9.22 -45.26 18.24
N GLN A 15 -9.98 -44.26 17.78
CA GLN A 15 -10.40 -44.22 16.39
C GLN A 15 -9.22 -43.97 15.47
N LEU A 16 -8.28 -43.12 15.89
CA LEU A 16 -7.04 -42.95 15.12
C LEU A 16 -6.38 -44.30 14.88
N ASN A 17 -6.22 -45.10 15.95
CA ASN A 17 -5.62 -46.41 15.79
C ASN A 17 -6.49 -47.31 14.92
N ARG A 18 -7.82 -47.18 15.02
CA ARG A 18 -8.71 -47.93 14.13
C ARG A 18 -8.50 -47.55 12.67
N GLU A 19 -8.31 -46.25 12.38
CA GLU A 19 -8.07 -45.83 11.00
C GLU A 19 -6.74 -46.36 10.47
N ILE A 20 -5.72 -46.45 11.34
CA ILE A 20 -4.46 -47.07 10.96
C ILE A 20 -4.69 -48.52 10.58
N TYR A 21 -5.45 -49.25 11.41
CA TYR A 21 -5.75 -50.64 11.07
C TYR A 21 -6.53 -50.74 9.78
N SER A 22 -7.47 -49.81 9.56
CA SER A 22 -8.24 -49.86 8.32
C SER A 22 -7.31 -49.72 7.12
N SER A 23 -6.36 -48.80 7.21
CA SER A 23 -5.34 -48.66 6.19
C SER A 23 -4.59 -49.96 6.00
N TYR A 24 -4.19 -50.60 7.11
CA TYR A 24 -3.40 -51.83 7.02
C TYR A 24 -4.21 -52.95 6.39
N LEU A 25 -5.50 -53.07 6.76
CA LEU A 25 -6.34 -54.10 6.19
C LEU A 25 -6.44 -53.98 4.69
N TYR A 26 -6.62 -52.76 4.18
CA TYR A 26 -6.75 -52.59 2.74
C TYR A 26 -5.45 -52.90 2.02
N LEU A 27 -4.31 -52.54 2.61
CA LEU A 27 -3.03 -52.99 2.05
C LEU A 27 -2.97 -54.51 2.00
N SER A 28 -3.53 -55.18 3.01
CA SER A 28 -3.47 -56.64 3.02
C SER A 28 -4.43 -57.21 1.97
N MET A 29 -5.54 -56.52 1.70
CA MET A 29 -6.37 -56.91 0.56
C MET A 29 -5.62 -56.70 -0.75
N ALA A 30 -4.77 -55.66 -0.82
CA ALA A 30 -3.94 -55.48 -2.00
C ALA A 30 -2.99 -56.65 -2.18
N THR A 31 -2.37 -57.12 -1.08
CA THR A 31 -1.47 -58.26 -1.19
C THR A 31 -2.19 -59.49 -1.73
N TYR A 32 -3.47 -59.64 -1.37
CA TYR A 32 -4.27 -60.75 -1.87
C TYR A 32 -4.56 -60.60 -3.36
N PHE A 33 -5.05 -59.42 -3.77
CA PHE A 33 -5.35 -59.23 -5.19
C PHE A 33 -4.10 -59.38 -6.05
N ASP A 34 -2.96 -58.86 -5.58
CA ASP A 34 -1.72 -59.00 -6.33
C ASP A 34 -1.28 -60.46 -6.41
N ALA A 35 -1.49 -61.24 -5.33
CA ALA A 35 -1.17 -62.66 -5.39
C ALA A 35 -2.06 -63.37 -6.41
N GLU A 36 -3.30 -62.90 -6.56
CA GLU A 36 -4.23 -63.46 -7.53
C GLU A 36 -4.05 -62.88 -8.93
N GLY A 37 -3.14 -61.91 -9.11
CA GLY A 37 -2.88 -61.36 -10.43
C GLY A 37 -3.83 -60.26 -10.86
N PHE A 38 -4.62 -59.70 -9.95
CA PHE A 38 -5.56 -58.62 -10.27
C PHE A 38 -4.92 -57.31 -9.81
N LYS A 39 -4.10 -56.73 -10.68
CA LYS A 39 -3.35 -55.53 -10.33
C LYS A 39 -4.24 -54.29 -10.26
N GLY A 40 -5.35 -54.29 -10.99
CA GLY A 40 -6.27 -53.16 -10.91
C GLY A 40 -7.01 -53.11 -9.59
N PHE A 41 -7.54 -54.26 -9.16
CA PHE A 41 -8.14 -54.33 -7.83
C PHE A 41 -7.09 -54.01 -6.76
N ALA A 42 -5.88 -54.54 -6.94
CA ALA A 42 -4.82 -54.26 -5.98
C ALA A 42 -4.50 -52.77 -5.92
N HIS A 43 -4.42 -52.13 -7.09
CA HIS A 43 -4.18 -50.69 -7.13
C HIS A 43 -5.28 -49.93 -6.41
N TRP A 44 -6.54 -50.32 -6.63
CA TRP A 44 -7.65 -49.69 -5.92
C TRP A 44 -7.48 -49.83 -4.40
N MET A 45 -7.07 -51.01 -3.93
CA MET A 45 -6.89 -51.21 -2.50
C MET A 45 -5.74 -50.39 -1.95
N LYS A 46 -4.66 -50.20 -2.75
CA LYS A 46 -3.54 -49.37 -2.30
C LYS A 46 -3.97 -47.92 -2.15
N LYS A 47 -4.76 -47.41 -3.10
CA LYS A 47 -5.30 -46.06 -2.98
C LYS A 47 -6.25 -45.96 -1.79
N GLN A 48 -7.05 -47.00 -1.55
CA GLN A 48 -7.92 -47.00 -0.38
C GLN A 48 -7.12 -46.94 0.91
N ALA A 49 -6.01 -47.67 0.98
CA ALA A 49 -5.16 -47.63 2.16
C ALA A 49 -4.63 -46.22 2.42
N GLN A 50 -4.15 -45.53 1.37
CA GLN A 50 -3.66 -44.16 1.52
CA GLN A 50 -3.66 -44.17 1.57
C GLN A 50 -4.78 -43.23 1.99
N GLU A 51 -5.99 -43.41 1.45
CA GLU A 51 -7.11 -42.60 1.89
CA GLU A 51 -7.11 -42.60 1.89
C GLU A 51 -7.37 -42.76 3.38
N GLU A 52 -7.28 -43.99 3.90
CA GLU A 52 -7.49 -44.20 5.33
C GLU A 52 -6.43 -43.49 6.16
N LEU A 53 -5.20 -43.40 5.66
CA LEU A 53 -4.15 -42.69 6.39
C LEU A 53 -4.49 -41.23 6.51
N THR A 54 -5.08 -40.62 5.48
CA THR A 54 -5.48 -39.23 5.61
C THR A 54 -6.58 -39.06 6.66
N HIS A 55 -7.46 -40.07 6.80
CA HIS A 55 -8.44 -40.05 7.88
C HIS A 55 -7.75 -40.10 9.24
N ALA A 56 -6.80 -41.01 9.40
CA ALA A 56 -6.07 -41.10 10.66
C ALA A 56 -5.36 -39.79 10.99
N MET A 57 -4.72 -39.16 10.00
CA MET A 57 -4.02 -37.90 10.28
C MET A 57 -4.99 -36.76 10.58
N LYS A 58 -6.22 -36.84 10.07
CA LYS A 58 -7.23 -35.83 10.43
C LYS A 58 -7.56 -35.92 11.91
N PHE A 59 -7.72 -37.14 12.43
CA PHE A 59 -7.91 -37.33 13.86
C PHE A 59 -6.68 -36.86 14.62
N TYR A 60 -5.49 -37.19 14.11
CA TYR A 60 -4.24 -36.77 14.72
C TYR A 60 -4.24 -35.28 14.99
N GLU A 61 -4.48 -34.49 13.95
CA GLU A 61 -4.32 -33.06 14.07
C GLU A 61 -5.43 -32.43 14.91
N TYR A 62 -6.63 -33.01 14.89
CA TYR A 62 -7.70 -32.48 15.73
C TYR A 62 -7.39 -32.69 17.21
N ILE A 63 -6.82 -33.85 17.54
CA ILE A 63 -6.46 -34.11 18.94
C ILE A 63 -5.47 -33.07 19.46
N TYR A 64 -4.43 -32.75 18.67
CA TYR A 64 -3.47 -31.74 19.13
C TYR A 64 -4.08 -30.34 19.13
N GLN A 65 -5.00 -30.08 18.20
CA GLN A 65 -5.72 -28.82 18.18
C GLN A 65 -6.51 -28.58 19.47
N ARG A 66 -6.97 -29.66 20.09
CA ARG A 66 -7.72 -29.57 21.35
C ARG A 66 -6.82 -29.82 22.55
N GLY A 67 -5.51 -29.66 22.39
CA GLY A 67 -4.60 -29.79 23.50
C GLY A 67 -4.36 -31.20 23.97
N GLY A 68 -4.83 -32.22 23.25
CA GLY A 68 -4.55 -33.59 23.60
C GLY A 68 -3.26 -34.08 22.97
N ARG A 69 -2.96 -35.36 23.23
CA ARG A 69 -1.78 -36.03 22.71
C ARG A 69 -2.19 -37.36 22.11
N VAL A 70 -1.48 -37.80 21.07
CA VAL A 70 -1.76 -39.06 20.40
C VAL A 70 -0.79 -40.12 20.94
N GLU A 71 -1.33 -41.31 21.24
CA GLU A 71 -0.50 -42.47 21.56
C GLU A 71 -0.83 -43.59 20.57
N LEU A 72 0.17 -44.01 19.80
CA LEU A 72 0.00 -45.09 18.84
C LEU A 72 0.07 -46.44 19.56
N GLU A 73 -0.87 -47.33 19.23
CA GLU A 73 -0.93 -48.66 19.84
C GLU A 73 -0.53 -49.71 18.81
N ALA A 74 -0.35 -50.93 19.30
CA ALA A 74 -0.04 -52.05 18.43
C ALA A 74 -1.16 -52.21 17.39
N ILE A 75 -0.77 -52.62 16.18
CA ILE A 75 -1.71 -52.87 15.09
C ILE A 75 -1.78 -54.38 14.91
N GLU A 76 -3.00 -54.91 14.97
CA GLU A 76 -3.18 -56.35 14.89
C GLU A 76 -2.93 -56.84 13.47
N LYS A 77 -2.58 -58.11 13.37
CA LYS A 77 -2.37 -58.72 12.07
C LYS A 77 -3.70 -58.83 11.33
N PRO A 78 -3.82 -58.27 10.13
CA PRO A 78 -5.07 -58.40 9.36
C PRO A 78 -5.14 -59.75 8.69
N PRO A 79 -6.31 -60.18 8.22
CA PRO A 79 -6.35 -61.35 7.33
C PRO A 79 -5.54 -61.04 6.07
N SER A 80 -5.05 -62.09 5.41
CA SER A 80 -4.31 -61.91 4.17
C SER A 80 -4.90 -62.72 3.02
N ASN A 81 -6.04 -63.38 3.23
CA ASN A 81 -6.62 -64.22 2.19
C ASN A 81 -8.14 -64.10 2.22
N TRP A 82 -8.76 -64.12 1.04
CA TRP A 82 -10.20 -64.09 0.90
C TRP A 82 -10.59 -65.09 -0.18
N ASN A 83 -11.86 -65.52 -0.16
CA ASN A 83 -12.36 -66.54 -1.09
C ASN A 83 -12.84 -65.91 -2.39
N GLY A 84 -11.94 -65.21 -3.06
CA GLY A 84 -12.23 -64.55 -4.32
C GLY A 84 -12.46 -63.05 -4.15
N ILE A 85 -12.57 -62.39 -5.31
CA ILE A 85 -12.70 -60.93 -5.34
C ILE A 85 -13.95 -60.46 -4.61
N LYS A 86 -15.08 -61.13 -4.85
CA LYS A 86 -16.32 -60.68 -4.23
C LYS A 86 -16.25 -60.86 -2.72
N ASP A 87 -15.65 -61.96 -2.26
CA ASP A 87 -15.52 -62.16 -0.82
C ASP A 87 -14.72 -61.02 -0.18
N ALA A 88 -13.66 -60.55 -0.86
CA ALA A 88 -12.86 -59.46 -0.30
C ALA A 88 -13.68 -58.18 -0.17
N PHE A 89 -14.46 -57.84 -1.19
CA PHE A 89 -15.28 -56.63 -1.11
C PHE A 89 -16.42 -56.80 -0.10
N GLU A 90 -16.92 -58.02 0.10
CA GLU A 90 -17.90 -58.20 1.16
C GLU A 90 -17.27 -57.91 2.51
N ALA A 91 -16.02 -58.32 2.69
CA ALA A 91 -15.30 -58.00 3.93
C ALA A 91 -15.04 -56.49 4.03
N ALA A 92 -14.77 -55.83 2.91
CA ALA A 92 -14.54 -54.39 2.92
C ALA A 92 -15.80 -53.65 3.35
N LEU A 93 -16.95 -54.04 2.80
CA LEU A 93 -18.21 -53.39 3.19
C LEU A 93 -18.49 -53.60 4.67
N LYS A 94 -18.34 -54.85 5.15
CA LYS A 94 -18.56 -55.13 6.56
C LYS A 94 -17.64 -54.31 7.44
N HIS A 95 -16.40 -54.11 6.99
CA HIS A 95 -15.46 -53.29 7.75
C HIS A 95 -15.87 -51.83 7.74
N GLU A 96 -16.28 -51.31 6.59
CA GLU A 96 -16.67 -49.90 6.50
C GLU A 96 -17.88 -49.61 7.40
N GLU A 97 -18.84 -50.54 7.45
CA GLU A 97 -19.99 -50.36 8.32
C GLU A 97 -19.55 -50.35 9.78
N PHE A 98 -18.57 -51.18 10.12
CA PHE A 98 -18.04 -51.17 11.48
C PHE A 98 -17.36 -49.84 11.80
N VAL A 99 -16.63 -49.29 10.83
CA VAL A 99 -16.01 -47.98 11.03
C VAL A 99 -17.09 -46.92 11.23
N THR A 100 -18.17 -46.98 10.44
CA THR A 100 -19.25 -46.02 10.59
C THR A 100 -19.88 -46.08 11.99
N GLN A 101 -20.14 -47.29 12.49
CA GLN A 101 -20.71 -47.40 13.82
C GLN A 101 -19.73 -46.87 14.87
N SER A 102 -18.42 -47.04 14.64
CA SER A 102 -17.44 -46.55 15.60
C SER A 102 -17.39 -45.02 15.59
N ILE A 103 -17.56 -44.42 14.42
CA ILE A 103 -17.66 -42.97 14.36
C ILE A 103 -18.92 -42.51 15.08
N TYR A 104 -20.03 -43.21 14.85
CA TYR A 104 -21.29 -42.89 15.52
C TYR A 104 -21.13 -42.89 17.04
N ASN A 105 -20.37 -43.84 17.57
CA ASN A 105 -20.23 -43.94 19.03
C ASN A 105 -19.49 -42.73 19.59
N ILE A 106 -18.45 -42.25 18.90
CA ILE A 106 -17.77 -41.03 19.33
C ILE A 106 -18.72 -39.85 19.25
N LEU A 107 -19.51 -39.78 18.18
CA LEU A 107 -20.42 -38.66 18.00
C LEU A 107 -21.44 -38.62 19.14
N GLU A 108 -21.96 -39.78 19.52
CA GLU A 108 -22.94 -39.82 20.60
C GLU A 108 -22.29 -39.51 21.95
N LEU A 109 -21.06 -39.99 22.16
CA LEU A 109 -20.36 -39.68 23.40
C LEU A 109 -20.06 -38.19 23.50
N ALA A 110 -19.53 -37.60 22.42
CA ALA A 110 -19.25 -36.17 22.44
C ALA A 110 -20.53 -35.38 22.66
N SER A 111 -21.65 -35.84 22.10
CA SER A 111 -22.91 -35.13 22.27
C SER A 111 -23.41 -35.20 23.71
N GLU A 112 -23.24 -36.36 24.35
CA GLU A 112 -23.64 -36.49 25.75
C GLU A 112 -22.90 -35.50 26.63
N GLU A 113 -21.61 -35.29 26.35
CA GLU A 113 -20.79 -34.37 27.12
C GLU A 113 -20.94 -32.93 26.67
N LYS A 114 -21.79 -32.65 25.69
CA LYS A 114 -21.96 -31.31 25.14
C LYS A 114 -20.64 -30.76 24.59
N ASP A 115 -19.80 -31.65 24.05
CA ASP A 115 -18.58 -31.27 23.34
C ASP A 115 -18.95 -30.99 21.89
N HIS A 116 -19.46 -29.78 21.67
CA HIS A 116 -19.97 -29.41 20.36
C HIS A 116 -18.87 -29.34 19.31
N ALA A 117 -17.65 -28.97 19.72
CA ALA A 117 -16.55 -28.89 18.77
C ALA A 117 -16.24 -30.27 18.18
N THR A 118 -16.22 -31.32 19.01
CA THR A 118 -15.94 -32.66 18.50
C THR A 118 -17.12 -33.22 17.71
N VAL A 119 -18.34 -32.95 18.16
CA VAL A 119 -19.51 -33.38 17.38
C VAL A 119 -19.42 -32.83 15.96
N SER A 120 -19.10 -31.55 15.82
CA SER A 120 -19.10 -30.93 14.50
C SER A 120 -17.90 -31.40 13.68
N PHE A 121 -16.76 -31.63 14.33
CA PHE A 121 -15.60 -32.16 13.62
C PHE A 121 -15.92 -33.52 13.01
N LEU A 122 -16.72 -34.34 13.70
CA LEU A 122 -17.02 -35.68 13.24
C LEU A 122 -18.00 -35.72 12.07
N LYS A 123 -18.66 -34.59 11.78
CA LYS A 123 -19.61 -34.57 10.67
C LYS A 123 -18.95 -34.97 9.36
N TRP A 124 -17.72 -34.50 9.13
CA TRP A 124 -17.02 -34.82 7.89
C TRP A 124 -16.90 -36.33 7.70
N PHE A 125 -16.64 -37.06 8.78
CA PHE A 125 -16.46 -38.50 8.67
C PHE A 125 -17.79 -39.22 8.48
N VAL A 126 -18.86 -38.75 9.11
CA VAL A 126 -20.18 -39.31 8.82
C VAL A 126 -20.44 -39.23 7.32
N ASP A 127 -20.27 -38.05 6.73
CA ASP A 127 -20.52 -37.86 5.30
C ASP A 127 -19.58 -38.70 4.45
N GLU A 128 -18.30 -38.77 4.83
CA GLU A 128 -17.35 -39.57 4.08
C GLU A 128 -17.72 -41.05 4.13
N GLN A 129 -18.20 -41.51 5.28
CA GLN A 129 -18.59 -42.91 5.41
C GLN A 129 -19.74 -43.25 4.47
N VAL A 130 -20.68 -42.32 4.27
CA VAL A 130 -21.74 -42.54 3.30
C VAL A 130 -21.16 -42.85 1.92
N GLU A 131 -20.11 -42.13 1.52
CA GLU A 131 -19.50 -42.35 0.20
C GLU A 131 -18.73 -43.66 0.15
N GLU A 132 -17.94 -43.96 1.18
CA GLU A 132 -17.13 -45.17 1.16
C GLU A 132 -17.99 -46.42 1.17
N GLU A 133 -19.06 -46.42 1.96
CA GLU A 133 -19.98 -47.56 1.93
C GLU A 133 -20.60 -47.71 0.56
N ASP A 134 -20.99 -46.57 -0.04
CA ASP A 134 -21.64 -46.63 -1.35
C ASP A 134 -20.69 -47.14 -2.43
N GLN A 135 -19.42 -46.74 -2.36
CA GLN A 135 -18.47 -47.17 -3.38
C GLN A 135 -18.33 -48.68 -3.41
N VAL A 136 -18.33 -49.32 -2.23
CA VAL A 136 -18.19 -50.77 -2.14
C VAL A 136 -19.48 -51.49 -2.50
N ARG A 137 -20.64 -50.95 -2.08
CA ARG A 137 -21.91 -51.57 -2.45
C ARG A 137 -22.09 -51.57 -3.96
N GLU A 138 -21.68 -50.49 -4.62
CA GLU A 138 -21.76 -50.43 -6.08
C GLU A 138 -20.88 -51.49 -6.72
N ILE A 139 -19.65 -51.65 -6.21
CA ILE A 139 -18.78 -52.70 -6.73
C ILE A 139 -19.39 -54.08 -6.48
N LEU A 140 -19.93 -54.30 -5.27
CA LEU A 140 -20.54 -55.61 -4.97
C LEU A 140 -21.75 -55.88 -5.85
N ASP A 141 -22.57 -54.85 -6.10
CA ASP A 141 -23.73 -55.06 -6.95
C ASP A 141 -23.31 -55.42 -8.37
N LEU A 142 -22.21 -54.84 -8.85
CA LEU A 142 -21.73 -55.21 -10.17
C LEU A 142 -21.21 -56.65 -10.19
N LEU A 143 -20.52 -57.05 -9.12
CA LEU A 143 -20.01 -58.41 -9.05
C LEU A 143 -21.15 -59.43 -8.97
N GLU A 144 -22.26 -59.07 -8.34
CA GLU A 144 -23.40 -59.98 -8.27
C GLU A 144 -24.02 -60.19 -9.64
N LYS A 145 -24.13 -59.12 -10.44
CA LYS A 145 -24.61 -59.32 -11.81
C LYS A 145 -23.58 -60.05 -12.67
N ALA A 146 -22.29 -59.80 -12.42
CA ALA A 146 -21.25 -60.47 -13.20
C ALA A 146 -21.29 -61.97 -13.02
N ASN A 147 -21.58 -62.45 -11.80
CA ASN A 147 -21.72 -63.89 -11.57
C ASN A 147 -20.45 -64.62 -11.99
N GLY A 148 -19.30 -63.98 -11.80
CA GLY A 148 -18.05 -64.65 -12.10
C GLY A 148 -17.58 -64.54 -13.53
N GLN A 149 -18.33 -63.87 -14.40
CA GLN A 149 -17.97 -63.80 -15.81
C GLN A 149 -16.65 -63.05 -15.97
N MET A 150 -15.64 -63.74 -16.52
CA MET A 150 -14.28 -63.18 -16.50
C MET A 150 -14.14 -61.95 -17.38
N SER A 151 -14.89 -61.87 -18.49
CA SER A 151 -14.85 -60.65 -19.30
C SER A 151 -15.28 -59.43 -18.49
N VAL A 152 -16.26 -59.59 -17.61
CA VAL A 152 -16.73 -58.44 -16.84
C VAL A 152 -15.76 -58.12 -15.71
N ILE A 153 -15.17 -59.13 -15.12
CA ILE A 153 -14.21 -58.92 -14.05
C ILE A 153 -12.97 -58.21 -14.57
N PHE A 154 -12.52 -58.58 -15.78
CA PHE A 154 -11.36 -57.94 -16.37
C PHE A 154 -11.59 -56.45 -16.59
N GLN A 155 -12.74 -56.08 -17.16
CA GLN A 155 -13.00 -54.66 -17.37
C GLN A 155 -13.12 -53.92 -16.05
N LEU A 156 -13.71 -54.56 -15.04
CA LEU A 156 -13.79 -53.95 -13.72
C LEU A 156 -12.41 -53.79 -13.10
N ASP A 157 -11.52 -54.77 -13.30
CA ASP A 157 -10.16 -54.65 -12.80
C ASP A 157 -9.43 -53.48 -13.47
N ARG A 158 -9.58 -53.34 -14.79
CA ARG A 158 -8.91 -52.25 -15.49
C ARG A 158 -9.47 -50.90 -15.06
N TYR A 159 -10.77 -50.83 -14.84
CA TYR A 159 -11.40 -49.58 -14.44
C TYR A 159 -10.94 -49.17 -13.03
N LEU A 160 -11.03 -50.09 -12.07
CA LEU A 160 -10.57 -49.78 -10.72
C LEU A 160 -9.08 -49.52 -10.70
N GLY A 161 -8.34 -50.08 -11.65
CA GLY A 161 -6.92 -49.77 -11.77
C GLY A 161 -6.63 -48.35 -12.24
N GLN A 162 -7.65 -47.61 -12.64
CA GLN A 162 -7.49 -46.23 -13.10
C GLN A 162 -7.75 -45.21 -11.99
N ARG A 163 -7.94 -45.65 -10.76
CA ARG A 163 -8.29 -44.74 -9.67
C ARG A 163 -7.09 -43.85 -9.33
N GLU A 164 -7.36 -42.57 -9.14
CA GLU A 164 -6.32 -41.56 -8.97
C GLU A 164 -6.00 -41.43 -7.49
N MET B 1 4.99 -69.67 -10.90
CA MET B 1 6.04 -70.16 -10.03
C MET B 1 6.78 -69.01 -9.35
N MET B 2 7.29 -69.25 -8.15
CA MET B 2 8.13 -68.29 -7.44
C MET B 2 9.60 -68.60 -7.74
N VAL B 3 10.34 -67.58 -8.20
CA VAL B 3 11.74 -67.75 -8.57
C VAL B 3 12.68 -67.17 -7.54
N ILE B 4 12.17 -66.74 -6.40
CA ILE B 4 13.01 -66.55 -5.22
C ILE B 4 12.80 -67.76 -4.33
N SER B 5 13.86 -68.17 -3.65
CA SER B 5 13.70 -69.19 -2.64
C SER B 5 12.78 -68.70 -1.53
N GLU B 6 12.20 -69.66 -0.79
CA GLU B 6 11.33 -69.28 0.32
C GLU B 6 12.12 -68.56 1.40
N LYS B 7 13.38 -68.97 1.61
CA LYS B 7 14.24 -68.28 2.57
C LYS B 7 14.39 -66.80 2.21
N VAL B 8 14.67 -66.51 0.93
CA VAL B 8 14.84 -65.14 0.48
C VAL B 8 13.50 -64.40 0.50
N ARG B 9 12.41 -65.07 0.10
CA ARG B 9 11.10 -64.43 0.16
C ARG B 9 10.76 -64.04 1.60
N LYS B 10 11.02 -64.95 2.55
CA LYS B 10 10.76 -64.64 3.95
CA LYS B 10 10.76 -64.64 3.95
C LYS B 10 11.61 -63.47 4.41
N ALA B 11 12.88 -63.43 3.98
CA ALA B 11 13.74 -62.32 4.36
C ALA B 11 13.21 -61.00 3.83
N LEU B 12 12.76 -60.98 2.56
CA LEU B 12 12.23 -59.76 1.96
C LEU B 12 10.91 -59.36 2.61
N ASN B 13 10.04 -60.34 2.88
CA ASN B 13 8.77 -60.05 3.55
C ASN B 13 8.98 -59.57 4.98
N ASP B 14 9.93 -60.17 5.69
CA ASP B 14 10.27 -59.69 7.03
C ASP B 14 10.71 -58.23 6.99
N GLN B 15 11.54 -57.88 5.99
CA GLN B 15 12.04 -56.52 5.89
C GLN B 15 10.92 -55.54 5.51
N LEU B 16 10.01 -55.97 4.63
CA LEU B 16 8.85 -55.13 4.34
C LEU B 16 8.13 -54.76 5.63
N ASN B 17 7.88 -55.76 6.49
CA ASN B 17 7.23 -55.49 7.77
C ASN B 17 8.09 -54.62 8.67
N ARG B 18 9.42 -54.72 8.55
CA ARG B 18 10.29 -53.83 9.32
C ARG B 18 10.16 -52.39 8.83
N GLU B 19 10.00 -52.18 7.52
CA GLU B 19 9.81 -50.84 7.00
C GLU B 19 8.49 -50.24 7.46
N ILE B 20 7.45 -51.07 7.54
CA ILE B 20 6.18 -50.60 8.08
C ILE B 20 6.36 -50.14 9.51
N TYR B 21 7.05 -50.95 10.32
CA TYR B 21 7.30 -50.53 11.69
C TYR B 21 8.13 -49.27 11.74
N SER B 22 9.12 -49.14 10.84
CA SER B 22 9.94 -47.93 10.82
C SER B 22 9.07 -46.71 10.58
N SER B 23 8.14 -46.82 9.63
CA SER B 23 7.16 -45.76 9.40
C SER B 23 6.38 -45.42 10.66
N TYR B 24 5.89 -46.45 11.35
CA TYR B 24 5.07 -46.25 12.54
C TYR B 24 5.90 -45.61 13.64
N LEU B 25 7.16 -46.03 13.79
CA LEU B 25 8.03 -45.45 14.79
C LEU B 25 8.23 -43.96 14.57
N TYR B 26 8.45 -43.55 13.31
CA TYR B 26 8.67 -42.14 13.03
C TYR B 26 7.39 -41.33 13.24
N LEU B 27 6.23 -41.90 12.90
CA LEU B 27 4.97 -41.26 13.25
C LEU B 27 4.85 -41.11 14.77
N SER B 28 5.33 -42.08 15.52
CA SER B 28 5.24 -41.97 16.96
C SER B 28 6.20 -40.91 17.49
N MET B 29 7.36 -40.73 16.83
CA MET B 29 8.24 -39.62 17.17
C MET B 29 7.56 -38.29 16.88
N ALA B 30 6.74 -38.23 15.82
CA ALA B 30 5.96 -37.03 15.54
C ALA B 30 4.97 -36.74 16.66
N THR B 31 4.31 -37.77 17.20
CA THR B 31 3.40 -37.54 18.33
C THR B 31 4.14 -36.95 19.51
N TYR B 32 5.40 -37.34 19.70
CA TYR B 32 6.20 -36.78 20.77
C TYR B 32 6.53 -35.32 20.48
N PHE B 33 7.05 -35.03 19.27
CA PHE B 33 7.42 -33.64 18.95
C PHE B 33 6.20 -32.73 18.96
N ASP B 34 5.06 -33.21 18.47
CA ASP B 34 3.85 -32.40 18.51
C ASP B 34 3.42 -32.15 19.95
N ALA B 35 3.54 -33.15 20.81
CA ALA B 35 3.24 -32.92 22.23
C ALA B 35 4.19 -31.91 22.84
N GLU B 36 5.45 -31.89 22.40
CA GLU B 36 6.41 -30.92 22.91
C GLU B 36 6.30 -29.56 22.23
N GLY B 37 5.44 -29.42 21.22
CA GLY B 37 5.23 -28.14 20.58
C GLY B 37 6.21 -27.79 19.47
N PHE B 38 6.97 -28.77 18.98
CA PHE B 38 7.92 -28.54 17.89
C PHE B 38 7.31 -29.09 16.62
N LYS B 39 6.49 -28.26 15.96
CA LYS B 39 5.75 -28.71 14.78
C LYS B 39 6.67 -28.94 13.58
N GLY B 40 7.82 -28.26 13.55
CA GLY B 40 8.74 -28.50 12.45
C GLY B 40 9.42 -29.86 12.56
N PHE B 41 9.89 -30.21 13.76
CA PHE B 41 10.43 -31.55 13.98
C PHE B 41 9.36 -32.60 13.71
N ALA B 42 8.12 -32.33 14.16
CA ALA B 42 7.01 -33.25 13.93
C ALA B 42 6.72 -33.41 12.44
N HIS B 43 6.72 -32.31 11.70
CA HIS B 43 6.53 -32.37 10.25
C HIS B 43 7.62 -33.20 9.60
N TRP B 44 8.86 -33.01 10.02
CA TRP B 44 9.97 -33.82 9.50
C TRP B 44 9.71 -35.30 9.73
N MET B 45 9.20 -35.66 10.91
CA MET B 45 8.94 -37.07 11.20
C MET B 45 7.78 -37.62 10.39
N LYS B 46 6.76 -36.80 10.12
CA LYS B 46 5.66 -37.27 9.28
C LYS B 46 6.14 -37.55 7.86
N LYS B 47 7.00 -36.68 7.31
CA LYS B 47 7.57 -36.94 6.00
C LYS B 47 8.46 -38.17 6.02
N GLN B 48 9.24 -38.34 7.09
CA GLN B 48 10.07 -39.53 7.19
C GLN B 48 9.22 -40.79 7.20
N ALA B 49 8.06 -40.75 7.88
CA ALA B 49 7.15 -41.89 7.90
C ALA B 49 6.65 -42.24 6.50
N GLN B 50 6.24 -41.22 5.72
CA GLN B 50 5.79 -41.52 4.36
CA GLN B 50 5.81 -41.46 4.33
C GLN B 50 6.93 -42.09 3.51
N GLU B 51 8.17 -41.63 3.72
CA GLU B 51 9.27 -42.16 2.94
C GLU B 51 9.52 -43.63 3.27
N GLU B 52 9.35 -43.98 4.54
CA GLU B 52 9.48 -45.37 4.93
C GLU B 52 8.41 -46.23 4.27
N LEU B 53 7.21 -45.68 4.05
CA LEU B 53 6.18 -46.45 3.33
C LEU B 53 6.59 -46.72 1.89
N THR B 54 7.24 -45.75 1.24
CA THR B 54 7.70 -46.01 -0.13
C THR B 54 8.77 -47.10 -0.16
N HIS B 55 9.57 -47.20 0.89
CA HIS B 55 10.52 -48.31 1.00
C HIS B 55 9.78 -49.63 1.09
N ALA B 56 8.75 -49.71 1.94
CA ALA B 56 7.98 -50.94 2.06
C ALA B 56 7.37 -51.35 0.74
N MET B 57 6.79 -50.39 0.00
CA MET B 57 6.16 -50.69 -1.28
C MET B 57 7.17 -51.07 -2.35
N LYS B 58 8.43 -50.64 -2.21
CA LYS B 58 9.46 -51.10 -3.13
CA LYS B 58 9.47 -51.11 -3.13
C LYS B 58 9.75 -52.59 -2.91
N PHE B 59 9.86 -53.01 -1.64
CA PHE B 59 9.98 -54.44 -1.37
C PHE B 59 8.74 -55.19 -1.84
N TYR B 60 7.55 -54.61 -1.61
CA TYR B 60 6.30 -55.20 -2.05
C TYR B 60 6.34 -55.55 -3.53
N GLU B 61 6.68 -54.58 -4.37
CA GLU B 61 6.57 -54.84 -5.80
C GLU B 61 7.65 -55.79 -6.29
N TYR B 62 8.84 -55.77 -5.66
CA TYR B 62 9.86 -56.72 -6.08
C TYR B 62 9.46 -58.15 -5.71
N ILE B 63 8.83 -58.34 -4.54
CA ILE B 63 8.42 -59.68 -4.14
C ILE B 63 7.47 -60.26 -5.18
N TYR B 64 6.51 -59.46 -5.65
CA TYR B 64 5.59 -59.94 -6.68
C TYR B 64 6.26 -60.07 -8.04
N GLN B 65 7.26 -59.23 -8.32
CA GLN B 65 8.00 -59.39 -9.57
C GLN B 65 8.69 -60.75 -9.62
N ARG B 66 9.07 -61.30 -8.46
CA ARG B 66 9.75 -62.58 -8.42
C ARG B 66 8.79 -63.74 -8.14
N GLY B 67 7.48 -63.51 -8.27
CA GLY B 67 6.52 -64.58 -8.08
C GLY B 67 6.20 -64.90 -6.64
N GLY B 68 6.66 -64.11 -5.69
CA GLY B 68 6.32 -64.31 -4.30
C GLY B 68 5.05 -63.58 -3.94
N ARG B 69 4.71 -63.63 -2.65
CA ARG B 69 3.56 -62.92 -2.15
CA ARG B 69 3.52 -63.00 -2.11
C ARG B 69 3.89 -62.33 -0.78
N VAL B 70 3.25 -61.20 -0.47
CA VAL B 70 3.48 -60.48 0.78
C VAL B 70 2.46 -60.91 1.84
N GLU B 71 2.92 -61.15 3.06
CA GLU B 71 2.03 -61.38 4.19
C GLU B 71 2.32 -60.32 5.25
N LEU B 72 1.32 -59.49 5.55
CA LEU B 72 1.46 -58.44 6.55
C LEU B 72 1.33 -59.03 7.95
N GLU B 73 2.23 -58.64 8.85
CA GLU B 73 2.24 -59.12 10.23
C GLU B 73 1.81 -58.00 11.19
N ALA B 74 1.57 -58.39 12.44
CA ALA B 74 1.22 -57.40 13.46
C ALA B 74 2.34 -56.37 13.60
N ILE B 75 1.95 -55.13 13.88
CA ILE B 75 2.89 -54.05 14.10
C ILE B 75 2.98 -53.80 15.59
N GLU B 76 4.17 -53.97 16.14
CA GLU B 76 4.39 -53.73 17.55
C GLU B 76 4.15 -52.27 17.89
N LYS B 77 3.75 -52.04 19.14
CA LYS B 77 3.58 -50.70 19.66
C LYS B 77 4.93 -50.03 19.78
N PRO B 78 5.15 -48.88 19.14
CA PRO B 78 6.43 -48.19 19.28
C PRO B 78 6.46 -47.42 20.59
N PRO B 79 7.66 -47.06 21.08
CA PRO B 79 7.72 -46.10 22.18
C PRO B 79 7.10 -44.78 21.71
N SER B 80 6.61 -44.00 22.67
CA SER B 80 5.96 -42.74 22.37
C SER B 80 6.57 -41.57 23.13
N ASN B 81 7.62 -41.79 23.91
N ASN B 81 7.63 -41.79 23.90
CA ASN B 81 8.22 -40.71 24.67
CA ASN B 81 8.24 -40.76 24.72
C ASN B 81 9.74 -40.83 24.62
C ASN B 81 9.75 -40.84 24.64
N TRP B 82 10.40 -39.68 24.55
CA TRP B 82 11.85 -39.59 24.58
C TRP B 82 12.23 -38.51 25.58
N ASN B 83 13.47 -38.55 26.03
CA ASN B 83 13.92 -37.61 27.06
C ASN B 83 14.39 -36.28 26.48
N GLY B 84 14.00 -35.93 25.27
CA GLY B 84 14.41 -34.68 24.68
C GLY B 84 14.58 -34.84 23.17
N ILE B 85 14.83 -33.70 22.52
CA ILE B 85 14.97 -33.69 21.07
C ILE B 85 16.13 -34.58 20.65
N LYS B 86 17.25 -34.47 21.35
CA LYS B 86 18.44 -35.25 21.00
C LYS B 86 18.20 -36.72 21.19
N ASP B 87 17.52 -37.08 22.29
CA ASP B 87 17.25 -38.48 22.57
C ASP B 87 16.41 -39.13 21.46
N ALA B 88 15.42 -38.39 20.93
CA ALA B 88 14.60 -38.91 19.86
C ALA B 88 15.41 -39.13 18.58
N PHE B 89 16.21 -38.14 18.19
CA PHE B 89 17.00 -38.28 16.98
C PHE B 89 18.10 -39.32 17.15
N GLU B 90 18.63 -39.48 18.35
CA GLU B 90 19.57 -40.56 18.61
C GLU B 90 18.89 -41.92 18.43
N ALA B 91 17.65 -42.05 18.89
CA ALA B 91 16.91 -43.28 18.67
C ALA B 91 16.66 -43.50 17.18
N ALA B 92 16.42 -42.41 16.44
CA ALA B 92 16.23 -42.54 15.00
C ALA B 92 17.50 -43.06 14.33
N LEU B 93 18.65 -42.49 14.68
CA LEU B 93 19.91 -42.95 14.11
C LEU B 93 20.15 -44.42 14.42
N LYS B 94 19.94 -44.81 15.68
CA LYS B 94 20.12 -46.20 16.06
C LYS B 94 19.18 -47.12 15.27
N HIS B 95 17.96 -46.65 15.00
CA HIS B 95 17.02 -47.48 14.24
C HIS B 95 17.45 -47.61 12.78
N GLU B 96 17.88 -46.50 12.17
CA GLU B 96 18.32 -46.54 10.78
C GLU B 96 19.54 -47.46 10.61
N GLU B 97 20.46 -47.43 11.57
CA GLU B 97 21.60 -48.32 11.51
C GLU B 97 21.17 -49.78 11.64
N PHE B 98 20.16 -50.03 12.46
CA PHE B 98 19.59 -51.38 12.58
C PHE B 98 18.93 -51.81 11.28
N VAL B 99 18.24 -50.89 10.61
CA VAL B 99 17.65 -51.20 9.30
C VAL B 99 18.75 -51.52 8.29
N THR B 100 19.85 -50.76 8.31
CA THR B 100 20.95 -51.02 7.39
C THR B 100 21.50 -52.43 7.58
N GLN B 101 21.72 -52.81 8.84
CA GLN B 101 22.22 -54.14 9.11
C GLN B 101 21.22 -55.21 8.70
N SER B 102 19.92 -54.93 8.81
CA SER B 102 18.96 -55.93 8.38
C SER B 102 19.00 -56.11 6.86
N ILE B 103 19.19 -55.01 6.13
CA ILE B 103 19.32 -55.08 4.68
C ILE B 103 20.61 -55.81 4.31
N TYR B 104 21.72 -55.50 5.01
CA TYR B 104 22.97 -56.22 4.78
C TYR B 104 22.77 -57.72 4.91
N ASN B 105 21.96 -58.14 5.89
CA ASN B 105 21.77 -59.57 6.14
C ASN B 105 21.04 -60.25 4.98
N ILE B 106 20.04 -59.59 4.40
CA ILE B 106 19.39 -60.14 3.22
C ILE B 106 20.36 -60.23 2.07
N LEU B 107 21.18 -59.19 1.91
CA LEU B 107 22.13 -59.16 0.81
C LEU B 107 23.07 -60.35 0.88
N GLU B 108 23.56 -60.65 2.08
CA GLU B 108 24.49 -61.76 2.26
C GLU B 108 23.79 -63.10 2.07
N LEU B 109 22.53 -63.20 2.53
CA LEU B 109 21.78 -64.44 2.30
C LEU B 109 21.52 -64.64 0.81
N ALA B 110 21.06 -63.60 0.13
CA ALA B 110 20.81 -63.71 -1.31
C ALA B 110 22.10 -64.04 -2.06
N SER B 111 23.20 -63.41 -1.67
CA SER B 111 24.44 -63.69 -2.37
C SER B 111 24.92 -65.12 -2.10
N GLU B 112 24.67 -65.64 -0.89
CA GLU B 112 25.01 -67.03 -0.61
C GLU B 112 24.25 -67.99 -1.52
N GLU B 113 22.97 -67.71 -1.78
CA GLU B 113 22.16 -68.53 -2.67
C GLU B 113 22.37 -68.21 -4.14
N LYS B 114 23.29 -67.30 -4.46
CA LYS B 114 23.54 -66.88 -5.84
C LYS B 114 22.28 -66.28 -6.48
N ASP B 115 21.45 -65.62 -5.67
CA ASP B 115 20.29 -64.90 -6.16
C ASP B 115 20.73 -63.48 -6.54
N HIS B 116 21.34 -63.37 -7.72
CA HIS B 116 21.91 -62.10 -8.14
C HIS B 116 20.84 -61.04 -8.38
N ALA B 117 19.64 -61.44 -8.79
CA ALA B 117 18.59 -60.46 -8.99
C ALA B 117 18.25 -59.76 -7.68
N THR B 118 18.18 -60.51 -6.58
CA THR B 118 17.89 -59.90 -5.29
C THR B 118 19.11 -59.11 -4.76
N VAL B 119 20.32 -59.63 -4.96
CA VAL B 119 21.51 -58.88 -4.59
C VAL B 119 21.50 -57.50 -5.26
N SER B 120 21.15 -57.47 -6.54
CA SER B 120 21.18 -56.22 -7.29
C SER B 120 20.04 -55.29 -6.91
N PHE B 121 18.87 -55.85 -6.61
CA PHE B 121 17.74 -55.05 -6.16
C PHE B 121 18.06 -54.32 -4.85
N LEU B 122 18.81 -54.96 -3.97
CA LEU B 122 19.09 -54.39 -2.66
C LEU B 122 20.09 -53.25 -2.70
N LYS B 123 20.82 -53.09 -3.81
CA LYS B 123 21.82 -52.04 -3.91
C LYS B 123 21.20 -50.66 -3.70
N TRP B 124 19.97 -50.46 -4.21
CA TRP B 124 19.31 -49.18 -4.01
C TRP B 124 19.13 -48.86 -2.53
N PHE B 125 18.83 -49.88 -1.71
CA PHE B 125 18.60 -49.63 -0.28
C PHE B 125 19.90 -49.40 0.47
N VAL B 126 20.96 -50.13 0.09
CA VAL B 126 22.27 -49.85 0.67
C VAL B 126 22.62 -48.38 0.48
N ASP B 127 22.49 -47.89 -0.76
CA ASP B 127 22.81 -46.50 -1.05
C ASP B 127 21.86 -45.55 -0.31
N GLU B 128 20.58 -45.90 -0.25
CA GLU B 128 19.62 -45.04 0.43
C GLU B 128 19.92 -44.96 1.92
N GLN B 129 20.34 -46.06 2.53
CA GLN B 129 20.66 -46.06 3.95
C GLN B 129 21.84 -45.12 4.26
N VAL B 130 22.82 -45.03 3.35
CA VAL B 130 23.93 -44.10 3.56
C VAL B 130 23.40 -42.67 3.77
N GLU B 131 22.40 -42.28 2.97
CA GLU B 131 21.84 -40.94 3.10
CA GLU B 131 21.86 -40.93 3.11
C GLU B 131 20.95 -40.81 4.33
N GLU B 132 20.14 -41.84 4.61
CA GLU B 132 19.24 -41.77 5.77
C GLU B 132 20.03 -41.65 7.07
N GLU B 133 21.10 -42.42 7.21
CA GLU B 133 21.92 -42.28 8.40
C GLU B 133 22.57 -40.91 8.46
N ASP B 134 23.09 -40.44 7.32
CA ASP B 134 23.81 -39.17 7.31
C ASP B 134 22.89 -37.99 7.62
N GLN B 135 21.65 -38.03 7.14
CA GLN B 135 20.73 -36.93 7.41
CA GLN B 135 20.73 -36.93 7.41
C GLN B 135 20.43 -36.81 8.90
N VAL B 136 20.41 -37.93 9.63
CA VAL B 136 20.17 -37.87 11.07
C VAL B 136 21.44 -37.45 11.81
N ARG B 137 22.60 -37.94 11.37
CA ARG B 137 23.86 -37.52 11.99
C ARG B 137 24.06 -36.02 11.85
N GLU B 138 23.69 -35.47 10.69
CA GLU B 138 23.78 -34.02 10.51
C GLU B 138 22.86 -33.28 11.49
N ILE B 139 21.62 -33.74 11.63
CA ILE B 139 20.70 -33.11 12.59
C ILE B 139 21.26 -33.20 13.99
N LEU B 140 21.79 -34.36 14.36
CA LEU B 140 22.37 -34.54 15.68
C LEU B 140 23.56 -33.61 15.89
N ASP B 141 24.36 -33.39 14.84
CA ASP B 141 25.50 -32.49 14.96
C ASP B 141 25.04 -31.07 15.24
N LEU B 142 23.96 -30.63 14.59
CA LEU B 142 23.45 -29.28 14.86
C LEU B 142 22.87 -29.17 16.26
N LEU B 143 22.17 -30.22 16.72
CA LEU B 143 21.61 -30.20 18.07
C LEU B 143 22.72 -30.19 19.12
N GLU B 144 23.85 -30.84 18.83
CA GLU B 144 24.97 -30.81 19.77
C GLU B 144 25.57 -29.41 19.85
N LYS B 145 25.69 -28.73 18.71
CA LYS B 145 26.18 -27.35 18.76
C LYS B 145 25.16 -26.40 19.36
N ALA B 146 23.87 -26.66 19.15
CA ALA B 146 22.84 -25.79 19.73
C ALA B 146 22.89 -25.83 21.26
N ASN B 147 23.12 -27.01 21.83
CA ASN B 147 23.28 -27.18 23.27
C ASN B 147 22.08 -26.66 24.05
N GLY B 148 20.89 -26.76 23.47
CA GLY B 148 19.69 -26.34 24.16
C GLY B 148 19.31 -24.88 23.99
N GLN B 149 20.09 -24.09 23.27
CA GLN B 149 19.75 -22.68 23.08
C GLN B 149 18.53 -22.58 22.18
N MET B 150 17.44 -22.02 22.73
CA MET B 150 16.17 -22.01 22.03
C MET B 150 16.25 -21.15 20.77
N SER B 151 17.14 -20.16 20.77
CA SER B 151 17.40 -19.36 19.59
C SER B 151 17.79 -20.24 18.41
N VAL B 152 18.60 -21.26 18.65
CA VAL B 152 19.05 -22.13 17.58
C VAL B 152 18.00 -23.20 17.29
N ILE B 153 17.35 -23.71 18.34
CA ILE B 153 16.34 -24.75 18.14
C ILE B 153 15.19 -24.22 17.30
N PHE B 154 14.80 -22.95 17.53
CA PHE B 154 13.69 -22.40 16.75
C PHE B 154 13.98 -22.43 15.26
N GLN B 155 15.17 -22.00 14.85
CA GLN B 155 15.50 -22.00 13.44
C GLN B 155 15.58 -23.42 12.89
N LEU B 156 16.15 -24.35 13.65
CA LEU B 156 16.23 -25.73 13.19
C LEU B 156 14.84 -26.35 13.09
N ASP B 157 13.94 -26.02 14.01
CA ASP B 157 12.58 -26.51 13.91
C ASP B 157 11.91 -26.01 12.64
N ARG B 158 12.02 -24.70 12.37
CA ARG B 158 11.42 -24.16 11.17
C ARG B 158 12.09 -24.72 9.92
N TYR B 159 13.41 -24.96 9.97
CA TYR B 159 14.10 -25.50 8.80
C TYR B 159 13.63 -26.91 8.49
N LEU B 160 13.66 -27.80 9.48
CA LEU B 160 13.16 -29.15 9.27
C LEU B 160 11.67 -29.15 8.97
N GLY B 161 10.95 -28.12 9.43
CA GLY B 161 9.55 -27.98 9.08
C GLY B 161 9.28 -27.65 7.63
N GLN B 162 10.34 -27.39 6.86
CA GLN B 162 10.22 -27.09 5.44
C GLN B 162 10.49 -28.30 4.56
N ARG B 163 10.79 -29.46 5.16
CA ARG B 163 11.10 -30.67 4.40
C ARG B 163 10.00 -30.98 3.39
N GLU B 164 10.38 -31.36 2.18
CA GLU B 164 9.38 -31.43 1.13
C GLU B 164 8.76 -32.83 1.04
N MET C 1 10.68 9.09 23.90
CA MET C 1 9.94 10.11 24.64
C MET C 1 8.86 10.73 23.76
N MET C 2 7.82 11.28 24.41
CA MET C 2 6.69 11.84 23.68
C MET C 2 6.99 13.29 23.29
N VAL C 3 6.84 13.60 22.01
CA VAL C 3 7.13 14.94 21.50
C VAL C 3 5.87 15.72 21.17
N ILE C 4 4.69 15.18 21.49
CA ILE C 4 3.49 16.00 21.55
C ILE C 4 3.20 16.28 23.01
N SER C 5 2.63 17.46 23.29
CA SER C 5 2.20 17.75 24.65
C SER C 5 1.12 16.77 25.08
N GLU C 6 0.94 16.64 26.40
CA GLU C 6 -0.13 15.79 26.92
C GLU C 6 -1.50 16.33 26.55
N LYS C 7 -1.65 17.66 26.45
CA LYS C 7 -2.93 18.21 26.00
C LYS C 7 -3.21 17.83 24.55
N VAL C 8 -2.22 18.00 23.66
CA VAL C 8 -2.41 17.63 22.26
C VAL C 8 -2.63 16.14 22.14
N ARG C 9 -1.87 15.34 22.90
CA ARG C 9 -2.04 13.90 22.88
C ARG C 9 -3.45 13.50 23.30
N LYS C 10 -3.95 14.10 24.37
CA LYS C 10 -5.29 13.79 24.84
C LYS C 10 -6.35 14.19 23.81
N ALA C 11 -6.17 15.35 23.17
CA ALA C 11 -7.10 15.77 22.12
C ALA C 11 -7.08 14.79 20.95
N LEU C 12 -5.90 14.31 20.55
CA LEU C 12 -5.84 13.36 19.46
C LEU C 12 -6.47 12.03 19.86
N ASN C 13 -6.20 11.59 21.11
CA ASN C 13 -6.80 10.35 21.61
C ASN C 13 -8.31 10.48 21.74
N ASP C 14 -8.79 11.66 22.18
CA ASP C 14 -10.22 11.90 22.21
C ASP C 14 -10.83 11.77 20.81
N GLN C 15 -10.16 12.32 19.80
CA GLN C 15 -10.70 12.26 18.45
C GLN C 15 -10.69 10.83 17.92
N LEU C 16 -9.64 10.06 18.21
CA LEU C 16 -9.63 8.65 17.86
C LEU C 16 -10.88 7.94 18.37
N ASN C 17 -11.20 8.13 19.65
CA ASN C 17 -12.40 7.51 20.20
C ASN C 17 -13.67 8.08 19.58
N ARG C 18 -13.67 9.38 19.24
CA ARG C 18 -14.82 9.93 18.52
C ARG C 18 -14.97 9.28 17.14
N GLU C 19 -13.85 8.95 16.48
CA GLU C 19 -13.94 8.31 15.17
C GLU C 19 -14.46 6.88 15.30
N ILE C 20 -14.07 6.18 16.37
CA ILE C 20 -14.65 4.86 16.62
C ILE C 20 -16.16 4.98 16.77
N TYR C 21 -16.63 5.97 17.54
CA TYR C 21 -18.07 6.15 17.67
C TYR C 21 -18.73 6.47 16.34
N SER C 22 -18.06 7.26 15.48
CA SER C 22 -18.64 7.56 14.18
C SER C 22 -18.88 6.27 13.40
N SER C 23 -17.90 5.37 13.43
CA SER C 23 -18.05 4.07 12.78
C SER C 23 -19.24 3.30 13.36
N TYR C 24 -19.36 3.29 14.69
CA TYR C 24 -20.45 2.57 15.33
C TYR C 24 -21.80 3.18 14.97
N LEU C 25 -21.87 4.52 14.93
CA LEU C 25 -23.12 5.19 14.57
C LEU C 25 -23.59 4.81 13.17
N TYR C 26 -22.67 4.78 12.20
CA TYR C 26 -23.05 4.45 10.83
C TYR C 26 -23.50 3.00 10.71
N LEU C 27 -22.82 2.09 11.43
CA LEU C 27 -23.30 0.71 11.51
C LEU C 27 -24.70 0.67 12.08
N SER C 28 -25.01 1.55 13.05
CA SER C 28 -26.34 1.54 13.62
C SER C 28 -27.36 2.07 12.62
N MET C 29 -26.96 3.03 11.78
CA MET C 29 -27.81 3.43 10.67
C MET C 29 -28.01 2.27 9.69
N ALA C 30 -26.98 1.44 9.50
CA ALA C 30 -27.16 0.24 8.68
C ALA C 30 -28.21 -0.69 9.28
N THR C 31 -28.19 -0.87 10.62
CA THR C 31 -29.21 -1.70 11.25
C THR C 31 -30.61 -1.15 11.02
N TYR C 32 -30.75 0.18 10.97
CA TYR C 32 -32.04 0.77 10.68
C TYR C 32 -32.45 0.52 9.23
N PHE C 33 -31.55 0.83 8.28
CA PHE C 33 -31.87 0.64 6.86
C PHE C 33 -32.16 -0.81 6.55
N ASP C 34 -31.40 -1.73 7.14
CA ASP C 34 -31.69 -3.15 6.93
C ASP C 34 -33.04 -3.51 7.51
N ALA C 35 -33.39 -2.93 8.67
CA ALA C 35 -34.72 -3.17 9.23
C ALA C 35 -35.82 -2.62 8.32
N GLU C 36 -35.54 -1.50 7.64
CA GLU C 36 -36.51 -0.93 6.71
C GLU C 36 -36.47 -1.58 5.33
N GLY C 37 -35.56 -2.52 5.09
CA GLY C 37 -35.51 -3.22 3.84
C GLY C 37 -34.74 -2.53 2.73
N PHE C 38 -33.93 -1.52 3.05
CA PHE C 38 -33.13 -0.82 2.05
C PHE C 38 -31.69 -1.33 2.16
N LYS C 39 -31.42 -2.44 1.47
CA LYS C 39 -30.10 -3.05 1.58
C LYS C 39 -29.01 -2.20 0.93
N GLY C 40 -29.36 -1.37 -0.07
CA GLY C 40 -28.36 -0.52 -0.68
C GLY C 40 -27.92 0.61 0.23
N PHE C 41 -28.89 1.27 0.89
CA PHE C 41 -28.56 2.28 1.90
C PHE C 41 -27.79 1.67 3.05
N ALA C 42 -28.19 0.46 3.48
CA ALA C 42 -27.47 -0.21 4.56
C ALA C 42 -26.02 -0.50 4.15
N HIS C 43 -25.81 -0.96 2.92
CA HIS C 43 -24.47 -1.23 2.41
C HIS C 43 -23.61 0.04 2.41
N TRP C 44 -24.17 1.16 1.97
CA TRP C 44 -23.46 2.42 2.00
C TRP C 44 -22.99 2.74 3.41
N MET C 45 -23.86 2.55 4.39
CA MET C 45 -23.52 2.84 5.78
C MET C 45 -22.46 1.88 6.32
N LYS C 46 -22.49 0.62 5.90
CA LYS C 46 -21.46 -0.32 6.33
C LYS C 46 -20.10 0.09 5.77
N LYS C 47 -20.07 0.50 4.50
CA LYS C 47 -18.83 1.00 3.91
C LYS C 47 -18.37 2.28 4.61
N GLN C 48 -19.31 3.17 4.92
CA GLN C 48 -18.96 4.39 5.65
C GLN C 48 -18.37 4.07 7.01
N ALA C 49 -18.92 3.05 7.71
CA ALA C 49 -18.37 2.65 8.99
C ALA C 49 -16.92 2.19 8.86
N GLN C 50 -16.63 1.37 7.85
CA GLN C 50 -15.25 0.93 7.67
CA GLN C 50 -15.25 0.93 7.62
C GLN C 50 -14.33 2.10 7.32
N GLU C 51 -14.84 3.09 6.57
CA GLU C 51 -14.02 4.26 6.27
C GLU C 51 -13.68 5.04 7.53
N GLU C 52 -14.62 5.13 8.48
CA GLU C 52 -14.34 5.82 9.73
C GLU C 52 -13.25 5.12 10.53
N LEU C 53 -13.19 3.79 10.44
CA LEU C 53 -12.15 3.05 11.13
C LEU C 53 -10.77 3.41 10.59
N THR C 54 -10.66 3.61 9.28
CA THR C 54 -9.36 4.04 8.75
C THR C 54 -8.99 5.43 9.24
N HIS C 55 -9.99 6.30 9.44
CA HIS C 55 -9.73 7.59 10.07
C HIS C 55 -9.19 7.41 11.48
N ALA C 56 -9.84 6.53 12.26
CA ALA C 56 -9.37 6.27 13.61
C ALA C 56 -7.94 5.75 13.61
N MET C 57 -7.62 4.83 12.68
CA MET C 57 -6.29 4.24 12.64
C MET C 57 -5.22 5.23 12.21
N LYS C 58 -5.57 6.25 11.42
CA LYS C 58 -4.55 7.24 11.08
C LYS C 58 -4.26 8.17 12.25
N PHE C 59 -5.26 8.45 13.10
CA PHE C 59 -4.98 9.07 14.38
C PHE C 59 -4.13 8.16 15.24
N TYR C 60 -4.47 6.87 15.26
CA TYR C 60 -3.72 5.87 15.99
C TYR C 60 -2.23 5.93 15.66
N GLU C 61 -1.90 5.87 14.37
CA GLU C 61 -0.50 5.77 13.99
C GLU C 61 0.23 7.08 14.20
N TYR C 62 -0.44 8.22 14.02
CA TYR C 62 0.26 9.49 14.27
C TYR C 62 0.60 9.64 15.76
N ILE C 63 -0.29 9.21 16.65
CA ILE C 63 -0.01 9.30 18.08
C ILE C 63 1.26 8.52 18.42
N TYR C 64 1.40 7.30 17.88
CA TYR C 64 2.60 6.53 18.16
C TYR C 64 3.81 7.11 17.43
N GLN C 65 3.60 7.74 16.27
CA GLN C 65 4.70 8.39 15.57
C GLN C 65 5.33 9.51 16.40
N ARG C 66 4.52 10.22 17.20
CA ARG C 66 5.02 11.28 18.05
C ARG C 66 5.35 10.79 19.46
N GLY C 67 5.49 9.48 19.65
CA GLY C 67 5.89 8.95 20.94
C GLY C 67 4.79 8.86 21.96
N GLY C 68 3.54 9.06 21.56
CA GLY C 68 2.42 8.91 22.47
C GLY C 68 1.88 7.49 22.49
N ARG C 69 0.79 7.34 23.23
CA ARG C 69 0.14 6.05 23.42
C ARG C 69 -1.35 6.26 23.30
N VAL C 70 -2.05 5.26 22.78
CA VAL C 70 -3.50 5.32 22.59
C VAL C 70 -4.18 4.60 23.74
N GLU C 71 -5.22 5.20 24.28
CA GLU C 71 -6.06 4.55 25.27
C GLU C 71 -7.50 4.51 24.78
N LEU C 72 -8.02 3.30 24.56
CA LEU C 72 -9.40 3.14 24.11
C LEU C 72 -10.36 3.33 25.27
N GLU C 73 -11.42 4.10 25.03
CA GLU C 73 -12.45 4.39 26.02
C GLU C 73 -13.75 3.70 25.63
N ALA C 74 -14.70 3.71 26.56
CA ALA C 74 -16.02 3.17 26.29
C ALA C 74 -16.67 3.90 25.12
N ILE C 75 -17.44 3.15 24.34
CA ILE C 75 -18.17 3.68 23.20
C ILE C 75 -19.63 3.76 23.60
N GLU C 76 -20.21 4.96 23.55
CA GLU C 76 -21.59 5.15 23.97
CA GLU C 76 -21.58 5.08 24.02
C GLU C 76 -22.54 4.40 23.05
N LYS C 77 -23.68 4.01 23.57
CA LYS C 77 -24.64 3.27 22.77
C LYS C 77 -25.27 4.16 21.72
N PRO C 78 -25.10 3.87 20.43
CA PRO C 78 -25.83 4.65 19.44
C PRO C 78 -27.20 4.01 19.32
N PRO C 79 -28.00 6.44 18.37
CA PRO C 79 -29.39 5.99 18.20
C PRO C 79 -29.49 4.79 17.25
N SER C 80 -30.63 4.09 17.28
CA SER C 80 -30.85 2.97 16.37
C SER C 80 -32.05 3.18 15.46
N ASN C 81 -32.76 4.30 15.60
CA ASN C 81 -34.03 4.53 14.91
C ASN C 81 -34.12 5.96 14.42
N TRP C 82 -34.65 6.12 13.21
CA TRP C 82 -34.89 7.43 12.61
C TRP C 82 -36.26 7.42 11.96
N ASN C 83 -36.80 8.62 11.72
CA ASN C 83 -38.15 8.80 11.22
C ASN C 83 -38.25 8.68 9.71
N GLY C 84 -37.29 8.07 9.04
CA GLY C 84 -37.31 7.92 7.61
C GLY C 84 -35.91 7.96 7.04
N ILE C 85 -35.83 7.70 5.74
CA ILE C 85 -34.53 7.63 5.06
C ILE C 85 -33.81 8.97 5.16
N LYS C 86 -34.54 10.06 4.93
CA LYS C 86 -33.93 11.39 4.94
C LYS C 86 -33.48 11.78 6.34
N ASP C 87 -34.25 11.40 7.36
CA ASP C 87 -33.89 11.73 8.74
C ASP C 87 -32.56 11.09 9.14
N ALA C 88 -32.31 9.85 8.71
CA ALA C 88 -31.04 9.20 9.01
C ALA C 88 -29.88 9.93 8.34
N PHE C 89 -30.04 10.30 7.06
CA PHE C 89 -28.95 10.98 6.38
C PHE C 89 -28.75 12.40 6.91
N GLU C 90 -29.82 13.08 7.31
CA GLU C 90 -29.67 14.38 7.96
C GLU C 90 -28.92 14.25 9.27
N ALA C 91 -29.18 13.18 10.02
CA ALA C 91 -28.43 12.94 11.24
C ALA C 91 -26.95 12.66 10.94
N ALA C 92 -26.69 11.97 9.83
CA ALA C 92 -25.31 11.69 9.42
C ALA C 92 -24.57 12.98 9.07
N LEU C 93 -25.24 13.88 8.32
CA LEU C 93 -24.64 15.17 7.99
C LEU C 93 -24.35 15.97 9.26
N LYS C 94 -25.32 16.02 10.18
CA LYS C 94 -25.10 16.74 11.43
C LYS C 94 -23.92 16.16 12.20
N HIS C 95 -23.74 14.84 12.15
CA HIS C 95 -22.62 14.22 12.85
C HIS C 95 -21.30 14.59 12.18
N GLU C 96 -21.23 14.53 10.85
CA GLU C 96 -19.98 14.87 10.17
C GLU C 96 -19.58 16.31 10.42
N GLU C 97 -20.56 17.22 10.44
CA GLU C 97 -20.27 18.61 10.75
C GLU C 97 -19.75 18.75 12.19
N PHE C 98 -20.29 17.95 13.11
CA PHE C 98 -19.76 17.94 14.46
C PHE C 98 -18.33 17.40 14.49
N VAL C 99 -18.05 16.38 13.67
CA VAL C 99 -16.71 15.84 13.57
C VAL C 99 -15.75 16.89 13.02
N THR C 100 -16.20 17.66 12.04
CA THR C 100 -15.36 18.72 11.48
C THR C 100 -14.99 19.75 12.54
N GLN C 101 -15.97 20.16 13.36
CA GLN C 101 -15.67 21.12 14.41
C GLN C 101 -14.72 20.53 15.44
N SER C 102 -14.79 19.22 15.68
CA SER C 102 -13.87 18.61 16.63
C SER C 102 -12.45 18.59 16.08
N ILE C 103 -12.30 18.39 14.77
CA ILE C 103 -10.99 18.48 14.15
C ILE C 103 -10.46 19.90 14.25
N TYR C 104 -11.32 20.90 13.97
CA TYR C 104 -10.92 22.29 14.10
C TYR C 104 -10.40 22.59 15.50
N ASN C 105 -11.03 22.04 16.53
CA ASN C 105 -10.61 22.36 17.90
C ASN C 105 -9.21 21.85 18.17
N ILE C 106 -8.87 20.65 17.67
CA ILE C 106 -7.51 20.16 17.80
C ILE C 106 -6.55 21.04 17.01
N LEU C 107 -6.96 21.44 15.80
CA LEU C 107 -6.09 22.24 14.96
C LEU C 107 -5.76 23.56 15.64
N GLU C 108 -6.76 24.20 16.24
CA GLU C 108 -6.53 25.47 16.92
C GLU C 108 -5.70 25.27 18.18
N LEU C 109 -5.92 24.16 18.90
CA LEU C 109 -5.10 23.86 20.07
C LEU C 109 -3.65 23.62 19.68
N ALA C 110 -3.43 22.79 18.65
CA ALA C 110 -2.08 22.54 18.18
C ALA C 110 -1.41 23.80 17.66
N SER C 111 -2.19 24.66 17.01
CA SER C 111 -1.66 25.94 16.53
C SER C 111 -1.22 26.82 17.69
N GLU C 112 -2.03 26.90 18.75
CA GLU C 112 -1.67 27.73 19.90
CA GLU C 112 -1.68 27.72 19.91
C GLU C 112 -0.36 27.26 20.53
N GLU C 113 -0.11 25.94 20.53
CA GLU C 113 1.13 25.39 21.07
C GLU C 113 2.28 25.41 20.08
N LYS C 114 2.07 25.93 18.86
CA LYS C 114 3.08 25.91 17.81
C LYS C 114 3.54 24.48 17.51
N ASP C 115 2.62 23.53 17.66
CA ASP C 115 2.87 22.14 17.27
C ASP C 115 2.53 22.04 15.78
N HIS C 116 3.50 22.46 14.96
CA HIS C 116 3.27 22.53 13.52
C HIS C 116 3.09 21.16 12.92
N ALA C 117 3.73 20.13 13.50
CA ALA C 117 3.59 18.78 12.96
C ALA C 117 2.15 18.29 13.05
N THR C 118 1.48 18.55 14.18
CA THR C 118 0.10 18.11 14.35
C THR C 118 -0.85 18.98 13.53
N VAL C 119 -0.59 20.29 13.45
CA VAL C 119 -1.41 21.14 12.59
C VAL C 119 -1.39 20.61 11.15
N SER C 120 -0.20 20.27 10.66
CA SER C 120 -0.10 19.82 9.28
C SER C 120 -0.68 18.43 9.09
N PHE C 121 -0.54 17.58 10.10
CA PHE C 121 -1.17 16.25 10.05
C PHE C 121 -2.68 16.39 9.93
N LEU C 122 -3.27 17.38 10.61
CA LEU C 122 -4.72 17.50 10.64
C LEU C 122 -5.30 18.00 9.33
N LYS C 123 -4.49 18.60 8.45
CA LYS C 123 -5.03 19.18 7.24
C LYS C 123 -5.66 18.12 6.34
N TRP C 124 -5.15 16.90 6.37
CA TRP C 124 -5.78 15.81 5.63
C TRP C 124 -7.23 15.63 6.06
N PHE C 125 -7.50 15.74 7.36
CA PHE C 125 -8.86 15.54 7.84
C PHE C 125 -9.76 16.73 7.51
N VAL C 126 -9.20 17.93 7.54
CA VAL C 126 -9.95 19.09 7.06
C VAL C 126 -10.42 18.87 5.63
N ASP C 127 -9.50 18.49 4.73
CA ASP C 127 -9.90 18.26 3.34
C ASP C 127 -10.85 17.08 3.23
N GLU C 128 -10.60 16.02 3.99
CA GLU C 128 -11.48 14.85 3.94
C GLU C 128 -12.88 15.19 4.43
N GLN C 129 -12.98 16.02 5.46
CA GLN C 129 -14.28 16.40 5.99
C GLN C 129 -15.11 17.15 4.95
N VAL C 130 -14.46 18.02 4.16
CA VAL C 130 -15.16 18.70 3.06
C VAL C 130 -15.81 17.68 2.13
N GLU C 131 -15.10 16.57 1.87
CA GLU C 131 -15.67 15.51 1.03
C GLU C 131 -16.83 14.81 1.73
N GLU C 132 -16.61 14.37 2.97
CA GLU C 132 -17.63 13.60 3.68
C GLU C 132 -18.92 14.40 3.80
N GLU C 133 -18.82 15.69 4.13
CA GLU C 133 -20.02 16.52 4.20
C GLU C 133 -20.67 16.66 2.83
N ASP C 134 -19.86 16.86 1.78
CA ASP C 134 -20.43 17.09 0.46
C ASP C 134 -21.17 15.85 -0.04
N GLN C 135 -20.62 14.67 0.25
CA GLN C 135 -21.24 13.43 -0.23
CA GLN C 135 -21.25 13.44 -0.24
C GLN C 135 -22.59 13.17 0.44
N VAL C 136 -22.75 13.59 1.69
CA VAL C 136 -24.04 13.40 2.36
C VAL C 136 -25.04 14.45 1.87
N ARG C 137 -24.60 15.68 1.67
CA ARG C 137 -25.48 16.73 1.16
C ARG C 137 -26.00 16.36 -0.24
N GLU C 138 -25.15 15.75 -1.06
CA GLU C 138 -25.59 15.31 -2.38
C GLU C 138 -26.66 14.25 -2.27
N ILE C 139 -26.48 13.28 -1.36
CA ILE C 139 -27.50 12.27 -1.14
C ILE C 139 -28.79 12.90 -0.64
N LEU C 140 -28.67 13.87 0.28
CA LEU C 140 -29.85 14.55 0.80
C LEU C 140 -30.58 15.31 -0.31
N ASP C 141 -29.82 15.89 -1.25
CA ASP C 141 -30.47 16.58 -2.36
C ASP C 141 -31.23 15.61 -3.25
N LEU C 142 -30.67 14.42 -3.49
CA LEU C 142 -31.38 13.44 -4.30
C LEU C 142 -32.63 12.93 -3.58
N LEU C 143 -32.55 12.77 -2.26
CA LEU C 143 -33.73 12.35 -1.51
C LEU C 143 -34.80 13.43 -1.51
N GLU C 144 -34.40 14.70 -1.48
CA GLU C 144 -35.38 15.80 -1.51
C GLU C 144 -36.05 15.90 -2.87
N LYS C 145 -35.29 15.70 -3.96
CA LYS C 145 -35.87 15.70 -5.29
C LYS C 145 -36.76 14.47 -5.52
N ALA C 146 -36.39 13.33 -4.91
CA ALA C 146 -37.22 12.15 -5.04
C ALA C 146 -38.61 12.39 -4.46
N ASN C 147 -38.69 13.14 -3.37
CA ASN C 147 -39.96 13.55 -2.76
C ASN C 147 -40.80 12.34 -2.36
N GLY C 148 -40.14 11.25 -1.97
CA GLY C 148 -40.86 10.09 -1.49
C GLY C 148 -41.28 9.10 -2.55
N GLN C 149 -41.03 9.40 -3.82
CA GLN C 149 -41.43 8.50 -4.90
C GLN C 149 -40.55 7.25 -4.90
N MET C 150 -41.17 6.08 -4.71
CA MET C 150 -40.42 4.85 -4.52
C MET C 150 -39.63 4.46 -5.76
N SER C 151 -40.10 4.82 -6.96
CA SER C 151 -39.33 4.57 -8.17
C SER C 151 -37.96 5.21 -8.11
N VAL C 152 -37.87 6.44 -7.59
CA VAL C 152 -36.58 7.13 -7.52
C VAL C 152 -35.78 6.63 -6.33
N ILE C 153 -36.44 6.33 -5.21
CA ILE C 153 -35.75 5.82 -4.04
C ILE C 153 -35.13 4.47 -4.34
N PHE C 154 -35.84 3.62 -5.09
CA PHE C 154 -35.28 2.34 -5.48
C PHE C 154 -34.01 2.50 -6.31
N GLN C 155 -34.00 3.50 -7.20
CA GLN C 155 -32.83 3.70 -8.05
C GLN C 155 -31.64 4.22 -7.27
N LEU C 156 -31.90 5.04 -6.24
CA LEU C 156 -30.82 5.53 -5.40
C LEU C 156 -30.38 4.46 -4.39
N ASP C 157 -31.33 3.64 -3.92
CA ASP C 157 -30.93 2.53 -3.05
C ASP C 157 -29.98 1.59 -3.78
N ARG C 158 -30.34 1.18 -5.01
CA ARG C 158 -29.42 0.34 -5.79
C ARG C 158 -28.12 1.08 -6.11
N TYR C 159 -28.20 2.39 -6.37
CA TYR C 159 -26.99 3.15 -6.70
C TYR C 159 -26.03 3.20 -5.52
N LEU C 160 -26.52 3.60 -4.34
CA LEU C 160 -25.68 3.62 -3.14
C LEU C 160 -25.23 2.22 -2.74
N GLY C 161 -25.99 1.18 -3.12
CA GLY C 161 -25.55 -0.18 -2.89
C GLY C 161 -24.40 -0.61 -3.75
N GLN C 162 -24.03 0.19 -4.75
CA GLN C 162 -22.88 -0.08 -5.61
C GLN C 162 -21.59 0.48 -5.06
N ARG C 163 -21.59 0.95 -3.82
CA ARG C 163 -20.40 1.58 -3.27
C ARG C 163 -19.24 0.60 -3.22
N GLU C 164 -18.07 1.11 -3.61
CA GLU C 164 -16.85 0.36 -3.89
C GLU C 164 -16.25 -0.02 -2.55
N MET D 1 -42.22 -10.97 8.79
CA MET D 1 -42.33 -11.54 10.13
C MET D 1 -41.02 -12.19 10.57
N MET D 2 -40.71 -12.08 11.86
CA MET D 2 -39.52 -12.69 12.42
C MET D 2 -39.78 -14.17 12.67
N VAL D 3 -38.89 -15.03 12.17
CA VAL D 3 -39.05 -16.48 12.30
C VAL D 3 -38.06 -17.09 13.29
N ILE D 4 -37.27 -16.27 13.98
CA ILE D 4 -36.55 -16.72 15.17
C ILE D 4 -37.35 -16.23 16.37
N SER D 5 -37.34 -17.02 17.44
CA SER D 5 -37.94 -16.58 18.69
C SER D 5 -37.24 -15.32 19.19
N GLU D 6 -37.93 -14.58 20.07
CA GLU D 6 -37.31 -13.40 20.65
C GLU D 6 -36.12 -13.80 21.51
N LYS D 7 -36.22 -14.95 22.20
CA LYS D 7 -35.11 -15.41 23.03
C LYS D 7 -33.88 -15.70 22.17
N VAL D 8 -34.05 -16.48 21.09
CA VAL D 8 -32.93 -16.76 20.20
C VAL D 8 -32.43 -15.47 19.55
N ARG D 9 -33.35 -14.58 19.16
CA ARG D 9 -32.93 -13.32 18.57
C ARG D 9 -32.08 -12.51 19.53
N LYS D 10 -32.47 -12.46 20.81
CA LYS D 10 -31.68 -11.72 21.78
C LYS D 10 -30.34 -12.39 22.04
N ALA D 11 -30.29 -13.72 22.03
CA ALA D 11 -29.02 -14.42 22.19
C ALA D 11 -28.05 -14.08 21.05
N LEU D 12 -28.56 -14.02 19.82
CA LEU D 12 -27.72 -13.71 18.67
C LEU D 12 -27.26 -12.25 18.68
N ASN D 13 -28.17 -11.33 19.04
CA ASN D 13 -27.81 -9.92 19.12
C ASN D 13 -26.78 -9.68 20.23
N ASP D 14 -26.97 -10.34 21.38
CA ASP D 14 -25.98 -10.25 22.46
C ASP D 14 -24.61 -10.73 22.00
N GLN D 15 -24.57 -11.82 21.24
CA GLN D 15 -23.29 -12.34 20.76
C GLN D 15 -22.67 -11.39 19.74
N LEU D 16 -23.50 -10.80 18.88
CA LEU D 16 -23.02 -9.76 17.97
C LEU D 16 -22.31 -8.66 18.76
N ASN D 17 -22.95 -8.18 19.83
CA ASN D 17 -22.31 -7.16 20.64
C ASN D 17 -21.06 -7.69 21.33
N ARG D 18 -21.03 -8.98 21.69
CA ARG D 18 -19.82 -9.55 22.27
C ARG D 18 -18.69 -9.61 21.23
N GLU D 19 -19.02 -9.90 19.97
CA GLU D 19 -18.00 -9.90 18.93
C GLU D 19 -17.44 -8.49 18.71
N ILE D 20 -18.31 -7.47 18.79
CA ILE D 20 -17.84 -6.10 18.70
C ILE D 20 -16.85 -5.80 19.81
N TYR D 21 -17.18 -6.18 21.05
CA TYR D 21 -16.25 -5.97 22.14
C TYR D 21 -14.96 -6.74 21.93
N SER D 22 -15.06 -7.97 21.40
CA SER D 22 -13.87 -8.76 21.14
C SER D 22 -12.93 -8.02 20.20
N SER D 23 -13.47 -7.45 19.13
CA SER D 23 -12.65 -6.67 18.21
C SER D 23 -11.99 -5.50 18.94
N TYR D 24 -12.73 -4.79 19.78
CA TYR D 24 -12.21 -3.64 20.51
C TYR D 24 -11.12 -4.07 21.50
N LEU D 25 -11.32 -5.21 22.16
CA LEU D 25 -10.31 -5.72 23.09
C LEU D 25 -8.98 -5.97 22.39
N TYR D 26 -9.03 -6.59 21.21
CA TYR D 26 -7.79 -6.89 20.48
C TYR D 26 -7.13 -5.63 19.96
N LEU D 27 -7.93 -4.64 19.54
CA LEU D 27 -7.36 -3.33 19.23
C LEU D 27 -6.70 -2.72 20.46
N SER D 28 -7.28 -2.93 21.65
CA SER D 28 -6.65 -2.31 22.80
C SER D 28 -5.36 -3.06 23.18
N MET D 29 -5.32 -4.38 22.93
CA MET D 29 -4.06 -5.09 23.05
C MET D 29 -3.04 -4.60 22.03
N ALA D 30 -3.50 -4.22 20.84
CA ALA D 30 -2.59 -3.62 19.87
C ALA D 30 -2.01 -2.33 20.41
N THR D 31 -2.84 -1.50 21.08
CA THR D 31 -2.31 -0.28 21.68
C THR D 31 -1.26 -0.61 22.73
N TYR D 32 -1.41 -1.73 23.44
CA TYR D 32 -0.40 -2.14 24.42
C TYR D 32 0.90 -2.55 23.73
N PHE D 33 0.82 -3.44 22.74
CA PHE D 33 2.04 -3.89 22.06
C PHE D 33 2.73 -2.73 21.36
N ASP D 34 1.95 -1.83 20.74
CA ASP D 34 2.57 -0.68 20.10
C ASP D 34 3.27 0.23 21.11
N ALA D 35 2.67 0.41 22.31
CA ALA D 35 3.35 1.20 23.32
C ALA D 35 4.63 0.54 23.78
N GLU D 36 4.65 -0.80 23.82
CA GLU D 36 5.82 -1.57 24.20
C GLU D 36 6.83 -1.75 23.06
N GLY D 37 6.54 -1.23 21.86
CA GLY D 37 7.49 -1.30 20.78
C GLY D 37 7.48 -2.60 19.99
N PHE D 38 6.45 -3.44 20.13
CA PHE D 38 6.37 -4.70 19.38
C PHE D 38 5.36 -4.51 18.27
N LYS D 39 5.82 -3.98 17.12
CA LYS D 39 4.91 -3.68 16.02
C LYS D 39 4.38 -4.94 15.36
N GLY D 40 5.12 -6.04 15.44
CA GLY D 40 4.62 -7.29 14.87
C GLY D 40 3.48 -7.87 15.69
N PHE D 41 3.63 -7.90 17.02
CA PHE D 41 2.53 -8.33 17.86
C PHE D 41 1.33 -7.41 17.71
N ALA D 42 1.57 -6.10 17.66
CA ALA D 42 0.47 -5.16 17.49
C ALA D 42 -0.24 -5.40 16.16
N HIS D 43 0.53 -5.65 15.11
CA HIS D 43 -0.05 -5.96 13.81
C HIS D 43 -0.93 -7.21 13.87
N TRP D 44 -0.46 -8.26 14.56
CA TRP D 44 -1.27 -9.46 14.73
C TRP D 44 -2.61 -9.14 15.37
N MET D 45 -2.60 -8.30 16.40
CA MET D 45 -3.82 -7.94 17.10
C MET D 45 -4.74 -7.08 16.23
N LYS D 46 -4.18 -6.23 15.38
CA LYS D 46 -5.04 -5.45 14.47
C LYS D 46 -5.73 -6.37 13.48
N LYS D 47 -5.02 -7.35 12.93
CA LYS D 47 -5.65 -8.32 12.05
C LYS D 47 -6.72 -9.12 12.79
N GLN D 48 -6.44 -9.49 14.05
CA GLN D 48 -7.43 -10.18 14.86
C GLN D 48 -8.67 -9.32 15.08
N ALA D 49 -8.49 -8.02 15.30
CA ALA D 49 -9.62 -7.13 15.49
C ALA D 49 -10.52 -7.11 14.26
N GLN D 50 -9.91 -7.06 13.07
CA GLN D 50 -10.73 -7.05 11.86
CA GLN D 50 -10.69 -7.07 11.83
C GLN D 50 -11.42 -8.39 11.65
N GLU D 51 -10.79 -9.49 12.06
CA GLU D 51 -11.44 -10.78 11.94
C GLU D 51 -12.67 -10.87 12.83
N GLU D 52 -12.59 -10.29 14.03
CA GLU D 52 -13.76 -10.30 14.91
C GLU D 52 -14.91 -9.50 14.31
N LEU D 53 -14.60 -8.43 13.59
CA LEU D 53 -15.66 -7.66 12.95
C LEU D 53 -16.39 -8.51 11.91
N THR D 54 -15.67 -9.35 11.18
CA THR D 54 -16.35 -10.24 10.23
C THR D 54 -17.25 -11.25 10.97
N HIS D 55 -16.87 -11.67 12.17
CA HIS D 55 -17.74 -12.50 12.98
C HIS D 55 -19.03 -11.78 13.33
N ALA D 56 -18.92 -10.54 13.80
CA ALA D 56 -20.11 -9.75 14.12
C ALA D 56 -21.00 -9.57 12.91
N MET D 57 -20.41 -9.29 11.74
CA MET D 57 -21.22 -9.07 10.56
C MET D 57 -21.89 -10.35 10.09
N LYS D 58 -21.34 -11.52 10.40
CA LYS D 58 -22.02 -12.76 10.07
CA LYS D 58 -22.01 -12.76 10.07
C LYS D 58 -23.27 -12.93 10.91
N PHE D 59 -23.15 -12.68 12.22
CA PHE D 59 -24.33 -12.66 13.07
C PHE D 59 -25.32 -11.60 12.58
N TYR D 60 -24.81 -10.43 12.21
CA TYR D 60 -25.65 -9.36 11.69
C TYR D 60 -26.53 -9.87 10.56
N GLU D 61 -25.92 -10.46 9.53
CA GLU D 61 -26.70 -10.81 8.36
C GLU D 61 -27.63 -11.98 8.63
N TYR D 62 -27.24 -12.91 9.51
CA TYR D 62 -28.15 -14.01 9.81
C TYR D 62 -29.40 -13.51 10.53
N ILE D 63 -29.23 -12.53 11.41
CA ILE D 63 -30.37 -11.99 12.13
C ILE D 63 -31.40 -11.43 11.15
N TYR D 64 -30.93 -10.69 10.14
CA TYR D 64 -31.88 -10.15 9.15
C TYR D 64 -32.41 -11.23 8.22
N GLN D 65 -31.63 -12.26 7.94
CA GLN D 65 -32.11 -13.38 7.13
C GLN D 65 -33.30 -14.06 7.77
N ARG D 66 -33.34 -14.10 9.09
CA ARG D 66 -34.46 -14.70 9.82
CA ARG D 66 -34.45 -14.70 9.84
C ARG D 66 -35.48 -13.66 10.27
N GLY D 67 -35.52 -12.51 9.61
CA GLY D 67 -36.53 -11.50 9.88
C GLY D 67 -36.36 -10.71 11.16
N GLY D 68 -35.22 -10.82 11.83
CA GLY D 68 -34.95 -10.06 13.03
C GLY D 68 -34.32 -8.71 12.74
N ARG D 69 -33.82 -8.09 13.80
CA ARG D 69 -33.25 -6.76 13.73
C ARG D 69 -32.12 -6.65 14.75
N VAL D 70 -31.07 -5.94 14.38
CA VAL D 70 -29.89 -5.77 15.23
C VAL D 70 -30.01 -4.46 16.01
N GLU D 71 -29.73 -4.51 17.31
CA GLU D 71 -29.64 -3.29 18.12
C GLU D 71 -28.24 -3.24 18.73
N LEU D 72 -27.47 -2.22 18.35
CA LEU D 72 -26.13 -2.06 18.88
C LEU D 72 -26.19 -1.48 20.28
N GLU D 73 -25.42 -2.05 21.20
CA GLU D 73 -25.38 -1.60 22.58
C GLU D 73 -24.05 -0.92 22.86
N ALA D 74 -23.99 -0.26 24.03
CA ALA D 74 -22.75 0.37 24.45
C ALA D 74 -21.65 -0.67 24.56
N ILE D 75 -20.42 -0.27 24.24
CA ILE D 75 -19.25 -1.13 24.37
C ILE D 75 -18.44 -0.67 25.58
N GLU D 76 -18.11 -1.62 26.44
CA GLU D 76 -17.35 -1.31 27.65
C GLU D 76 -15.92 -0.94 27.31
N LYS D 77 -15.33 -0.13 28.16
CA LYS D 77 -13.92 0.18 28.04
C LYS D 77 -13.11 -1.10 28.27
N PRO D 78 -12.28 -1.52 27.33
CA PRO D 78 -11.44 -2.69 27.55
C PRO D 78 -10.24 -2.32 28.40
N PRO D 79 -9.56 -3.28 29.01
CA PRO D 79 -8.26 -2.98 29.63
C PRO D 79 -7.31 -2.46 28.58
N SER D 80 -6.35 -1.65 29.01
CA SER D 80 -5.34 -1.12 28.10
C SER D 80 -3.92 -1.55 28.42
N ASN D 81 -3.72 -2.30 29.51
CA ASN D 81 -2.39 -2.68 29.93
C ASN D 81 -2.37 -4.16 30.34
N TRP D 82 -1.20 -4.78 30.17
CA TRP D 82 -0.98 -6.15 30.61
C TRP D 82 0.42 -6.25 31.19
N ASN D 83 0.65 -7.28 32.00
CA ASN D 83 1.92 -7.43 32.70
C ASN D 83 3.00 -8.07 31.84
N GLY D 84 2.86 -8.04 30.53
CA GLY D 84 3.84 -8.63 29.65
C GLY D 84 3.19 -9.26 28.44
N ILE D 85 4.01 -9.73 27.50
CA ILE D 85 3.50 -10.33 26.27
C ILE D 85 2.67 -11.57 26.60
N LYS D 86 3.17 -12.41 27.51
CA LYS D 86 2.47 -13.64 27.84
C LYS D 86 1.13 -13.35 28.51
N ASP D 87 1.12 -12.33 29.37
CA ASP D 87 -0.10 -11.94 30.06
C ASP D 87 -1.18 -11.49 29.07
N ALA D 88 -0.78 -10.74 28.03
CA ALA D 88 -1.74 -10.29 27.03
C ALA D 88 -2.33 -11.47 26.26
N PHE D 89 -1.48 -12.40 25.82
CA PHE D 89 -1.98 -13.54 25.05
C PHE D 89 -2.78 -14.51 25.92
N GLU D 90 -2.40 -14.66 27.18
CA GLU D 90 -3.21 -15.45 28.10
C GLU D 90 -4.58 -14.83 28.29
N ALA D 91 -4.64 -13.50 28.36
CA ALA D 91 -5.94 -12.83 28.40
C ALA D 91 -6.70 -13.06 27.11
N ALA D 92 -6.00 -13.09 25.99
CA ALA D 92 -6.65 -13.36 24.71
C ALA D 92 -7.23 -14.78 24.68
N LEU D 93 -6.46 -15.77 25.15
CA LEU D 93 -6.97 -17.14 25.17
C LEU D 93 -8.19 -17.25 26.07
N LYS D 94 -8.11 -16.66 27.27
CA LYS D 94 -9.23 -16.75 28.21
C LYS D 94 -10.48 -16.12 27.62
N HIS D 95 -10.32 -15.03 26.86
CA HIS D 95 -11.47 -14.39 26.22
C HIS D 95 -12.05 -15.26 25.11
N GLU D 96 -11.19 -15.84 24.26
CA GLU D 96 -11.70 -16.68 23.18
C GLU D 96 -12.43 -17.91 23.71
N GLU D 97 -11.92 -18.50 24.79
CA GLU D 97 -12.60 -19.64 25.41
C GLU D 97 -13.95 -19.20 25.96
N PHE D 98 -14.01 -17.99 26.53
CA PHE D 98 -15.28 -17.44 26.97
C PHE D 98 -16.22 -17.21 25.79
N VAL D 99 -15.66 -16.76 24.65
CA VAL D 99 -16.48 -16.58 23.45
C VAL D 99 -17.04 -17.91 22.98
N THR D 100 -16.22 -18.98 23.05
CA THR D 100 -16.69 -20.30 22.65
C THR D 100 -17.85 -20.77 23.53
N GLN D 101 -17.73 -20.58 24.85
CA GLN D 101 -18.81 -21.00 25.75
C GLN D 101 -20.08 -20.19 25.48
N SER D 102 -19.95 -18.93 25.08
CA SER D 102 -21.15 -18.16 24.78
C SER D 102 -21.82 -18.66 23.50
N ILE D 103 -21.02 -19.05 22.50
CA ILE D 103 -21.60 -19.63 21.31
C ILE D 103 -22.27 -20.96 21.63
N TYR D 104 -21.62 -21.79 22.45
CA TYR D 104 -22.22 -23.05 22.91
C TYR D 104 -23.58 -22.82 23.56
N ASN D 105 -23.72 -21.73 24.32
CA ASN D 105 -25.01 -21.47 24.98
C ASN D 105 -26.10 -21.15 23.97
N ILE D 106 -25.79 -20.38 22.94
CA ILE D 106 -26.78 -20.14 21.89
C ILE D 106 -27.16 -21.43 21.20
N LEU D 107 -26.17 -22.29 20.94
CA LEU D 107 -26.42 -23.55 20.26
C LEU D 107 -27.38 -24.41 21.07
N GLU D 108 -27.14 -24.50 22.38
CA GLU D 108 -28.02 -25.32 23.22
C GLU D 108 -29.40 -24.69 23.37
N LEU D 109 -29.47 -23.36 23.40
CA LEU D 109 -30.77 -22.69 23.43
C LEU D 109 -31.54 -22.94 22.13
N ALA D 110 -30.89 -22.72 20.99
CA ALA D 110 -31.55 -22.97 19.72
C ALA D 110 -31.94 -24.44 19.58
N SER D 111 -31.11 -25.34 20.11
CA SER D 111 -31.39 -26.76 20.03
C SER D 111 -32.66 -27.13 20.79
N GLU D 112 -32.83 -26.57 22.00
CA GLU D 112 -33.99 -26.97 22.80
C GLU D 112 -35.28 -26.41 22.23
N GLU D 113 -35.21 -25.29 21.50
CA GLU D 113 -36.35 -24.73 20.78
C GLU D 113 -36.57 -25.38 19.42
N LYS D 114 -35.74 -26.37 19.06
CA LYS D 114 -35.79 -27.01 17.74
C LYS D 114 -35.59 -26.01 16.61
N ASP D 115 -34.84 -24.95 16.87
CA ASP D 115 -34.49 -23.96 15.84
C ASP D 115 -33.27 -24.49 15.11
N HIS D 116 -33.53 -25.43 14.19
CA HIS D 116 -32.46 -26.13 13.49
C HIS D 116 -31.66 -25.19 12.58
N ALA D 117 -32.32 -24.17 12.02
CA ALA D 117 -31.61 -23.24 11.16
C ALA D 117 -30.51 -22.52 11.91
N THR D 118 -30.81 -22.08 13.14
CA THR D 118 -29.80 -21.39 13.95
C THR D 118 -28.76 -22.36 14.48
N VAL D 119 -29.17 -23.55 14.90
CA VAL D 119 -28.19 -24.57 15.32
C VAL D 119 -27.19 -24.80 14.20
N SER D 120 -27.67 -24.93 12.97
CA SER D 120 -26.79 -25.22 11.85
C SER D 120 -25.95 -24.01 11.48
N PHE D 121 -26.52 -22.81 11.59
CA PHE D 121 -25.76 -21.60 11.30
C PHE D 121 -24.56 -21.46 12.24
N LEU D 122 -24.71 -21.88 13.50
CA LEU D 122 -23.67 -21.72 14.50
C LEU D 122 -22.50 -22.69 14.34
N LYS D 123 -22.61 -23.67 13.43
CA LYS D 123 -21.54 -24.64 13.26
C LYS D 123 -20.26 -23.99 12.75
N TRP D 124 -20.38 -23.01 11.86
CA TRP D 124 -19.20 -22.31 11.38
C TRP D 124 -18.43 -21.69 12.52
N PHE D 125 -19.14 -21.14 13.51
CA PHE D 125 -18.45 -20.49 14.63
C PHE D 125 -17.83 -21.49 15.58
N VAL D 126 -18.51 -22.63 15.81
CA VAL D 126 -17.92 -23.71 16.60
C VAL D 126 -16.58 -24.13 15.99
N ASP D 127 -16.58 -24.43 14.69
CA ASP D 127 -15.33 -24.82 14.04
C ASP D 127 -14.30 -23.70 14.07
N GLU D 128 -14.75 -22.46 13.85
CA GLU D 128 -13.82 -21.33 13.84
C GLU D 128 -13.18 -21.14 15.21
N GLN D 129 -13.96 -21.32 16.28
CA GLN D 129 -13.42 -21.15 17.63
C GLN D 129 -12.30 -22.15 17.92
N VAL D 130 -12.41 -23.37 17.39
CA VAL D 130 -11.35 -24.36 17.56
C VAL D 130 -10.01 -23.81 17.07
N GLU D 131 -10.03 -23.07 15.97
CA GLU D 131 -8.79 -22.55 15.40
C GLU D 131 -8.34 -21.29 16.11
N GLU D 132 -9.28 -20.45 16.55
CA GLU D 132 -8.90 -19.25 17.28
C GLU D 132 -8.18 -19.59 18.58
N GLU D 133 -8.71 -20.57 19.33
CA GLU D 133 -8.05 -20.99 20.56
C GLU D 133 -6.71 -21.65 20.26
N ASP D 134 -6.64 -22.48 19.22
CA ASP D 134 -5.41 -23.20 18.95
C ASP D 134 -4.28 -22.27 18.54
N GLN D 135 -4.57 -21.21 17.77
CA GLN D 135 -3.49 -20.33 17.37
C GLN D 135 -2.95 -19.51 18.55
N VAL D 136 -3.80 -19.17 19.53
CA VAL D 136 -3.28 -18.48 20.70
C VAL D 136 -2.49 -19.44 21.59
N ARG D 137 -2.95 -20.69 21.71
CA ARG D 137 -2.22 -21.68 22.49
C ARG D 137 -0.84 -21.92 21.89
N GLU D 138 -0.75 -21.98 20.56
CA GLU D 138 0.54 -22.16 19.91
C GLU D 138 1.47 -20.99 20.21
N ILE D 139 0.95 -19.76 20.12
CA ILE D 139 1.75 -18.58 20.43
C ILE D 139 2.22 -18.64 21.88
N LEU D 140 1.32 -18.99 22.81
CA LEU D 140 1.70 -19.07 24.21
C LEU D 140 2.78 -20.12 24.43
N ASP D 141 2.71 -21.25 23.71
CA ASP D 141 3.72 -22.28 23.83
C ASP D 141 5.07 -21.77 23.35
N LEU D 142 5.07 -21.00 22.26
CA LEU D 142 6.30 -20.42 21.74
C LEU D 142 6.85 -19.35 22.69
N LEU D 143 5.95 -18.56 23.29
CA LEU D 143 6.41 -17.58 24.26
C LEU D 143 6.97 -18.26 25.50
N GLU D 144 6.42 -19.41 25.87
CA GLU D 144 6.95 -20.12 27.03
C GLU D 144 8.34 -20.67 26.74
N LYS D 145 8.58 -21.16 25.52
CA LYS D 145 9.92 -21.62 25.16
C LYS D 145 10.89 -20.45 25.05
N ALA D 146 10.41 -19.29 24.56
CA ALA D 146 11.28 -18.12 24.46
C ALA D 146 11.80 -17.72 25.84
N ASN D 147 10.96 -17.84 26.87
CA ASN D 147 11.37 -17.65 28.26
C ASN D 147 11.97 -16.27 28.50
N GLY D 148 11.51 -15.26 27.75
CA GLY D 148 11.99 -13.91 27.95
C GLY D 148 13.21 -13.55 27.13
N GLN D 149 13.79 -14.47 26.36
CA GLN D 149 14.96 -14.18 25.54
C GLN D 149 14.59 -13.24 24.41
N MET D 150 15.18 -12.05 24.39
CA MET D 150 14.77 -11.02 23.44
C MET D 150 15.07 -11.40 22.01
N SER D 151 16.17 -12.12 21.77
CA SER D 151 16.47 -12.61 20.41
C SER D 151 15.36 -13.50 19.89
N VAL D 152 14.78 -14.34 20.76
CA VAL D 152 13.70 -15.21 20.31
C VAL D 152 12.38 -14.44 20.25
N ILE D 153 12.17 -13.50 21.18
CA ILE D 153 10.95 -12.67 21.11
C ILE D 153 10.94 -11.86 19.83
N PHE D 154 12.12 -11.38 19.40
CA PHE D 154 12.21 -10.63 18.15
C PHE D 154 11.79 -11.48 16.96
N GLN D 155 12.20 -12.76 16.95
CA GLN D 155 11.77 -13.68 15.89
C GLN D 155 10.26 -13.82 15.87
N LEU D 156 9.65 -14.02 17.04
CA LEU D 156 8.21 -14.17 17.13
C LEU D 156 7.48 -12.90 16.71
N ASP D 157 8.05 -11.73 17.05
CA ASP D 157 7.42 -10.46 16.68
C ASP D 157 7.31 -10.31 15.17
N ARG D 158 8.41 -10.49 14.46
CA ARG D 158 8.34 -10.29 13.01
C ARG D 158 7.54 -11.40 12.34
N TYR D 159 7.55 -12.61 12.90
CA TYR D 159 6.73 -13.70 12.36
C TYR D 159 5.24 -13.38 12.47
N LEU D 160 4.78 -13.02 13.67
CA LEU D 160 3.38 -12.64 13.83
C LEU D 160 3.07 -11.36 13.06
N GLY D 161 4.08 -10.51 12.85
CA GLY D 161 3.90 -9.31 12.05
C GLY D 161 3.70 -9.55 10.57
N GLN D 162 3.92 -10.79 10.12
CA GLN D 162 3.64 -11.16 8.75
C GLN D 162 2.23 -11.68 8.56
N ARG D 163 1.37 -11.55 9.57
CA ARG D 163 0.07 -12.18 9.51
C ARG D 163 -0.71 -11.70 8.31
N GLU D 164 -1.31 -12.67 7.64
CA GLU D 164 -2.00 -12.59 6.37
C GLU D 164 -3.08 -11.49 6.41
N MET E 1 13.39 40.37 -9.84
CA MET E 1 13.57 40.85 -8.47
C MET E 1 13.23 39.75 -7.46
N MET E 2 13.82 39.85 -6.27
CA MET E 2 13.60 38.86 -5.21
C MET E 2 12.27 39.14 -4.51
N VAL E 3 11.40 38.13 -4.44
CA VAL E 3 10.08 38.29 -3.86
C VAL E 3 9.97 37.61 -2.50
N ILE E 4 11.09 37.11 -1.96
CA ILE E 4 11.19 36.79 -0.54
C ILE E 4 11.95 37.92 0.12
N SER E 5 11.58 38.23 1.36
CA SER E 5 12.34 39.20 2.14
C SER E 5 13.77 38.68 2.34
N GLU E 6 14.69 39.62 2.62
CA GLU E 6 16.06 39.22 2.89
C GLU E 6 16.16 38.38 4.15
N LYS E 7 15.29 38.65 5.13
CA LYS E 7 15.25 37.83 6.34
CA LYS E 7 15.27 37.82 6.34
C LYS E 7 14.88 36.38 6.01
N VAL E 8 13.88 36.21 5.13
CA VAL E 8 13.45 34.85 4.80
C VAL E 8 14.47 34.15 3.92
N ARG E 9 15.08 34.88 2.97
CA ARG E 9 16.11 34.26 2.14
C ARG E 9 17.28 33.77 2.98
N LYS E 10 17.70 34.57 3.96
CA LYS E 10 18.82 34.17 4.81
C LYS E 10 18.45 32.97 5.67
N ALA E 11 17.25 32.98 6.25
CA ALA E 11 16.79 31.84 7.02
C ALA E 11 16.79 30.58 6.17
N LEU E 12 16.35 30.68 4.92
CA LEU E 12 16.36 29.52 4.03
C LEU E 12 17.78 29.13 3.65
N ASN E 13 18.63 30.11 3.37
CA ASN E 13 20.03 29.82 3.04
C ASN E 13 20.74 29.20 4.23
N ASP E 14 20.47 29.69 5.45
CA ASP E 14 21.03 29.06 6.65
C ASP E 14 20.58 27.61 6.76
N GLN E 15 19.30 27.34 6.50
CA GLN E 15 18.79 25.98 6.61
C GLN E 15 19.38 25.09 5.51
N LEU E 16 19.57 25.64 4.31
CA LEU E 16 20.27 24.87 3.27
C LEU E 16 21.63 24.41 3.76
N ASN E 17 22.40 25.34 4.35
CA ASN E 17 23.72 24.98 4.88
C ASN E 17 23.61 24.02 6.04
N ARG E 18 22.57 24.14 6.86
CA ARG E 18 22.32 23.17 7.92
C ARG E 18 22.09 21.77 7.35
N GLU E 19 21.34 21.67 6.24
CA GLU E 19 21.12 20.37 5.62
C GLU E 19 22.41 19.79 5.06
N ILE E 20 23.28 20.64 4.52
CA ILE E 20 24.59 20.16 4.09
C ILE E 20 25.34 19.57 5.27
N TYR E 21 25.35 20.28 6.41
CA TYR E 21 26.02 19.73 7.58
C TYR E 21 25.39 18.42 8.02
N SER E 22 24.05 18.31 7.97
CA SER E 22 23.41 17.06 8.36
C SER E 22 23.90 15.92 7.48
N SER E 23 23.97 16.15 6.17
CA SER E 23 24.52 15.13 5.27
C SER E 23 25.92 14.75 5.69
N TYR E 24 26.75 15.76 6.01
CA TYR E 24 28.14 15.50 6.40
C TYR E 24 28.20 14.75 7.72
N LEU E 25 27.35 15.12 8.69
CA LEU E 25 27.33 14.41 9.96
C LEU E 25 27.01 12.94 9.76
N TYR E 26 26.00 12.64 8.93
CA TYR E 26 25.61 11.26 8.73
C TYR E 26 26.69 10.48 7.99
N LEU E 27 27.38 11.13 7.05
CA LEU E 27 28.55 10.49 6.46
C LEU E 27 29.58 10.16 7.53
N SER E 28 29.74 11.06 8.52
CA SER E 28 30.72 10.81 9.56
C SER E 28 30.29 9.70 10.51
N MET E 29 28.99 9.56 10.75
CA MET E 29 28.51 8.38 11.48
C MET E 29 28.79 7.11 10.68
N ALA E 30 28.70 7.19 9.35
CA ALA E 30 29.09 6.06 8.52
C ALA E 30 30.56 5.72 8.71
N THR E 31 31.44 6.73 8.81
CA THR E 31 32.86 6.44 9.06
C THR E 31 33.03 5.74 10.40
N TYR E 32 32.22 6.12 11.40
CA TYR E 32 32.31 5.45 12.68
C TYR E 32 31.83 4.01 12.58
N PHE E 33 30.64 3.79 12.00
CA PHE E 33 30.12 2.42 11.89
C PHE E 33 31.06 1.54 11.07
N ASP E 34 31.62 2.08 9.98
CA ASP E 34 32.54 1.30 9.19
C ASP E 34 33.82 0.97 9.97
N ALA E 35 34.31 1.94 10.78
CA ALA E 35 35.47 1.67 11.62
C ALA E 35 35.17 0.59 12.65
N GLU E 36 33.94 0.55 13.15
CA GLU E 36 33.54 -0.49 14.09
C GLU E 36 33.15 -1.80 13.40
N GLY E 37 33.11 -1.85 12.07
CA GLY E 37 32.81 -3.10 11.39
C GLY E 37 31.34 -3.40 11.18
N PHE E 38 30.47 -2.40 11.29
CA PHE E 38 29.04 -2.57 11.06
C PHE E 38 28.71 -1.94 9.70
N LYS E 39 28.85 -2.74 8.64
CA LYS E 39 28.64 -2.21 7.29
C LYS E 39 27.17 -1.92 7.02
N GLY E 40 26.26 -2.62 7.71
CA GLY E 40 24.85 -2.34 7.51
C GLY E 40 24.44 -1.00 8.09
N PHE E 41 24.87 -0.72 9.32
CA PHE E 41 24.63 0.60 9.91
C PHE E 41 25.27 1.70 9.07
N ALA E 42 26.50 1.44 8.61
CA ALA E 42 27.18 2.41 7.75
C ALA E 42 26.39 2.65 6.46
N HIS E 43 25.86 1.58 5.86
CA HIS E 43 25.05 1.73 4.67
C HIS E 43 23.83 2.61 4.94
N TRP E 44 23.17 2.38 6.07
CA TRP E 44 22.03 3.22 6.44
C TRP E 44 22.42 4.69 6.51
N MET E 45 23.57 4.99 7.12
CA MET E 45 23.98 6.39 7.25
C MET E 45 24.35 7.00 5.90
N LYS E 46 24.93 6.21 4.99
CA LYS E 46 25.27 6.74 3.67
C LYS E 46 24.00 7.09 2.89
N LYS E 47 22.96 6.26 2.98
CA LYS E 47 21.69 6.60 2.34
C LYS E 47 21.06 7.84 2.98
N GLN E 48 21.12 7.93 4.31
CA GLN E 48 20.59 9.11 4.98
C GLN E 48 21.31 10.37 4.54
N ALA E 49 22.63 10.28 4.37
CA ALA E 49 23.41 11.44 3.90
C ALA E 49 22.94 11.89 2.52
N GLN E 50 22.78 10.95 1.58
CA GLN E 50 22.27 11.32 0.26
CA GLN E 50 22.25 11.28 0.25
C GLN E 50 20.86 11.89 0.35
N GLU E 51 20.04 11.39 1.28
CA GLU E 51 18.71 11.96 1.49
C GLU E 51 18.79 13.40 1.97
N GLU E 52 19.74 13.71 2.86
CA GLU E 52 19.87 15.09 3.32
C GLU E 52 20.27 16.04 2.19
N LEU E 53 21.03 15.55 1.21
CA LEU E 53 21.39 16.39 0.07
C LEU E 53 20.15 16.77 -0.76
N THR E 54 19.20 15.84 -0.93
CA THR E 54 17.99 16.20 -1.64
C THR E 54 17.17 17.23 -0.85
N HIS E 55 17.24 17.18 0.48
CA HIS E 55 16.62 18.23 1.27
C HIS E 55 17.27 19.57 0.95
N ALA E 56 18.61 19.62 0.98
CA ALA E 56 19.30 20.87 0.70
C ALA E 56 18.95 21.40 -0.70
N MET E 57 18.90 20.51 -1.69
CA MET E 57 18.60 20.95 -3.05
C MET E 57 17.16 21.42 -3.20
N LYS E 58 16.24 20.87 -2.40
CA LYS E 58 14.88 21.41 -2.41
C LYS E 58 14.86 22.87 -1.93
N PHE E 59 15.59 23.16 -0.84
CA PHE E 59 15.76 24.56 -0.42
C PHE E 59 16.46 25.36 -1.50
N TYR E 60 17.50 24.77 -2.10
CA TYR E 60 18.24 25.43 -3.18
C TYR E 60 17.28 25.91 -4.27
N GLU E 61 16.44 25.03 -4.77
CA GLU E 61 15.62 25.39 -5.92
C GLU E 61 14.50 26.35 -5.55
N TYR E 62 13.96 26.24 -4.34
CA TYR E 62 12.91 27.18 -3.92
C TYR E 62 13.46 28.59 -3.79
N ILE E 63 14.70 28.72 -3.28
CA ILE E 63 15.30 30.05 -3.14
C ILE E 63 15.37 30.73 -4.51
N TYR E 64 15.84 30.01 -5.53
CA TYR E 64 15.92 30.63 -6.85
C TYR E 64 14.55 30.82 -7.47
N GLN E 65 13.59 29.95 -7.14
CA GLN E 65 12.23 30.13 -7.63
C GLN E 65 11.63 31.45 -7.15
N ARG E 66 12.07 31.96 -6.00
CA ARG E 66 11.58 33.22 -5.45
C ARG E 66 12.54 34.37 -5.73
N GLY E 67 13.48 34.19 -6.66
CA GLY E 67 14.36 35.27 -7.02
C GLY E 67 15.53 35.50 -6.10
N GLY E 68 15.76 34.61 -5.13
CA GLY E 68 16.90 34.71 -4.25
C GLY E 68 18.11 34.00 -4.83
N ARG E 69 19.21 34.09 -4.09
CA ARG E 69 20.48 33.50 -4.48
CA ARG E 69 20.49 33.51 -4.47
C ARG E 69 21.04 32.70 -3.31
N VAL E 70 21.72 31.60 -3.63
CA VAL E 70 22.29 30.71 -2.61
C VAL E 70 23.75 31.07 -2.40
N GLU E 71 24.16 31.18 -1.13
CA GLU E 71 25.57 31.33 -0.79
C GLU E 71 25.97 30.18 0.14
N LEU E 72 26.89 29.34 -0.31
CA LEU E 72 27.36 28.24 0.51
C LEU E 72 28.37 28.74 1.53
N GLU E 73 28.23 28.26 2.77
CA GLU E 73 29.12 28.64 3.87
C GLU E 73 30.01 27.47 4.25
N ALA E 74 31.00 27.76 5.10
CA ALA E 74 31.89 26.72 5.60
C ALA E 74 31.09 25.65 6.33
N ILE E 75 31.58 24.41 6.23
CA ILE E 75 30.97 23.27 6.91
C ILE E 75 31.88 22.88 8.07
N GLU E 76 31.32 22.82 9.28
CA GLU E 76 32.09 22.47 10.47
C GLU E 76 32.51 21.01 10.44
N LYS E 77 33.62 20.73 11.09
CA LYS E 77 34.08 19.36 11.26
C LYS E 77 33.09 18.59 12.13
N PRO E 78 32.50 17.51 11.64
CA PRO E 78 31.57 16.75 12.48
C PRO E 78 32.34 15.85 13.44
N PRO E 79 31.73 15.43 14.54
CA PRO E 79 32.38 14.42 15.39
C PRO E 79 32.55 13.12 14.63
N SER E 80 33.53 12.32 15.06
CA SER E 80 33.84 11.06 14.40
C SER E 80 33.84 9.84 15.33
N ASN E 81 33.74 10.04 16.65
CA ASN E 81 33.76 8.97 17.65
C ASN E 81 32.48 9.03 18.48
N TRP E 82 31.80 7.89 18.60
CA TRP E 82 30.70 7.73 19.54
C TRP E 82 31.04 6.60 20.50
N ASN E 83 30.36 6.59 21.66
CA ASN E 83 30.71 5.57 22.65
C ASN E 83 30.24 4.20 22.20
N GLY E 84 29.17 4.16 21.42
CA GLY E 84 28.62 2.89 20.99
C GLY E 84 27.57 3.13 19.94
N ILE E 85 27.05 2.00 19.42
CA ILE E 85 26.08 2.04 18.33
C ILE E 85 24.86 2.87 18.70
N LYS E 86 24.32 2.66 19.92
CA LYS E 86 23.11 3.36 20.30
C LYS E 86 23.34 4.86 20.47
N ASP E 87 24.51 5.24 20.99
CA ASP E 87 24.81 6.66 21.16
C ASP E 87 24.85 7.38 19.82
N ALA E 88 25.35 6.73 18.77
CA ALA E 88 25.38 7.37 17.45
C ALA E 88 23.96 7.63 16.96
N PHE E 89 23.07 6.64 17.10
CA PHE E 89 21.69 6.83 16.66
C PHE E 89 20.95 7.80 17.58
N GLU E 90 21.30 7.84 18.88
CA GLU E 90 20.73 8.86 19.75
C GLU E 90 21.16 10.26 19.30
N ALA E 91 22.41 10.42 18.88
CA ALA E 91 22.84 11.69 18.34
C ALA E 91 22.11 12.02 17.04
N ALA E 92 21.80 11.00 16.24
CA ALA E 92 21.03 11.24 15.01
C ALA E 92 19.63 11.76 15.33
N LEU E 93 18.97 11.16 16.34
CA LEU E 93 17.66 11.66 16.75
C LEU E 93 17.76 13.10 17.24
N LYS E 94 18.76 13.38 18.09
CA LYS E 94 18.92 14.72 18.63
C LYS E 94 19.15 15.74 17.51
N HIS E 95 19.89 15.34 16.48
CA HIS E 95 20.14 16.27 15.38
C HIS E 95 18.87 16.52 14.58
N GLU E 96 18.11 15.47 14.27
CA GLU E 96 16.88 15.65 13.50
C GLU E 96 15.88 16.52 14.26
N GLU E 97 15.79 16.36 15.58
CA GLU E 97 14.90 17.21 16.36
C GLU E 97 15.35 18.66 16.30
N PHE E 98 16.67 18.90 16.30
CA PHE E 98 17.18 20.25 16.11
C PHE E 98 16.85 20.78 14.72
N VAL E 99 16.97 19.93 13.70
CA VAL E 99 16.60 20.35 12.35
C VAL E 99 15.12 20.70 12.28
N THR E 100 14.27 19.89 12.93
CA THR E 100 12.84 20.18 12.94
C THR E 100 12.55 21.52 13.61
N GLN E 101 13.20 21.79 14.74
CA GLN E 101 13.01 23.09 15.40
C GLN E 101 13.53 24.23 14.53
N SER E 102 14.57 23.98 13.74
CA SER E 102 15.07 25.03 12.86
C SER E 102 14.09 25.30 11.75
N ILE E 103 13.42 24.25 11.25
CA ILE E 103 12.38 24.45 10.25
C ILE E 103 11.20 25.19 10.86
N TYR E 104 10.81 24.84 12.08
CA TYR E 104 9.75 25.56 12.78
C TYR E 104 10.04 27.05 12.85
N ASN E 105 11.29 27.42 13.10
CA ASN E 105 11.64 28.84 13.23
C ASN E 105 11.46 29.58 11.92
N ILE E 106 11.82 28.96 10.79
CA ILE E 106 11.59 29.59 9.49
C ILE E 106 10.10 29.74 9.23
N LEU E 107 9.33 28.71 9.56
CA LEU E 107 7.89 28.74 9.30
C LEU E 107 7.23 29.87 10.08
N GLU E 108 7.61 30.04 11.34
CA GLU E 108 7.03 31.09 12.16
C GLU E 108 7.47 32.47 11.68
N LEU E 109 8.71 32.57 11.19
CA LEU E 109 9.16 33.84 10.63
C LEU E 109 8.39 34.16 9.36
N ALA E 110 8.24 33.18 8.46
CA ALA E 110 7.50 33.40 7.23
C ALA E 110 6.05 33.76 7.52
N SER E 111 5.42 33.07 8.47
CA SER E 111 4.03 33.36 8.78
CA SER E 111 4.03 33.36 8.79
C SER E 111 3.87 34.77 9.35
N GLU E 112 4.84 35.22 10.14
CA GLU E 112 4.74 36.57 10.70
C GLU E 112 4.81 37.64 9.61
N GLU E 113 5.68 37.45 8.63
CA GLU E 113 5.78 38.34 7.47
C GLU E 113 4.68 38.11 6.44
N LYS E 114 3.74 37.20 6.71
CA LYS E 114 2.68 36.84 5.77
C LYS E 114 3.22 36.29 4.45
N ASP E 115 4.36 35.60 4.50
CA ASP E 115 4.94 34.94 3.32
C ASP E 115 4.32 33.55 3.19
N HIS E 116 3.10 33.51 2.65
CA HIS E 116 2.35 32.26 2.58
C HIS E 116 3.01 31.24 1.66
N ALA E 117 3.69 31.69 0.61
CA ALA E 117 4.37 30.75 -0.28
C ALA E 117 5.44 29.96 0.46
N THR E 118 6.24 30.65 1.29
CA THR E 118 7.28 29.95 2.03
C THR E 118 6.68 29.09 3.13
N VAL E 119 5.62 29.57 3.79
CA VAL E 119 4.92 28.75 4.77
C VAL E 119 4.44 27.46 4.13
N SER E 120 3.83 27.56 2.94
CA SER E 120 3.29 26.36 2.31
C SER E 120 4.38 25.45 1.78
N PHE E 121 5.49 26.02 1.30
CA PHE E 121 6.62 25.21 0.85
C PHE E 121 7.21 24.40 2.01
N LEU E 122 7.24 24.96 3.22
CA LEU E 122 7.88 24.29 4.35
C LEU E 122 7.05 23.13 4.91
N LYS E 123 5.78 23.01 4.54
CA LYS E 123 4.97 21.92 5.08
C LYS E 123 5.54 20.55 4.70
N TRP E 124 6.08 20.41 3.49
CA TRP E 124 6.69 19.13 3.12
C TRP E 124 7.76 18.72 4.13
N PHE E 125 8.53 19.68 4.62
CA PHE E 125 9.60 19.38 5.56
C PHE E 125 9.07 19.08 6.95
N VAL E 126 8.01 19.79 7.38
CA VAL E 126 7.36 19.44 8.63
C VAL E 126 6.95 17.98 8.64
N ASP E 127 6.21 17.56 7.60
CA ASP E 127 5.77 16.17 7.52
C ASP E 127 6.95 15.22 7.36
N GLU E 128 7.94 15.61 6.56
CA GLU E 128 9.11 14.74 6.38
C GLU E 128 9.86 14.55 7.68
N GLN E 129 9.96 15.60 8.49
CA GLN E 129 10.68 15.51 9.77
C GLN E 129 9.99 14.54 10.73
N VAL E 130 8.66 14.51 10.73
CA VAL E 130 7.92 13.54 11.53
C VAL E 130 8.37 12.11 11.19
N GLU E 131 8.54 11.82 9.89
CA GLU E 131 8.96 10.49 9.47
CA GLU E 131 8.97 10.49 9.46
C GLU E 131 10.41 10.22 9.87
N GLU E 132 11.30 11.20 9.67
CA GLU E 132 12.71 10.97 9.97
C GLU E 132 12.95 10.81 11.47
N GLU E 133 12.29 11.61 12.29
CA GLU E 133 12.40 11.40 13.74
C GLU E 133 11.84 10.04 14.12
N ASP E 134 10.73 9.63 13.49
CA ASP E 134 10.09 8.37 13.85
C ASP E 134 10.97 7.18 13.51
N GLN E 135 11.65 7.21 12.36
CA GLN E 135 12.45 6.05 11.97
C GLN E 135 13.67 5.90 12.87
N VAL E 136 14.23 6.99 13.39
CA VAL E 136 15.34 6.87 14.32
C VAL E 136 14.85 6.38 15.68
N ARG E 137 13.68 6.86 16.11
CA ARG E 137 13.09 6.39 17.37
C ARG E 137 12.83 4.89 17.33
N GLU E 138 12.38 4.38 16.18
CA GLU E 138 12.15 2.94 16.07
C GLU E 138 13.45 2.17 16.20
N ILE E 139 14.52 2.63 15.53
CA ILE E 139 15.81 1.97 15.64
C ILE E 139 16.30 1.98 17.08
N LEU E 140 16.16 3.12 17.76
CA LEU E 140 16.61 3.23 19.15
C LEU E 140 15.85 2.28 20.06
N ASP E 141 14.54 2.11 19.83
CA ASP E 141 13.76 1.18 20.65
C ASP E 141 14.26 -0.25 20.46
N LEU E 142 14.59 -0.63 19.22
CA LEU E 142 15.12 -1.96 18.98
C LEU E 142 16.51 -2.11 19.61
N LEU E 143 17.34 -1.07 19.54
CA LEU E 143 18.65 -1.14 20.18
C LEU E 143 18.53 -1.21 21.70
N GLU E 144 17.53 -0.54 22.26
CA GLU E 144 17.34 -0.63 23.71
C GLU E 144 16.92 -2.04 24.11
N LYS E 145 16.06 -2.67 23.31
CA LYS E 145 15.69 -4.05 23.62
C LYS E 145 16.86 -5.01 23.40
N ALA E 146 17.71 -4.74 22.42
CA ALA E 146 18.88 -5.58 22.20
C ALA E 146 19.78 -5.58 23.42
N ASN E 147 19.88 -4.42 24.09
CA ASN E 147 20.61 -4.30 25.35
C ASN E 147 22.07 -4.72 25.21
N GLY E 148 22.67 -4.45 24.06
CA GLY E 148 24.07 -4.74 23.85
C GLY E 148 24.37 -6.15 23.35
N GLN E 149 23.34 -7.00 23.21
CA GLN E 149 23.54 -8.37 22.76
C GLN E 149 23.97 -8.39 21.30
N MET E 150 25.15 -8.94 21.02
CA MET E 150 25.70 -8.86 19.68
C MET E 150 24.91 -9.66 18.66
N SER E 151 24.33 -10.79 19.06
CA SER E 151 23.48 -11.56 18.14
C SER E 151 22.31 -10.72 17.62
N VAL E 152 21.73 -9.88 18.49
CA VAL E 152 20.60 -9.06 18.06
C VAL E 152 21.09 -7.85 17.27
N ILE E 153 22.23 -7.29 17.66
CA ILE E 153 22.78 -6.15 16.94
C ILE E 153 23.15 -6.55 15.52
N PHE E 154 23.65 -7.77 15.33
CA PHE E 154 23.96 -8.25 13.99
C PHE E 154 22.70 -8.30 13.13
N GLN E 155 21.58 -8.72 13.70
CA GLN E 155 20.34 -8.76 12.93
C GLN E 155 19.90 -7.36 12.52
N LEU E 156 20.04 -6.39 13.43
CA LEU E 156 19.68 -5.02 13.09
C LEU E 156 20.63 -4.45 12.04
N ASP E 157 21.92 -4.81 12.10
CA ASP E 157 22.86 -4.34 11.10
C ASP E 157 22.48 -4.86 9.72
N ARG E 158 22.20 -6.16 9.61
CA ARG E 158 21.77 -6.72 8.34
C ARG E 158 20.49 -6.06 7.85
N TYR E 159 19.55 -5.81 8.77
CA TYR E 159 18.28 -5.22 8.39
C TYR E 159 18.45 -3.81 7.85
N LEU E 160 19.17 -2.94 8.59
CA LEU E 160 19.41 -1.58 8.12
C LEU E 160 20.29 -1.54 6.88
N GLY E 161 21.13 -2.55 6.67
CA GLY E 161 21.91 -2.62 5.45
C GLY E 161 21.10 -2.91 4.19
N GLN E 162 19.82 -3.26 4.33
CA GLN E 162 18.95 -3.49 3.19
C GLN E 162 18.21 -2.24 2.74
N ARG E 163 18.55 -1.07 3.29
CA ARG E 163 17.80 0.14 2.99
C ARG E 163 18.06 0.58 1.56
N GLU E 164 17.00 0.93 0.85
CA GLU E 164 17.07 1.21 -0.57
C GLU E 164 17.37 2.69 -0.79
N MET F 1 43.79 -4.77 11.60
CA MET F 1 45.13 -4.20 11.49
C MET F 1 45.29 -3.49 10.15
N MET F 2 45.90 -2.31 10.20
CA MET F 2 46.05 -1.47 9.02
C MET F 2 47.25 -1.92 8.20
N VAL F 3 47.04 -2.15 6.91
CA VAL F 3 48.11 -2.62 6.01
C VAL F 3 48.55 -1.52 5.04
N ILE F 4 48.05 -0.30 5.22
CA ILE F 4 48.68 0.88 4.64
C ILE F 4 49.44 1.58 5.76
N SER F 5 50.54 2.22 5.41
CA SER F 5 51.23 3.07 6.37
C SER F 5 50.33 4.22 6.81
N GLU F 6 50.63 4.80 7.97
CA GLU F 6 49.85 5.95 8.41
C GLU F 6 50.09 7.15 7.50
N LYS F 7 51.30 7.27 6.94
CA LYS F 7 51.55 8.32 5.94
C LYS F 7 50.62 8.18 4.74
N VAL F 8 50.47 6.96 4.22
CA VAL F 8 49.60 6.76 3.07
C VAL F 8 48.13 6.93 3.47
N ARG F 9 47.74 6.42 4.64
CA ARG F 9 46.35 6.60 5.07
C ARG F 9 46.02 8.08 5.19
N LYS F 10 46.94 8.87 5.74
CA LYS F 10 46.72 10.31 5.83
C LYS F 10 46.64 10.95 4.44
N ALA F 11 47.53 10.54 3.53
CA ALA F 11 47.46 11.05 2.16
C ALA F 11 46.12 10.72 1.52
N LEU F 12 45.62 9.49 1.73
CA LEU F 12 44.34 9.12 1.14
C LEU F 12 43.18 9.87 1.82
N ASN F 13 43.21 9.97 3.15
CA ASN F 13 42.15 10.69 3.87
C ASN F 13 42.15 12.16 3.50
N ASP F 14 43.33 12.76 3.34
CA ASP F 14 43.42 14.14 2.87
C ASP F 14 42.78 14.30 1.50
N GLN F 15 43.01 13.35 0.60
CA GLN F 15 42.46 13.45 -0.75
C GLN F 15 40.95 13.26 -0.75
N LEU F 16 40.44 12.35 0.09
CA LEU F 16 39.00 12.21 0.26
C LEU F 16 38.36 13.55 0.62
N ASN F 17 38.94 14.26 1.60
CA ASN F 17 38.41 15.55 1.99
C ASN F 17 38.53 16.56 0.86
N ARG F 18 39.63 16.51 0.10
CA ARG F 18 39.77 17.41 -1.05
C ARG F 18 38.68 17.13 -2.09
N GLU F 19 38.33 15.85 -2.30
CA GLU F 19 37.23 15.54 -3.21
C GLU F 19 35.91 16.09 -2.68
N ILE F 20 35.71 16.04 -1.35
CA ILE F 20 34.51 16.62 -0.77
C ILE F 20 34.44 18.11 -1.07
N TYR F 21 35.56 18.83 -0.86
CA TYR F 21 35.58 20.25 -1.19
C TYR F 21 35.33 20.48 -2.68
N SER F 22 35.86 19.60 -3.53
CA SER F 22 35.68 19.76 -4.97
C SER F 22 34.20 19.76 -5.34
N SER F 23 33.41 18.82 -4.78
CA SER F 23 31.97 18.84 -5.02
C SER F 23 31.34 20.13 -4.52
N TYR F 24 31.75 20.59 -3.33
CA TYR F 24 31.19 21.80 -2.77
C TYR F 24 31.50 23.00 -3.66
N LEU F 25 32.74 23.06 -4.17
CA LEU F 25 33.10 24.14 -5.08
C LEU F 25 32.22 24.12 -6.32
N TYR F 26 31.99 22.93 -6.89
CA TYR F 26 31.18 22.86 -8.10
C TYR F 26 29.71 23.19 -7.79
N LEU F 27 29.21 22.76 -6.62
CA LEU F 27 27.90 23.21 -6.20
C LEU F 27 27.86 24.73 -6.07
N SER F 28 28.96 25.33 -5.59
CA SER F 28 28.98 26.77 -5.44
C SER F 28 29.05 27.47 -6.80
N MET F 29 29.72 26.87 -7.78
CA MET F 29 29.64 27.40 -9.14
C MET F 29 28.23 27.31 -9.67
N ALA F 30 27.49 26.25 -9.29
CA ALA F 30 26.10 26.14 -9.70
C ALA F 30 25.28 27.30 -9.15
N THR F 31 25.51 27.68 -7.88
CA THR F 31 24.80 28.82 -7.32
C THR F 31 25.08 30.09 -8.11
N TYR F 32 26.31 30.22 -8.60
CA TYR F 32 26.64 31.38 -9.42
C TYR F 32 25.90 31.35 -10.74
N PHE F 33 25.95 30.21 -11.45
CA PHE F 33 25.27 30.10 -12.74
C PHE F 33 23.78 30.25 -12.60
N ASP F 34 23.19 29.69 -11.53
CA ASP F 34 21.75 29.83 -11.32
C ASP F 34 21.38 31.29 -11.06
N ALA F 35 22.22 32.03 -10.31
CA ALA F 35 21.96 33.45 -10.10
C ALA F 35 22.06 34.23 -11.41
N GLU F 36 22.95 33.81 -12.31
CA GLU F 36 23.11 34.46 -13.60
C GLU F 36 22.07 34.03 -14.61
N GLY F 37 21.20 33.09 -14.26
CA GLY F 37 20.11 32.68 -15.13
C GLY F 37 20.46 31.62 -16.15
N PHE F 38 21.59 30.92 -16.01
CA PHE F 38 22.00 29.86 -16.92
C PHE F 38 21.77 28.51 -16.24
N LYS F 39 20.56 27.98 -16.40
CA LYS F 39 20.21 26.72 -15.74
C LYS F 39 20.93 25.52 -16.34
N GLY F 40 21.36 25.60 -17.60
CA GLY F 40 22.09 24.49 -18.18
C GLY F 40 23.49 24.37 -17.63
N PHE F 41 24.21 25.49 -17.54
CA PHE F 41 25.53 25.49 -16.88
C PHE F 41 25.41 25.07 -15.42
N ALA F 42 24.39 25.56 -14.72
CA ALA F 42 24.18 25.16 -13.34
C ALA F 42 23.91 23.67 -13.24
N HIS F 43 23.09 23.13 -14.16
CA HIS F 43 22.83 21.69 -14.18
C HIS F 43 24.11 20.91 -14.38
N TRP F 44 24.97 21.37 -15.29
CA TRP F 44 26.26 20.72 -15.50
C TRP F 44 27.07 20.70 -14.21
N MET F 45 27.10 21.81 -13.49
CA MET F 45 27.87 21.88 -12.24
C MET F 45 27.29 20.99 -11.16
N LYS F 46 25.96 20.86 -11.12
CA LYS F 46 25.33 19.96 -10.14
C LYS F 46 25.70 18.50 -10.43
N LYS F 47 25.74 18.12 -11.71
CA LYS F 47 26.21 16.78 -12.05
C LYS F 47 27.67 16.59 -11.68
N GLN F 48 28.50 17.60 -11.92
CA GLN F 48 29.92 17.52 -11.58
C GLN F 48 30.11 17.33 -10.07
N ALA F 49 29.31 18.03 -9.27
CA ALA F 49 29.39 17.87 -7.82
C ALA F 49 29.08 16.43 -7.40
N GLN F 50 28.05 15.82 -7.98
CA GLN F 50 27.75 14.44 -7.61
CA GLN F 50 27.73 14.44 -7.65
C GLN F 50 28.85 13.49 -8.08
N GLU F 51 29.49 13.78 -9.22
CA GLU F 51 30.60 12.93 -9.66
C GLU F 51 31.76 13.01 -8.68
N GLU F 52 32.05 14.19 -8.13
CA GLU F 52 33.14 14.30 -7.15
C GLU F 52 32.82 13.50 -5.90
N LEU F 53 31.54 13.42 -5.52
CA LEU F 53 31.17 12.61 -4.36
C LEU F 53 31.46 11.13 -4.59
N THR F 54 31.24 10.64 -5.82
CA THR F 54 31.58 9.24 -6.07
C THR F 54 33.09 9.03 -5.98
N HIS F 55 33.88 10.05 -6.34
CA HIS F 55 35.33 9.98 -6.13
C HIS F 55 35.68 9.86 -4.65
N ALA F 56 35.08 10.72 -3.82
CA ALA F 56 35.35 10.65 -2.39
C ALA F 56 35.01 9.28 -1.84
N MET F 57 33.88 8.72 -2.25
CA MET F 57 33.46 7.43 -1.74
C MET F 57 34.35 6.29 -2.23
N LYS F 58 34.99 6.45 -3.40
CA LYS F 58 35.98 5.46 -3.83
C LYS F 58 37.17 5.46 -2.88
N PHE F 59 37.70 6.64 -2.57
CA PHE F 59 38.76 6.73 -1.56
C PHE F 59 38.30 6.16 -0.23
N TYR F 60 37.05 6.47 0.15
CA TYR F 60 36.45 5.96 1.39
C TYR F 60 36.57 4.44 1.48
N GLU F 61 36.10 3.74 0.45
CA GLU F 61 36.03 2.29 0.56
C GLU F 61 37.41 1.65 0.49
N TYR F 62 38.34 2.24 -0.26
CA TYR F 62 39.69 1.68 -0.29
C TYR F 62 40.38 1.80 1.06
N ILE F 63 40.18 2.94 1.75
CA ILE F 63 40.80 3.13 3.05
C ILE F 63 40.37 2.03 4.02
N TYR F 64 39.06 1.73 4.05
CA TYR F 64 38.59 0.66 4.91
C TYR F 64 39.00 -0.71 4.39
N GLN F 65 39.13 -0.84 3.06
CA GLN F 65 39.59 -2.12 2.52
C GLN F 65 40.98 -2.45 3.05
N ARG F 66 41.83 -1.45 3.22
CA ARG F 66 43.19 -1.63 3.74
C ARG F 66 43.27 -1.46 5.24
N GLY F 67 42.15 -1.56 5.95
CA GLY F 67 42.17 -1.56 7.41
C GLY F 67 42.32 -0.22 8.07
N GLY F 68 42.23 0.88 7.33
CA GLY F 68 42.25 2.21 7.91
C GLY F 68 40.85 2.68 8.25
N ARG F 69 40.76 3.93 8.69
CA ARG F 69 39.47 4.56 8.88
C ARG F 69 39.52 5.98 8.33
N VAL F 70 38.35 6.50 7.97
CA VAL F 70 38.21 7.84 7.44
C VAL F 70 37.91 8.81 8.57
N GLU F 71 38.55 9.98 8.57
CA GLU F 71 38.18 11.07 9.45
C GLU F 71 37.84 12.29 8.61
N LEU F 72 36.59 12.75 8.70
CA LEU F 72 36.14 13.92 7.95
C LEU F 72 36.61 15.21 8.62
N GLU F 73 37.09 16.15 7.80
CA GLU F 73 37.54 17.43 8.29
C GLU F 73 36.59 18.55 7.88
N ALA F 74 36.80 19.72 8.46
CA ALA F 74 36.02 20.89 8.10
C ALA F 74 36.19 21.19 6.62
N ILE F 75 35.12 21.68 5.99
CA ILE F 75 35.13 22.05 4.58
C ILE F 75 35.16 23.57 4.51
N GLU F 76 36.15 24.11 3.79
CA GLU F 76 36.31 25.55 3.67
C GLU F 76 35.20 26.15 2.81
N LYS F 77 34.91 27.41 3.06
CA LYS F 77 33.91 28.11 2.28
C LYS F 77 34.43 28.33 0.86
N PRO F 78 33.74 27.87 -0.17
CA PRO F 78 34.20 28.10 -1.54
C PRO F 78 33.87 29.52 -1.98
N PRO F 79 34.51 30.01 -3.04
CA PRO F 79 34.07 31.27 -3.63
C PRO F 79 32.62 31.16 -4.10
N SER F 80 31.91 32.28 -4.02
CA SER F 80 30.50 32.35 -4.41
C SER F 80 30.28 32.95 -5.78
N ASN F 81 31.23 33.76 -6.27
CA ASN F 81 31.03 34.58 -7.45
C ASN F 81 32.25 34.49 -8.35
N TRP F 82 32.02 34.73 -9.64
CA TRP F 82 33.07 34.73 -10.67
C TRP F 82 32.83 35.88 -11.64
N ASN F 83 33.88 36.27 -12.34
CA ASN F 83 33.84 37.43 -13.23
C ASN F 83 33.24 37.12 -14.60
N GLY F 84 32.51 36.04 -14.73
CA GLY F 84 31.91 35.67 -16.01
C GLY F 84 31.87 34.17 -16.18
N ILE F 85 31.22 33.70 -17.25
CA ILE F 85 31.11 32.26 -17.47
C ILE F 85 32.48 31.65 -17.67
N LYS F 86 33.33 32.31 -18.45
CA LYS F 86 34.65 31.76 -18.73
C LYS F 86 35.50 31.75 -17.47
N ASP F 87 35.38 32.77 -16.64
CA ASP F 87 36.15 32.85 -15.40
C ASP F 87 35.85 31.68 -14.48
N ALA F 88 34.59 31.25 -14.41
CA ALA F 88 34.24 30.11 -13.57
C ALA F 88 34.87 28.83 -14.08
N PHE F 89 34.79 28.59 -15.40
CA PHE F 89 35.35 27.37 -15.95
C PHE F 89 36.87 27.36 -15.90
N GLU F 90 37.50 28.53 -16.04
CA GLU F 90 38.95 28.60 -15.85
C GLU F 90 39.32 28.20 -14.43
N ALA F 91 38.52 28.64 -13.45
CA ALA F 91 38.77 28.22 -12.08
C ALA F 91 38.55 26.73 -11.91
N ALA F 92 37.56 26.17 -12.60
CA ALA F 92 37.32 24.73 -12.53
C ALA F 92 38.50 23.95 -13.09
N LEU F 93 39.01 24.37 -14.26
CA LEU F 93 40.16 23.70 -14.85
C LEU F 93 41.37 23.79 -13.94
N LYS F 94 41.64 24.98 -13.40
CA LYS F 94 42.77 25.15 -12.49
C LYS F 94 42.61 24.24 -11.27
N HIS F 95 41.37 24.06 -10.79
CA HIS F 95 41.15 23.18 -9.66
C HIS F 95 41.39 21.73 -10.02
N GLU F 96 40.88 21.28 -11.18
CA GLU F 96 41.07 19.89 -11.58
C GLU F 96 42.55 19.57 -11.78
N GLU F 97 43.31 20.52 -12.33
CA GLU F 97 44.75 20.31 -12.46
C GLU F 97 45.41 20.21 -11.10
N PHE F 98 44.92 20.99 -10.12
CA PHE F 98 45.40 20.88 -8.75
C PHE F 98 45.02 19.53 -8.13
N VAL F 99 43.81 19.04 -8.42
CA VAL F 99 43.40 17.72 -7.93
C VAL F 99 44.29 16.64 -8.53
N THR F 100 44.62 16.77 -9.82
CA THR F 100 45.48 15.78 -10.48
C THR F 100 46.86 15.73 -9.84
N GLN F 101 47.46 16.89 -9.58
CA GLN F 101 48.78 16.89 -8.94
C GLN F 101 48.72 16.32 -7.53
N SER F 102 47.59 16.50 -6.83
CA SER F 102 47.52 15.92 -5.49
C SER F 102 47.46 14.40 -5.58
N ILE F 103 46.75 13.88 -6.59
CA ILE F 103 46.74 12.44 -6.80
C ILE F 103 48.11 11.94 -7.20
N TYR F 104 48.80 12.68 -8.07
CA TYR F 104 50.18 12.34 -8.44
C TYR F 104 51.06 12.22 -7.21
N ASN F 105 50.88 13.13 -6.25
CA ASN F 105 51.73 13.14 -5.06
C ASN F 105 51.49 11.90 -4.21
N ILE F 106 50.24 11.45 -4.10
CA ILE F 106 49.93 10.22 -3.37
C ILE F 106 50.57 9.02 -4.08
N LEU F 107 50.50 9.01 -5.42
CA LEU F 107 51.07 7.88 -6.16
C LEU F 107 52.57 7.78 -5.95
N GLU F 108 53.27 8.91 -5.99
CA GLU F 108 54.72 8.90 -5.79
C GLU F 108 55.09 8.54 -4.36
N LEU F 109 54.28 8.95 -3.38
CA LEU F 109 54.52 8.56 -2.01
C LEU F 109 54.33 7.05 -1.83
N ALA F 110 53.20 6.52 -2.31
CA ALA F 110 52.95 5.09 -2.22
C ALA F 110 54.03 4.29 -2.95
N SER F 111 54.43 4.74 -4.13
CA SER F 111 55.45 4.04 -4.90
C SER F 111 56.77 3.99 -4.14
N GLU F 112 57.17 5.12 -3.53
CA GLU F 112 58.39 5.13 -2.72
C GLU F 112 58.32 4.17 -1.55
N GLU F 113 57.14 3.99 -0.96
CA GLU F 113 56.97 3.02 0.12
C GLU F 113 56.74 1.60 -0.39
N LYS F 114 56.77 1.39 -1.69
CA LYS F 114 56.50 0.08 -2.28
C LYS F 114 55.10 -0.43 -1.91
N ASP F 115 54.16 0.50 -1.77
CA ASP F 115 52.75 0.18 -1.53
C ASP F 115 52.09 -0.02 -2.90
N HIS F 116 52.30 -1.20 -3.47
CA HIS F 116 51.82 -1.46 -4.83
C HIS F 116 50.30 -1.49 -4.90
N ALA F 117 49.63 -1.89 -3.81
CA ALA F 117 48.17 -1.91 -3.82
C ALA F 117 47.61 -0.51 -4.02
N THR F 118 48.17 0.48 -3.33
CA THR F 118 47.69 1.85 -3.46
C THR F 118 48.11 2.47 -4.78
N VAL F 119 49.33 2.16 -5.22
CA VAL F 119 49.78 2.62 -6.53
C VAL F 119 48.81 2.17 -7.60
N SER F 120 48.42 0.89 -7.56
CA SER F 120 47.55 0.38 -8.60
C SER F 120 46.14 0.91 -8.46
N PHE F 121 45.67 1.10 -7.22
CA PHE F 121 44.34 1.68 -7.00
C PHE F 121 44.25 3.09 -7.59
N LEU F 122 45.32 3.87 -7.50
CA LEU F 122 45.25 5.26 -7.94
C LEU F 122 45.23 5.41 -9.45
N LYS F 123 45.50 4.33 -10.22
CA LYS F 123 45.52 4.46 -11.66
C LYS F 123 44.16 4.88 -12.20
N TRP F 124 43.08 4.43 -11.57
CA TRP F 124 41.74 4.82 -12.02
C TRP F 124 41.57 6.34 -11.96
N PHE F 125 42.10 6.97 -10.92
CA PHE F 125 41.94 8.42 -10.76
C PHE F 125 42.85 9.17 -11.71
N VAL F 126 44.05 8.65 -11.96
CA VAL F 126 44.90 9.23 -13.00
C VAL F 126 44.15 9.30 -14.32
N ASP F 127 43.57 8.17 -14.73
CA ASP F 127 42.86 8.14 -16.02
C ASP F 127 41.63 9.03 -15.99
N GLU F 128 40.91 9.05 -14.88
CA GLU F 128 39.72 9.88 -14.78
C GLU F 128 40.08 11.36 -14.87
N GLN F 129 41.21 11.75 -14.26
CA GLN F 129 41.62 13.15 -14.28
C GLN F 129 41.87 13.63 -15.71
N VAL F 130 42.44 12.78 -16.56
CA VAL F 130 42.61 13.14 -17.97
C VAL F 130 41.29 13.54 -18.58
N GLU F 131 40.22 12.80 -18.26
CA GLU F 131 38.90 13.09 -18.80
CA GLU F 131 38.90 13.09 -18.80
C GLU F 131 38.32 14.37 -18.19
N GLU F 132 38.54 14.58 -16.90
CA GLU F 132 37.99 15.77 -16.24
C GLU F 132 38.65 17.04 -16.75
N GLU F 133 39.97 17.03 -16.89
CA GLU F 133 40.66 18.20 -17.44
C GLU F 133 40.24 18.46 -18.87
N ASP F 134 40.12 17.40 -19.69
CA ASP F 134 39.78 17.59 -21.09
C ASP F 134 38.37 18.13 -21.26
N GLN F 135 37.41 17.61 -20.48
CA GLN F 135 36.03 18.08 -20.60
C GLN F 135 35.93 19.58 -20.37
N VAL F 136 36.69 20.11 -19.41
CA VAL F 136 36.62 21.53 -19.13
C VAL F 136 37.35 22.33 -20.20
N ARG F 137 38.47 21.82 -20.69
CA ARG F 137 39.19 22.51 -21.77
C ARG F 137 38.32 22.63 -23.01
N GLU F 138 37.55 21.59 -23.32
CA GLU F 138 36.63 21.67 -24.46
C GLU F 138 35.59 22.76 -24.25
N ILE F 139 35.02 22.84 -23.04
CA ILE F 139 34.04 23.88 -22.73
C ILE F 139 34.67 25.26 -22.87
N LEU F 140 35.90 25.41 -22.34
CA LEU F 140 36.58 26.70 -22.45
C LEU F 140 36.83 27.06 -23.91
N ASP F 141 37.18 26.07 -24.74
CA ASP F 141 37.39 26.36 -26.16
C ASP F 141 36.10 26.79 -26.83
N LEU F 142 34.97 26.16 -26.48
CA LEU F 142 33.69 26.55 -27.05
C LEU F 142 33.28 27.93 -26.57
N LEU F 143 33.56 28.24 -25.30
CA LEU F 143 33.26 29.58 -24.79
C LEU F 143 34.13 30.62 -25.48
N GLU F 144 35.37 30.27 -25.84
CA GLU F 144 36.22 31.22 -26.52
C GLU F 144 35.71 31.52 -27.92
N LYS F 145 35.17 30.50 -28.61
CA LYS F 145 34.57 30.73 -29.92
C LYS F 145 33.26 31.51 -29.80
N ALA F 146 32.50 31.32 -28.72
CA ALA F 146 31.26 32.05 -28.53
C ALA F 146 31.53 33.56 -28.46
N ASN F 147 32.62 33.95 -27.79
CA ASN F 147 33.06 35.34 -27.73
C ASN F 147 31.98 36.26 -27.15
N GLY F 148 31.14 35.74 -26.26
CA GLY F 148 30.12 36.52 -25.60
C GLY F 148 28.79 36.60 -26.31
N GLN F 149 28.68 36.02 -27.51
CA GLN F 149 27.44 36.08 -28.27
C GLN F 149 26.37 35.24 -27.58
N MET F 150 25.27 35.88 -27.20
CA MET F 150 24.24 35.18 -26.43
C MET F 150 23.60 34.08 -27.27
N SER F 151 23.53 34.28 -28.59
CA SER F 151 23.03 33.22 -29.47
C SER F 151 23.84 31.94 -29.31
N VAL F 152 25.16 32.06 -29.17
CA VAL F 152 26.02 30.88 -29.03
C VAL F 152 26.01 30.38 -27.59
N ILE F 153 25.94 31.29 -26.62
CA ILE F 153 25.90 30.87 -25.21
C ILE F 153 24.64 30.06 -24.93
N PHE F 154 23.51 30.45 -25.52
CA PHE F 154 22.28 29.68 -25.34
C PHE F 154 22.42 28.27 -25.87
N GLN F 155 23.18 28.08 -26.95
CA GLN F 155 23.43 26.73 -27.43
CA GLN F 155 23.45 26.73 -27.44
C GLN F 155 24.28 25.95 -26.44
N LEU F 156 25.31 26.58 -25.88
CA LEU F 156 26.16 25.90 -24.91
C LEU F 156 25.42 25.62 -23.60
N ASP F 157 24.56 26.55 -23.17
CA ASP F 157 23.77 26.31 -21.97
C ASP F 157 22.84 25.12 -22.15
N ARG F 158 22.09 25.11 -23.25
CA ARG F 158 21.18 23.98 -23.51
C ARG F 158 21.95 22.68 -23.67
N TYR F 159 23.11 22.74 -24.34
CA TYR F 159 23.91 21.54 -24.57
C TYR F 159 24.48 20.99 -23.27
N LEU F 160 25.13 21.86 -22.47
CA LEU F 160 25.64 21.43 -21.17
C LEU F 160 24.51 21.05 -20.22
N GLY F 161 23.31 21.62 -20.41
CA GLY F 161 22.15 21.24 -19.62
C GLY F 161 21.62 19.85 -19.89
N GLN F 162 22.03 19.22 -20.98
CA GLN F 162 21.64 17.86 -21.28
C GLN F 162 22.58 16.83 -20.68
N ARG F 163 23.49 17.27 -19.81
CA ARG F 163 24.43 16.33 -19.23
C ARG F 163 23.73 15.40 -18.26
N GLU F 164 24.09 14.13 -18.36
CA GLU F 164 23.46 12.98 -17.75
C GLU F 164 24.10 12.62 -16.41
N MET G 1 -27.62 24.33 2.94
CA MET G 1 -27.23 25.50 3.73
C MET G 1 -25.74 25.79 3.57
N MET G 2 -25.40 27.09 3.55
CA MET G 2 -24.04 27.53 3.26
C MET G 2 -23.17 27.43 4.51
N VAL G 3 -22.02 26.75 4.39
CA VAL G 3 -21.11 26.56 5.51
C VAL G 3 -19.86 27.42 5.38
N ILE G 4 -19.80 28.29 4.37
CA ILE G 4 -18.86 29.40 4.35
C ILE G 4 -19.62 30.67 4.70
N SER G 5 -18.95 31.59 5.38
CA SER G 5 -19.55 32.89 5.63
C SER G 5 -19.81 33.60 4.31
N GLU G 6 -20.74 34.57 4.36
CA GLU G 6 -21.02 35.34 3.15
C GLU G 6 -19.80 36.15 2.73
N LYS G 7 -19.03 36.65 3.70
CA LYS G 7 -17.85 37.43 3.32
C LYS G 7 -16.79 36.55 2.66
N VAL G 8 -16.67 35.28 3.08
CA VAL G 8 -15.75 34.37 2.44
C VAL G 8 -16.29 33.92 1.09
N ARG G 9 -17.60 33.69 0.99
CA ARG G 9 -18.19 33.33 -0.30
C ARG G 9 -18.01 34.46 -1.31
N LYS G 10 -18.21 35.70 -0.86
CA LYS G 10 -18.02 36.85 -1.76
C LYS G 10 -16.58 36.95 -2.22
N ALA G 11 -15.63 36.79 -1.28
CA ALA G 11 -14.22 36.81 -1.65
C ALA G 11 -13.89 35.73 -2.68
N LEU G 12 -14.45 34.52 -2.49
CA LEU G 12 -14.17 33.43 -3.44
C LEU G 12 -14.82 33.69 -4.79
N ASN G 13 -16.06 34.20 -4.79
CA ASN G 13 -16.74 34.53 -6.03
C ASN G 13 -16.00 35.65 -6.77
N ASP G 14 -15.51 36.64 -6.02
CA ASP G 14 -14.70 37.70 -6.63
C ASP G 14 -13.45 37.13 -7.28
N GLN G 15 -12.80 36.17 -6.63
CA GLN G 15 -11.61 35.59 -7.20
C GLN G 15 -11.93 34.77 -8.44
N LEU G 16 -13.06 34.06 -8.42
CA LEU G 16 -13.52 33.37 -9.61
C LEU G 16 -13.63 34.33 -10.79
N ASN G 17 -14.28 35.47 -10.57
CA ASN G 17 -14.40 36.47 -11.62
C ASN G 17 -13.05 37.05 -12.02
N ARG G 18 -12.13 37.19 -11.06
CA ARG G 18 -10.78 37.65 -11.41
C ARG G 18 -10.06 36.65 -12.30
N GLU G 19 -10.20 35.36 -12.01
CA GLU G 19 -9.57 34.34 -12.84
C GLU G 19 -10.13 34.35 -14.26
N ILE G 20 -11.43 34.61 -14.40
CA ILE G 20 -12.03 34.77 -15.71
C ILE G 20 -11.36 35.92 -16.46
N TYR G 21 -11.18 37.06 -15.77
CA TYR G 21 -10.49 38.19 -16.39
C TYR G 21 -9.06 37.83 -16.76
N SER G 22 -8.38 37.04 -15.91
CA SER G 22 -7.00 36.65 -16.21
C SER G 22 -6.93 35.86 -17.51
N SER G 23 -7.84 34.89 -17.67
CA SER G 23 -7.91 34.14 -18.91
C SER G 23 -8.15 35.08 -20.09
N TYR G 24 -9.07 36.03 -19.94
CA TYR G 24 -9.37 36.98 -20.99
C TYR G 24 -8.17 37.85 -21.31
N LEU G 25 -7.44 38.29 -20.27
CA LEU G 25 -6.26 39.11 -20.47
C LEU G 25 -5.21 38.36 -21.30
N TYR G 26 -4.99 37.09 -20.98
CA TYR G 26 -3.98 36.32 -21.71
C TYR G 26 -4.43 36.04 -23.13
N LEU G 27 -5.74 35.81 -23.34
CA LEU G 27 -6.24 35.73 -24.71
C LEU G 27 -5.98 37.03 -25.45
N SER G 28 -6.05 38.15 -24.74
CA SER G 28 -5.82 39.43 -25.41
C SER G 28 -4.35 39.62 -25.74
N MET G 29 -3.45 39.09 -24.90
CA MET G 29 -2.04 39.07 -25.26
C MET G 29 -1.80 38.18 -26.48
N ALA G 30 -2.58 37.10 -26.63
CA ALA G 30 -2.47 36.27 -27.82
C ALA G 30 -2.83 37.06 -29.07
N THR G 31 -3.91 37.86 -29.02
CA THR G 31 -4.26 38.68 -30.18
C THR G 31 -3.13 39.65 -30.54
N TYR G 32 -2.42 40.15 -29.54
CA TYR G 32 -1.29 41.03 -29.81
C TYR G 32 -0.14 40.26 -30.46
N PHE G 33 0.26 39.13 -29.88
CA PHE G 33 1.37 38.36 -30.44
C PHE G 33 1.04 37.86 -31.84
N ASP G 34 -0.21 37.45 -32.06
CA ASP G 34 -0.59 37.01 -33.41
C ASP G 34 -0.53 38.17 -34.40
N ALA G 35 -0.97 39.36 -33.97
CA ALA G 35 -0.88 40.53 -34.85
C ALA G 35 0.58 40.87 -35.15
N GLU G 36 1.48 40.62 -34.20
CA GLU G 36 2.90 40.86 -34.40
C GLU G 36 3.59 39.72 -35.15
N GLY G 37 2.89 38.62 -35.43
CA GLY G 37 3.49 37.52 -36.17
C GLY G 37 4.26 36.51 -35.35
N PHE G 38 4.07 36.49 -34.03
CA PHE G 38 4.76 35.54 -33.14
C PHE G 38 3.76 34.47 -32.73
N LYS G 39 3.61 33.44 -33.57
CA LYS G 39 2.61 32.40 -33.35
C LYS G 39 2.95 31.54 -32.14
N GLY G 40 4.24 31.41 -31.80
CA GLY G 40 4.60 30.64 -30.62
C GLY G 40 4.24 31.34 -29.33
N PHE G 41 4.56 32.63 -29.24
CA PHE G 41 4.14 33.40 -28.08
C PHE G 41 2.62 33.44 -27.96
N ALA G 42 1.93 33.61 -29.10
CA ALA G 42 0.47 33.62 -29.08
C ALA G 42 -0.06 32.28 -28.59
N HIS G 43 0.52 31.18 -29.06
CA HIS G 43 0.11 29.86 -28.60
C HIS G 43 0.31 29.71 -27.10
N TRP G 44 1.45 30.17 -26.59
CA TRP G 44 1.70 30.12 -25.14
C TRP G 44 0.60 30.84 -24.38
N MET G 45 0.17 32.02 -24.87
CA MET G 45 -0.86 32.79 -24.20
C MET G 45 -2.22 32.09 -24.27
N LYS G 46 -2.50 31.39 -25.37
CA LYS G 46 -3.77 30.66 -25.45
C LYS G 46 -3.81 29.53 -24.41
N LYS G 47 -2.70 28.80 -24.26
CA LYS G 47 -2.63 27.78 -23.22
C LYS G 47 -2.76 28.39 -21.84
N GLN G 48 -2.11 29.54 -21.61
CA GLN G 48 -2.24 30.21 -20.32
C GLN G 48 -3.68 30.61 -20.07
N ALA G 49 -4.38 31.08 -21.11
CA ALA G 49 -5.80 31.44 -20.95
C ALA G 49 -6.63 30.23 -20.50
N GLN G 50 -6.41 29.07 -21.14
CA GLN G 50 -7.17 27.88 -20.75
C GLN G 50 -6.80 27.41 -19.35
N GLU G 51 -5.52 27.54 -18.97
CA GLU G 51 -5.11 27.19 -17.62
C GLU G 51 -5.81 28.07 -16.59
N GLU G 52 -6.01 29.35 -16.91
CA GLU G 52 -6.72 30.24 -15.98
C GLU G 52 -8.18 29.84 -15.85
N LEU G 53 -8.79 29.33 -16.91
CA LEU G 53 -10.17 28.85 -16.82
C LEU G 53 -10.29 27.67 -15.88
N THR G 54 -9.29 26.76 -15.86
CA THR G 54 -9.36 25.66 -14.91
C THR G 54 -9.25 26.18 -13.46
N HIS G 55 -8.48 27.25 -13.25
CA HIS G 55 -8.44 27.88 -11.93
C HIS G 55 -9.81 28.40 -11.53
N ALA G 56 -10.47 29.11 -12.45
CA ALA G 56 -11.81 29.63 -12.17
C ALA G 56 -12.78 28.53 -11.83
N MET G 57 -12.73 27.42 -12.58
CA MET G 57 -13.66 26.32 -12.34
C MET G 57 -13.37 25.59 -11.03
N LYS G 58 -12.13 25.65 -10.53
CA LYS G 58 -11.89 25.02 -9.23
C LYS G 58 -12.47 25.87 -8.11
N PHE G 59 -12.40 27.20 -8.23
CA PHE G 59 -13.15 28.06 -7.32
C PHE G 59 -14.65 27.78 -7.43
N TYR G 60 -15.13 27.63 -8.67
CA TYR G 60 -16.54 27.32 -8.91
C TYR G 60 -16.98 26.12 -8.09
N GLU G 61 -16.25 25.01 -8.20
CA GLU G 61 -16.72 23.77 -7.58
C GLU G 61 -16.57 23.80 -6.07
N TYR G 62 -15.55 24.50 -5.55
CA TYR G 62 -15.42 24.60 -4.11
C TYR G 62 -16.55 25.43 -3.51
N ILE G 63 -16.95 26.50 -4.20
CA ILE G 63 -18.04 27.33 -3.72
C ILE G 63 -19.31 26.50 -3.55
N TYR G 64 -19.63 25.68 -4.55
CA TYR G 64 -20.80 24.83 -4.44
C TYR G 64 -20.58 23.69 -3.43
N GLN G 65 -19.33 23.24 -3.28
CA GLN G 65 -19.04 22.23 -2.27
C GLN G 65 -19.36 22.73 -0.86
N ARG G 66 -19.18 24.02 -0.60
CA ARG G 66 -19.50 24.60 0.70
C ARG G 66 -20.89 25.21 0.74
N GLY G 67 -21.77 24.83 -0.19
CA GLY G 67 -23.15 25.25 -0.14
C GLY G 67 -23.43 26.65 -0.61
N GLY G 68 -22.44 27.35 -1.19
CA GLY G 68 -22.66 28.65 -1.76
C GLY G 68 -23.05 28.55 -3.23
N ARG G 69 -23.18 29.70 -3.87
CA ARG G 69 -23.45 29.73 -5.29
C ARG G 69 -22.58 30.79 -5.95
N VAL G 70 -22.45 30.69 -7.26
CA VAL G 70 -21.58 31.56 -8.04
C VAL G 70 -22.44 32.56 -8.79
N GLU G 71 -22.02 33.82 -8.79
CA GLU G 71 -22.63 34.85 -9.61
C GLU G 71 -21.56 35.43 -10.54
N LEU G 72 -21.77 35.27 -11.84
CA LEU G 72 -20.83 35.79 -12.81
C LEU G 72 -21.05 37.29 -13.00
N GLU G 73 -19.97 38.05 -13.00
CA GLU G 73 -20.02 39.49 -13.19
C GLU G 73 -19.44 39.86 -14.56
N ALA G 74 -19.67 41.11 -14.95
CA ALA G 74 -19.14 41.62 -16.21
C ALA G 74 -17.61 41.54 -16.21
N ILE G 75 -17.04 41.32 -17.40
CA ILE G 75 -15.59 41.27 -17.58
C ILE G 75 -15.17 42.57 -18.25
N GLU G 76 -14.24 43.28 -17.61
CA GLU G 76 -13.71 44.50 -18.18
C GLU G 76 -12.95 44.21 -19.47
N LYS G 77 -13.01 45.17 -20.39
CA LYS G 77 -12.23 45.11 -21.60
C LYS G 77 -10.74 45.11 -21.26
N PRO G 78 -9.97 44.10 -21.67
CA PRO G 78 -8.54 44.10 -21.39
C PRO G 78 -7.79 44.98 -22.37
N PRO G 79 -6.54 45.36 -22.05
CA PRO G 79 -5.71 46.01 -23.06
C PRO G 79 -5.49 45.07 -24.24
N SER G 80 -5.28 45.67 -25.41
CA SER G 80 -5.08 44.92 -26.65
C SER G 80 -3.69 45.08 -27.24
N ASN G 81 -2.93 46.07 -26.79
CA ASN G 81 -1.63 46.37 -27.36
C ASN G 81 -0.58 46.54 -26.27
N TRP G 82 0.66 46.17 -26.60
CA TRP G 82 1.80 46.36 -25.72
C TRP G 82 2.95 46.91 -26.54
N ASN G 83 3.91 47.53 -25.86
CA ASN G 83 5.01 48.20 -26.54
C ASN G 83 6.13 47.24 -26.95
N GLY G 84 5.87 45.95 -27.03
CA GLY G 84 6.89 45.01 -27.42
C GLY G 84 6.69 43.68 -26.70
N ILE G 85 7.52 42.71 -27.10
CA ILE G 85 7.43 41.36 -26.55
C ILE G 85 7.66 41.40 -25.04
N LYS G 86 8.70 42.13 -24.62
CA LYS G 86 9.05 42.16 -23.22
C LYS G 86 7.98 42.85 -22.39
N ASP G 87 7.40 43.91 -22.95
CA ASP G 87 6.36 44.66 -22.26
C ASP G 87 5.15 43.79 -21.97
N ALA G 88 4.77 42.94 -22.92
CA ALA G 88 3.63 42.05 -22.71
C ALA G 88 3.90 41.06 -21.59
N PHE G 89 5.10 40.44 -21.60
CA PHE G 89 5.41 39.48 -20.54
C PHE G 89 5.63 40.15 -19.20
N GLU G 90 6.17 41.37 -19.19
CA GLU G 90 6.26 42.12 -17.94
C GLU G 90 4.87 42.42 -17.38
N ALA G 91 3.93 42.78 -18.27
CA ALA G 91 2.56 42.98 -17.84
C ALA G 91 1.95 41.69 -17.32
N ALA G 92 2.31 40.55 -17.92
CA ALA G 92 1.82 39.27 -17.43
C ALA G 92 2.34 38.98 -16.02
N LEU G 93 3.63 39.24 -15.79
CA LEU G 93 4.20 39.00 -14.47
C LEU G 93 3.54 39.87 -13.41
N LYS G 94 3.37 41.16 -13.71
CA LYS G 94 2.72 42.04 -12.74
C LYS G 94 1.29 41.58 -12.46
N HIS G 95 0.61 41.08 -13.50
CA HIS G 95 -0.74 40.57 -13.29
C HIS G 95 -0.72 39.31 -12.43
N GLU G 96 0.23 38.41 -12.70
CA GLU G 96 0.31 37.20 -11.89
C GLU G 96 0.61 37.53 -10.43
N GLU G 97 1.52 38.49 -10.18
CA GLU G 97 1.82 38.91 -8.82
C GLU G 97 0.61 39.55 -8.15
N PHE G 98 -0.20 40.27 -8.93
CA PHE G 98 -1.44 40.81 -8.40
C PHE G 98 -2.42 39.70 -8.06
N VAL G 99 -2.49 38.66 -8.89
CA VAL G 99 -3.35 37.52 -8.59
C VAL G 99 -2.91 36.84 -7.31
N THR G 100 -1.59 36.68 -7.13
CA THR G 100 -1.08 36.08 -5.91
C THR G 100 -1.48 36.87 -4.68
N GLN G 101 -1.35 38.21 -4.75
CA GLN G 101 -1.77 39.02 -3.61
C GLN G 101 -3.27 38.90 -3.37
N SER G 102 -4.06 38.70 -4.44
CA SER G 102 -5.49 38.51 -4.24
C SER G 102 -5.77 37.19 -3.55
N ILE G 103 -4.98 36.16 -3.87
CA ILE G 103 -5.12 34.89 -3.18
C ILE G 103 -4.74 35.03 -1.71
N TYR G 104 -3.63 35.75 -1.45
CA TYR G 104 -3.21 36.00 -0.07
C TYR G 104 -4.32 36.65 0.75
N ASN G 105 -5.06 37.58 0.14
CA ASN G 105 -6.10 38.29 0.89
C ASN G 105 -7.22 37.35 1.31
N ILE G 106 -7.64 36.45 0.42
CA ILE G 106 -8.68 35.48 0.80
C ILE G 106 -8.17 34.56 1.89
N LEU G 107 -6.91 34.13 1.78
CA LEU G 107 -6.35 33.23 2.80
C LEU G 107 -6.32 33.91 4.16
N GLU G 108 -5.92 35.18 4.20
CA GLU G 108 -5.87 35.87 5.49
C GLU G 108 -7.27 36.10 6.05
N LEU G 109 -8.23 36.40 5.18
CA LEU G 109 -9.61 36.57 5.62
C LEU G 109 -10.18 35.26 6.15
N ALA G 110 -10.00 34.17 5.40
CA ALA G 110 -10.50 32.87 5.85
C ALA G 110 -9.83 32.48 7.15
N SER G 111 -8.52 32.65 7.25
CA SER G 111 -7.81 32.27 8.46
C SER G 111 -8.28 33.09 9.66
N GLU G 112 -8.65 34.35 9.45
CA GLU G 112 -9.15 35.15 10.56
C GLU G 112 -10.51 34.67 11.03
N GLU G 113 -11.33 34.14 10.11
CA GLU G 113 -12.62 33.57 10.46
C GLU G 113 -12.52 32.13 10.96
N LYS G 114 -11.31 31.59 11.06
CA LYS G 114 -11.09 30.20 11.46
C LYS G 114 -11.78 29.23 10.50
N ASP G 115 -11.88 29.62 9.23
CA ASP G 115 -12.40 28.77 8.16
C ASP G 115 -11.23 27.94 7.61
N HIS G 116 -10.94 26.86 8.33
CA HIS G 116 -9.78 26.05 7.99
C HIS G 116 -9.94 25.31 6.66
N ALA G 117 -11.17 24.98 6.29
CA ALA G 117 -11.40 24.30 4.99
C ALA G 117 -11.01 25.21 3.83
N THR G 118 -11.40 26.49 3.88
CA THR G 118 -11.05 27.41 2.79
C THR G 118 -9.56 27.75 2.84
N VAL G 119 -8.99 27.90 4.04
CA VAL G 119 -7.54 28.12 4.15
C VAL G 119 -6.77 26.99 3.48
N SER G 120 -7.19 25.75 3.72
CA SER G 120 -6.43 24.65 3.16
C SER G 120 -6.68 24.50 1.66
N PHE G 121 -7.90 24.78 1.21
CA PHE G 121 -8.22 24.73 -0.22
C PHE G 121 -7.36 25.70 -1.02
N LEU G 122 -7.07 26.88 -0.45
CA LEU G 122 -6.33 27.92 -1.17
C LEU G 122 -4.85 27.64 -1.31
N LYS G 123 -4.32 26.70 -0.54
CA LYS G 123 -2.88 26.49 -0.60
CA LYS G 123 -2.89 26.40 -0.57
C LYS G 123 -2.44 25.90 -1.94
N TRP G 124 -3.30 25.13 -2.63
CA TRP G 124 -2.96 24.71 -3.98
C TRP G 124 -2.69 25.93 -4.87
N PHE G 125 -3.45 27.00 -4.68
CA PHE G 125 -3.27 28.18 -5.51
C PHE G 125 -2.02 28.96 -5.10
N VAL G 126 -1.72 28.99 -3.80
CA VAL G 126 -0.46 29.58 -3.35
C VAL G 126 0.72 28.91 -4.05
N ASP G 127 0.77 27.58 -4.03
CA ASP G 127 1.86 26.85 -4.67
C ASP G 127 1.83 27.04 -6.17
N GLU G 128 0.64 27.04 -6.77
CA GLU G 128 0.55 27.21 -8.22
C GLU G 128 1.07 28.58 -8.65
N GLN G 129 0.78 29.61 -7.86
CA GLN G 129 1.25 30.96 -8.20
C GLN G 129 2.76 31.04 -8.20
N VAL G 130 3.42 30.36 -7.25
CA VAL G 130 4.88 30.32 -7.23
C VAL G 130 5.39 29.84 -8.58
N GLU G 131 4.75 28.81 -9.15
CA GLU G 131 5.24 28.28 -10.42
C GLU G 131 4.92 29.22 -11.57
N GLU G 132 3.70 29.77 -11.61
CA GLU G 132 3.33 30.65 -12.72
C GLU G 132 4.19 31.90 -12.77
N GLU G 133 4.48 32.50 -11.60
CA GLU G 133 5.36 33.66 -11.57
C GLU G 133 6.76 33.29 -12.06
N ASP G 134 7.26 32.12 -11.64
CA ASP G 134 8.60 31.72 -12.01
C ASP G 134 8.71 31.50 -13.52
N GLN G 135 7.66 30.93 -14.12
CA GLN G 135 7.68 30.69 -15.56
C GLN G 135 7.84 31.98 -16.34
N VAL G 136 7.11 33.03 -15.95
CA VAL G 136 7.19 34.29 -16.68
C VAL G 136 8.53 34.96 -16.41
N ARG G 137 9.03 34.89 -15.16
CA ARG G 137 10.32 35.47 -14.85
C ARG G 137 11.42 34.83 -15.67
N GLU G 138 11.34 33.51 -15.86
CA GLU G 138 12.32 32.82 -16.69
C GLU G 138 12.25 33.30 -18.12
N ILE G 139 11.03 33.46 -18.65
CA ILE G 139 10.87 33.97 -20.02
C ILE G 139 11.45 35.38 -20.12
N LEU G 140 11.13 36.23 -19.15
CA LEU G 140 11.64 37.60 -19.17
C LEU G 140 13.16 37.63 -19.08
N ASP G 141 13.74 36.72 -18.30
CA ASP G 141 15.19 36.66 -18.19
C ASP G 141 15.82 36.29 -19.52
N LEU G 142 15.19 35.36 -20.26
CA LEU G 142 15.72 34.98 -21.56
C LEU G 142 15.58 36.13 -22.56
N LEU G 143 14.48 36.88 -22.49
CA LEU G 143 14.30 38.03 -23.37
C LEU G 143 15.31 39.13 -23.06
N GLU G 144 15.69 39.27 -21.79
CA GLU G 144 16.70 40.27 -21.44
C GLU G 144 18.06 39.88 -22.00
N LYS G 145 18.39 38.60 -21.96
CA LYS G 145 19.64 38.15 -22.56
C LYS G 145 19.59 38.22 -24.08
N ALA G 146 18.43 37.98 -24.67
CA ALA G 146 18.30 38.04 -26.13
C ALA G 146 18.63 39.43 -26.67
N ASN G 147 18.20 40.48 -25.95
CA ASN G 147 18.53 41.85 -26.31
C ASN G 147 18.10 42.22 -27.72
N GLY G 148 17.00 41.62 -28.19
CA GLY G 148 16.46 41.96 -29.49
C GLY G 148 16.99 41.14 -30.65
N GLN G 149 17.93 40.23 -30.42
CA GLN G 149 18.49 39.42 -31.50
C GLN G 149 17.44 38.45 -32.00
N MET G 150 17.08 38.57 -33.29
CA MET G 150 15.97 37.80 -33.83
C MET G 150 16.27 36.31 -33.87
N SER G 151 17.54 35.93 -34.00
CA SER G 151 17.90 34.51 -33.95
C SER G 151 17.42 33.86 -32.66
N VAL G 152 17.55 34.57 -31.54
CA VAL G 152 17.12 34.02 -30.27
C VAL G 152 15.61 34.17 -30.10
N ILE G 153 15.04 35.25 -30.62
CA ILE G 153 13.60 35.44 -30.53
C ILE G 153 12.86 34.35 -31.30
N PHE G 154 13.38 33.97 -32.47
CA PHE G 154 12.74 32.89 -33.23
C PHE G 154 12.77 31.58 -32.45
N GLN G 155 13.93 31.24 -31.89
CA GLN G 155 14.06 29.97 -31.16
C GLN G 155 13.20 29.96 -29.91
N LEU G 156 13.10 31.09 -29.21
CA LEU G 156 12.23 31.16 -28.04
C LEU G 156 10.76 31.09 -28.43
N ASP G 157 10.40 31.69 -29.56
CA ASP G 157 9.02 31.64 -30.05
C ASP G 157 8.61 30.20 -30.35
N ARG G 158 9.43 29.46 -31.09
CA ARG G 158 9.10 28.07 -31.37
C ARG G 158 9.07 27.22 -30.11
N TYR G 159 9.97 27.50 -29.17
CA TYR G 159 9.98 26.77 -27.91
C TYR G 159 8.69 26.98 -27.13
N LEU G 160 8.28 28.23 -26.91
CA LEU G 160 7.02 28.46 -26.23
C LEU G 160 5.83 28.01 -27.07
N GLY G 161 5.99 27.94 -28.40
CA GLY G 161 4.95 27.38 -29.25
C GLY G 161 4.77 25.89 -29.13
N GLN G 162 5.66 25.21 -28.39
N GLN G 162 5.66 25.20 -28.40
CA GLN G 162 5.55 23.78 -28.17
CA GLN G 162 5.57 23.78 -28.16
C GLN G 162 4.91 23.45 -26.83
C GLN G 162 4.83 23.43 -26.87
N ARG G 163 4.37 24.44 -26.13
CA ARG G 163 3.77 24.19 -24.82
C ARG G 163 2.50 23.35 -24.93
N GLU G 164 2.40 22.35 -24.06
CA GLU G 164 1.35 21.35 -24.16
C GLU G 164 0.11 21.77 -23.38
N MET H 1 -0.94 42.42 -46.02
CA MET H 1 -2.04 43.31 -45.65
C MET H 1 -3.33 42.53 -45.40
N MET H 2 -4.36 43.22 -44.92
CA MET H 2 -5.66 42.61 -44.66
C MET H 2 -6.45 42.50 -45.95
N VAL H 3 -6.93 41.30 -46.26
CA VAL H 3 -7.64 41.03 -47.50
C VAL H 3 -9.13 40.85 -47.28
N ILE H 4 -9.61 41.07 -46.08
CA ILE H 4 -11.04 41.27 -45.85
C ILE H 4 -11.26 42.75 -45.67
N SER H 5 -12.43 43.23 -46.11
CA SER H 5 -12.77 44.61 -45.82
C SER H 5 -12.85 44.81 -44.32
N GLU H 6 -12.69 46.07 -43.89
CA GLU H 6 -12.82 46.37 -42.47
C GLU H 6 -14.27 46.17 -42.00
N LYS H 7 -15.23 46.40 -42.90
CA LYS H 7 -16.63 46.14 -42.57
C LYS H 7 -16.84 44.67 -42.24
N VAL H 8 -16.22 43.78 -43.02
CA VAL H 8 -16.32 42.35 -42.77
C VAL H 8 -15.49 41.95 -41.55
N ARG H 9 -14.31 42.53 -41.39
CA ARG H 9 -13.50 42.23 -40.21
C ARG H 9 -14.22 42.64 -38.94
N LYS H 10 -14.91 43.78 -38.95
CA LYS H 10 -15.65 44.20 -37.76
CA LYS H 10 -15.64 44.20 -37.76
C LYS H 10 -16.81 43.26 -37.48
N ALA H 11 -17.52 42.82 -38.52
CA ALA H 11 -18.62 41.89 -38.33
C ALA H 11 -18.14 40.57 -37.75
N LEU H 12 -16.99 40.08 -38.22
CA LEU H 12 -16.44 38.84 -37.67
C LEU H 12 -15.92 39.05 -36.26
N ASN H 13 -15.24 40.18 -36.00
CA ASN H 13 -14.75 40.48 -34.66
C ASN H 13 -15.91 40.67 -33.69
N ASP H 14 -16.98 41.33 -34.15
CA ASP H 14 -18.19 41.46 -33.34
C ASP H 14 -18.77 40.08 -33.01
N GLN H 15 -18.76 39.17 -33.99
CA GLN H 15 -19.30 37.84 -33.76
C GLN H 15 -18.43 37.06 -32.80
N LEU H 16 -17.11 37.21 -32.91
CA LEU H 16 -16.20 36.58 -31.94
C LEU H 16 -16.58 36.96 -30.52
N ASN H 17 -16.77 38.27 -30.28
CA ASN H 17 -17.15 38.72 -28.94
C ASN H 17 -18.52 38.18 -28.55
N ARG H 18 -19.43 38.00 -29.53
CA ARG H 18 -20.73 37.42 -29.24
CA ARG H 18 -20.73 37.41 -29.25
C ARG H 18 -20.58 35.95 -28.84
N GLU H 19 -19.66 35.23 -29.47
CA GLU H 19 -19.43 33.83 -29.08
C GLU H 19 -18.85 33.74 -27.68
N ILE H 20 -17.97 34.68 -27.32
CA ILE H 20 -17.45 34.73 -25.95
C ILE H 20 -18.60 34.91 -24.96
N TYR H 21 -19.51 35.84 -25.26
CA TYR H 21 -20.64 36.03 -24.35
C TYR H 21 -21.52 34.78 -24.27
N SER H 22 -21.76 34.10 -25.40
CA SER H 22 -22.59 32.90 -25.34
C SER H 22 -21.98 31.86 -24.41
N SER H 23 -20.66 31.68 -24.49
CA SER H 23 -19.97 30.79 -23.57
C SER H 23 -20.21 31.23 -22.12
N TYR H 24 -20.07 32.53 -21.85
CA TYR H 24 -20.26 33.06 -20.49
C TYR H 24 -21.70 32.87 -20.02
N LEU H 25 -22.65 33.09 -20.91
CA LEU H 25 -24.07 32.91 -20.59
C LEU H 25 -24.37 31.48 -20.18
N TYR H 26 -23.84 30.50 -20.92
CA TYR H 26 -24.11 29.11 -20.59
C TYR H 26 -23.44 28.73 -19.28
N LEU H 27 -22.27 29.29 -19.01
CA LEU H 27 -21.67 29.12 -17.69
C LEU H 27 -22.57 29.71 -16.62
N SER H 28 -23.24 30.82 -16.92
CA SER H 28 -24.12 31.42 -15.92
C SER H 28 -25.37 30.58 -15.70
N MET H 29 -25.85 29.92 -16.76
CA MET H 29 -26.92 28.96 -16.59
C MET H 29 -26.47 27.76 -15.77
N ALA H 30 -25.21 27.34 -15.92
CA ALA H 30 -24.68 26.26 -15.10
C ALA H 30 -24.71 26.63 -13.62
N THR H 31 -24.33 27.86 -13.29
CA THR H 31 -24.40 28.30 -11.90
C THR H 31 -25.83 28.24 -11.37
N TYR H 32 -26.81 28.53 -12.22
CA TYR H 32 -28.20 28.44 -11.78
C TYR H 32 -28.59 26.99 -11.53
N PHE H 33 -28.30 26.10 -12.48
CA PHE H 33 -28.67 24.70 -12.31
C PHE H 33 -27.96 24.10 -11.10
N ASP H 34 -26.69 24.44 -10.91
CA ASP H 34 -25.95 23.93 -9.77
C ASP H 34 -26.55 24.42 -8.46
N ALA H 35 -26.98 25.69 -8.43
CA ALA H 35 -27.63 26.21 -7.22
C ALA H 35 -28.94 25.48 -6.94
N GLU H 36 -29.65 25.07 -7.99
CA GLU H 36 -30.90 24.32 -7.87
C GLU H 36 -30.69 22.83 -7.64
N GLY H 37 -29.45 22.35 -7.65
CA GLY H 37 -29.17 20.96 -7.38
C GLY H 37 -29.27 20.05 -8.58
N PHE H 38 -29.27 20.60 -9.80
CA PHE H 38 -29.34 19.80 -11.01
C PHE H 38 -27.94 19.72 -11.61
N LYS H 39 -27.15 18.76 -11.14
CA LYS H 39 -25.77 18.65 -11.57
C LYS H 39 -25.66 18.17 -13.01
N GLY H 40 -26.66 17.46 -13.51
CA GLY H 40 -26.62 17.02 -14.90
C GLY H 40 -26.88 18.16 -15.86
N PHE H 41 -27.90 18.97 -15.58
CA PHE H 41 -28.16 20.16 -16.40
C PHE H 41 -26.99 21.12 -16.34
N ALA H 42 -26.40 21.31 -15.15
CA ALA H 42 -25.23 22.17 -15.02
C ALA H 42 -24.06 21.63 -15.83
N HIS H 43 -23.83 20.32 -15.78
CA HIS H 43 -22.78 19.70 -16.58
C HIS H 43 -23.00 19.95 -18.06
N TRP H 44 -24.25 19.84 -18.51
CA TRP H 44 -24.59 20.13 -19.90
C TRP H 44 -24.21 21.56 -20.26
N MET H 45 -24.51 22.52 -19.39
CA MET H 45 -24.23 23.91 -19.69
C MET H 45 -22.74 24.20 -19.70
N LYS H 46 -21.97 23.53 -18.84
CA LYS H 46 -20.52 23.72 -18.85
C LYS H 46 -19.93 23.19 -20.16
N LYS H 47 -20.41 22.04 -20.63
CA LYS H 47 -19.99 21.53 -21.92
C LYS H 47 -20.42 22.46 -23.05
N GLN H 48 -21.63 23.00 -22.96
CA GLN H 48 -22.07 23.98 -23.96
C GLN H 48 -21.18 25.21 -23.94
N ALA H 49 -20.79 25.66 -22.75
CA ALA H 49 -19.89 26.81 -22.65
C ALA H 49 -18.56 26.54 -23.34
N GLN H 50 -18.03 25.33 -23.21
CA GLN H 50 -16.75 25.04 -23.85
CA GLN H 50 -16.76 25.00 -23.85
C GLN H 50 -16.89 25.00 -25.37
N GLU H 51 -18.00 24.46 -25.88
CA GLU H 51 -18.20 24.42 -27.32
C GLU H 51 -18.24 25.82 -27.92
N GLU H 52 -18.88 26.77 -27.23
CA GLU H 52 -18.96 28.13 -27.72
C GLU H 52 -17.58 28.78 -27.81
N LEU H 53 -16.66 28.42 -26.91
CA LEU H 53 -15.30 28.97 -26.96
C LEU H 53 -14.58 28.50 -28.22
N THR H 54 -14.79 27.25 -28.62
CA THR H 54 -14.17 26.76 -29.85
C THR H 54 -14.73 27.47 -31.07
N HIS H 55 -16.01 27.87 -31.02
CA HIS H 55 -16.57 28.71 -32.07
C HIS H 55 -15.83 30.05 -32.12
N ALA H 56 -15.64 30.66 -30.95
CA ALA H 56 -14.93 31.94 -30.88
C ALA H 56 -13.52 31.81 -31.43
N MET H 57 -12.82 30.73 -31.08
CA MET H 57 -11.44 30.57 -31.53
C MET H 57 -11.38 30.33 -33.04
N LYS H 58 -12.45 29.79 -33.63
CA LYS H 58 -12.44 29.59 -35.08
C LYS H 58 -12.62 30.92 -35.82
N PHE H 59 -13.48 31.79 -35.30
CA PHE H 59 -13.51 33.16 -35.81
C PHE H 59 -12.16 33.82 -35.63
N TYR H 60 -11.53 33.61 -34.45
CA TYR H 60 -10.20 34.15 -34.16
C TYR H 60 -9.20 33.80 -35.26
N GLU H 61 -9.07 32.52 -35.57
CA GLU H 61 -8.01 32.10 -36.47
C GLU H 61 -8.29 32.52 -37.90
N TYR H 62 -9.57 32.57 -38.29
CA TYR H 62 -9.89 33.03 -39.64
C TYR H 62 -9.55 34.50 -39.82
N ILE H 63 -9.80 35.33 -38.81
CA ILE H 63 -9.48 36.76 -38.92
C ILE H 63 -8.00 36.96 -39.20
N TYR H 64 -7.14 36.22 -38.49
CA TYR H 64 -5.70 36.34 -38.72
C TYR H 64 -5.28 35.72 -40.04
N GLN H 65 -5.98 34.67 -40.49
CA GLN H 65 -5.73 34.08 -41.80
C GLN H 65 -5.95 35.09 -42.92
N ARG H 66 -6.90 36.01 -42.74
CA ARG H 66 -7.18 37.05 -43.72
C ARG H 66 -6.43 38.35 -43.42
N GLY H 67 -5.36 38.28 -42.63
CA GLY H 67 -4.55 39.45 -42.36
C GLY H 67 -5.16 40.45 -41.40
N GLY H 68 -6.27 40.11 -40.75
CA GLY H 68 -6.89 40.98 -39.79
C GLY H 68 -6.33 40.78 -38.39
N ARG H 69 -6.94 41.50 -37.44
CA ARG H 69 -6.54 41.47 -36.04
CA ARG H 69 -6.54 41.47 -36.04
C ARG H 69 -7.77 41.44 -35.16
N VAL H 70 -7.69 40.67 -34.06
CA VAL H 70 -8.80 40.55 -33.11
C VAL H 70 -8.62 41.58 -32.01
N GLU H 71 -9.71 42.27 -31.66
CA GLU H 71 -9.75 43.14 -30.49
C GLU H 71 -10.86 42.65 -29.56
N LEU H 72 -10.48 42.24 -28.36
CA LEU H 72 -11.44 41.77 -27.37
C LEU H 72 -12.12 42.94 -26.68
N GLU H 73 -13.44 42.85 -26.54
CA GLU H 73 -14.26 43.87 -25.90
C GLU H 73 -14.76 43.40 -24.54
N ALA H 74 -15.29 44.34 -23.76
CA ALA H 74 -15.90 43.99 -22.49
C ALA H 74 -17.07 43.03 -22.71
N ILE H 75 -17.25 42.09 -21.79
CA ILE H 75 -18.35 41.14 -21.83
C ILE H 75 -19.35 41.52 -20.74
N GLU H 76 -20.62 41.65 -21.13
CA GLU H 76 -21.65 42.09 -20.20
C GLU H 76 -21.97 40.99 -19.19
N LYS H 77 -22.50 41.43 -18.05
CA LYS H 77 -22.95 40.50 -17.02
C LYS H 77 -24.16 39.72 -17.51
N PRO H 78 -24.10 38.39 -17.52
CA PRO H 78 -25.28 37.61 -17.91
C PRO H 78 -26.27 37.52 -16.77
N PRO H 79 -27.53 37.18 -17.05
CA PRO H 79 -28.46 36.87 -15.96
C PRO H 79 -27.96 35.68 -15.18
N SER H 80 -28.22 35.69 -13.87
CA SER H 80 -27.78 34.62 -13.00
CA SER H 80 -27.79 34.62 -12.99
C SER H 80 -28.92 33.74 -12.48
N ASN H 81 -30.17 34.08 -12.77
CA ASN H 81 -31.30 33.32 -12.26
C ASN H 81 -32.38 33.17 -13.32
N TRP H 82 -33.08 32.04 -13.26
CA TRP H 82 -34.22 31.78 -14.14
C TRP H 82 -35.38 31.23 -13.31
N ASN H 83 -36.58 31.37 -13.86
CA ASN H 83 -37.80 30.98 -13.21
C ASN H 83 -38.16 29.51 -13.41
N GLY H 84 -37.19 28.65 -13.70
CA GLY H 84 -37.49 27.24 -13.88
C GLY H 84 -36.63 26.62 -14.96
N ILE H 85 -36.70 25.29 -15.14
CA ILE H 85 -35.89 24.64 -16.16
C ILE H 85 -36.29 25.10 -17.56
N LYS H 86 -37.61 25.27 -17.85
CA LYS H 86 -37.92 25.86 -19.16
C LYS H 86 -37.39 27.24 -19.30
N ASP H 87 -37.48 28.06 -18.26
CA ASP H 87 -37.09 29.45 -18.47
C ASP H 87 -35.63 29.53 -18.94
N ALA H 88 -34.76 28.71 -18.36
CA ALA H 88 -33.37 28.69 -18.81
C ALA H 88 -33.24 28.12 -20.22
N PHE H 89 -33.84 26.95 -20.47
CA PHE H 89 -33.66 26.30 -21.78
C PHE H 89 -34.36 27.08 -22.88
N GLU H 90 -35.52 27.67 -22.60
CA GLU H 90 -36.14 28.58 -23.57
C GLU H 90 -35.27 29.81 -23.79
N ALA H 91 -34.63 30.32 -22.75
CA ALA H 91 -33.69 31.42 -22.91
C ALA H 91 -32.50 30.99 -23.76
N ALA H 92 -32.05 29.74 -23.59
CA ALA H 92 -30.96 29.23 -24.41
C ALA H 92 -31.37 29.13 -25.88
N LEU H 93 -32.58 28.62 -26.15
CA LEU H 93 -33.04 28.52 -27.53
C LEU H 93 -33.14 29.90 -28.18
N LYS H 94 -33.74 30.87 -27.47
CA LYS H 94 -33.84 32.21 -28.01
C LYS H 94 -32.47 32.80 -28.27
N HIS H 95 -31.49 32.49 -27.42
CA HIS H 95 -30.15 33.01 -27.65
C HIS H 95 -29.51 32.36 -28.87
N GLU H 96 -29.63 31.04 -29.01
CA GLU H 96 -29.03 30.36 -30.16
C GLU H 96 -29.66 30.84 -31.47
N GLU H 97 -30.98 31.09 -31.45
CA GLU H 97 -31.62 31.64 -32.64
C GLU H 97 -31.11 33.04 -32.96
N PHE H 98 -30.83 33.83 -31.91
CA PHE H 98 -30.22 35.15 -32.14
C PHE H 98 -28.81 35.01 -32.70
N VAL H 99 -28.05 34.01 -32.22
CA VAL H 99 -26.71 33.77 -32.75
C VAL H 99 -26.79 33.37 -34.21
N THR H 100 -27.79 32.55 -34.56
CA THR H 100 -27.97 32.14 -35.95
C THR H 100 -28.25 33.33 -36.85
N GLN H 101 -29.15 34.23 -36.43
CA GLN H 101 -29.44 35.40 -37.23
C GLN H 101 -28.22 36.31 -37.35
N SER H 102 -27.37 36.37 -36.33
CA SER H 102 -26.20 37.23 -36.43
C SER H 102 -25.20 36.69 -37.44
N ILE H 103 -25.04 35.37 -37.49
CA ILE H 103 -24.18 34.76 -38.50
C ILE H 103 -24.77 34.97 -39.88
N TYR H 104 -26.10 34.80 -40.01
CA TYR H 104 -26.77 35.07 -41.28
C TYR H 104 -26.45 36.47 -41.78
N ASN H 105 -26.38 37.44 -40.87
CA ASN H 105 -26.11 38.82 -41.27
C ASN H 105 -24.69 38.97 -41.82
N ILE H 106 -23.72 38.30 -41.21
CA ILE H 106 -22.37 38.32 -41.75
C ILE H 106 -22.31 37.68 -43.12
N LEU H 107 -23.05 36.58 -43.30
CA LEU H 107 -23.05 35.89 -44.58
C LEU H 107 -23.59 36.79 -45.68
N GLU H 108 -24.69 37.49 -45.41
CA GLU H 108 -25.31 38.35 -46.41
C GLU H 108 -24.44 39.57 -46.71
N LEU H 109 -23.76 40.10 -45.69
CA LEU H 109 -22.83 41.20 -45.91
C LEU H 109 -21.64 40.76 -46.74
N ALA H 110 -21.02 39.64 -46.37
CA ALA H 110 -19.88 39.14 -47.14
C ALA H 110 -20.28 38.81 -48.57
N SER H 111 -21.51 38.35 -48.79
CA SER H 111 -21.94 37.99 -50.13
C SER H 111 -22.13 39.24 -50.99
N GLU H 112 -22.66 40.30 -50.39
CA GLU H 112 -22.81 41.58 -51.09
C GLU H 112 -21.46 42.15 -51.50
N GLU H 113 -20.45 41.97 -50.66
CA GLU H 113 -19.09 42.40 -50.99
C GLU H 113 -18.35 41.44 -51.89
N LYS H 114 -18.98 40.33 -52.29
CA LYS H 114 -18.36 39.26 -53.08
C LYS H 114 -17.13 38.69 -52.38
N ASP H 115 -17.15 38.67 -51.05
CA ASP H 115 -16.11 38.03 -50.24
C ASP H 115 -16.48 36.56 -50.15
N HIS H 116 -16.15 35.82 -51.21
CA HIS H 116 -16.55 34.43 -51.28
C HIS H 116 -15.84 33.59 -50.22
N ALA H 117 -14.62 33.96 -49.84
CA ALA H 117 -13.88 33.21 -48.82
C ALA H 117 -14.61 33.24 -47.47
N THR H 118 -15.13 34.41 -47.08
CA THR H 118 -15.84 34.50 -45.80
C THR H 118 -17.21 33.86 -45.89
N VAL H 119 -17.89 34.00 -47.03
CA VAL H 119 -19.17 33.36 -47.24
C VAL H 119 -19.04 31.85 -47.04
N SER H 120 -18.01 31.26 -47.63
CA SER H 120 -17.83 29.81 -47.53
C SER H 120 -17.33 29.42 -46.15
N PHE H 121 -16.52 30.27 -45.53
CA PHE H 121 -16.05 30.00 -44.17
C PHE H 121 -17.23 29.90 -43.20
N LEU H 122 -18.27 30.70 -43.40
CA LEU H 122 -19.40 30.75 -42.49
C LEU H 122 -20.31 29.53 -42.63
N LYS H 123 -20.16 28.73 -43.69
CA LYS H 123 -21.01 27.57 -43.88
C LYS H 123 -21.02 26.66 -42.66
N TRP H 124 -19.84 26.42 -42.08
CA TRP H 124 -19.76 25.51 -40.94
C TRP H 124 -20.65 25.96 -39.80
N PHE H 125 -20.71 27.28 -39.55
CA PHE H 125 -21.51 27.79 -38.46
C PHE H 125 -22.99 27.72 -38.78
N VAL H 126 -23.36 27.97 -40.03
CA VAL H 126 -24.75 27.78 -40.46
C VAL H 126 -25.18 26.36 -40.16
N ASP H 127 -24.40 25.37 -40.62
CA ASP H 127 -24.76 23.98 -40.38
C ASP H 127 -24.75 23.65 -38.90
N GLU H 128 -23.75 24.17 -38.17
CA GLU H 128 -23.66 23.89 -36.73
C GLU H 128 -24.85 24.47 -35.99
N GLN H 129 -25.30 25.66 -36.37
CA GLN H 129 -26.41 26.31 -35.68
C GLN H 129 -27.68 25.48 -35.78
N VAL H 130 -27.89 24.82 -36.92
CA VAL H 130 -29.04 23.92 -37.08
C VAL H 130 -29.04 22.87 -35.97
N GLU H 131 -27.86 22.34 -35.64
CA GLU H 131 -27.76 21.31 -34.60
C GLU H 131 -27.90 21.89 -33.20
N GLU H 132 -27.44 23.13 -32.97
CA GLU H 132 -27.54 23.71 -31.64
C GLU H 132 -28.99 24.02 -31.28
N GLU H 133 -29.74 24.60 -32.23
CA GLU H 133 -31.15 24.89 -31.97
C GLU H 133 -31.95 23.61 -31.76
N ASP H 134 -31.70 22.59 -32.58
CA ASP H 134 -32.47 21.36 -32.49
C ASP H 134 -32.26 20.66 -31.16
N GLN H 135 -31.02 20.65 -30.65
CA GLN H 135 -30.74 20.00 -29.38
C GLN H 135 -31.55 20.65 -28.26
N VAL H 136 -31.67 21.98 -28.27
CA VAL H 136 -32.40 22.66 -27.21
C VAL H 136 -33.90 22.43 -27.39
N ARG H 137 -34.38 22.46 -28.64
CA ARG H 137 -35.80 22.19 -28.88
C ARG H 137 -36.16 20.78 -28.43
N GLU H 138 -35.26 19.81 -28.64
CA GLU H 138 -35.51 18.46 -28.16
C GLU H 138 -35.62 18.42 -26.65
N ILE H 139 -34.71 19.13 -25.96
CA ILE H 139 -34.76 19.21 -24.50
C ILE H 139 -36.07 19.86 -24.04
N LEU H 140 -36.47 20.94 -24.70
CA LEU H 140 -37.70 21.62 -24.32
C LEU H 140 -38.92 20.73 -24.51
N ASP H 141 -38.94 19.94 -25.58
CA ASP H 141 -40.07 19.04 -25.82
C ASP H 141 -40.16 17.97 -24.73
N LEU H 142 -39.01 17.47 -24.26
CA LEU H 142 -39.03 16.48 -23.18
C LEU H 142 -39.48 17.11 -21.87
N LEU H 143 -39.07 18.35 -21.60
CA LEU H 143 -39.51 19.02 -20.39
C LEU H 143 -41.01 19.30 -20.43
N GLU H 144 -41.57 19.53 -21.62
CA GLU H 144 -43.01 19.74 -21.71
C GLU H 144 -43.75 18.45 -21.37
N LYS H 145 -43.25 17.31 -21.85
CA LYS H 145 -43.86 16.04 -21.50
C LYS H 145 -43.65 15.71 -20.03
N ALA H 146 -42.52 16.13 -19.47
CA ALA H 146 -42.26 15.91 -18.04
C ALA H 146 -43.30 16.60 -17.16
N ASN H 147 -43.67 17.84 -17.52
CA ASN H 147 -44.74 18.58 -16.85
C ASN H 147 -44.49 18.73 -15.34
N GLY H 148 -43.23 18.73 -14.94
CA GLY H 148 -42.86 18.90 -13.54
C GLY H 148 -42.78 17.63 -12.71
N GLN H 149 -43.15 16.47 -13.27
CA GLN H 149 -43.03 15.22 -12.53
C GLN H 149 -41.56 15.07 -12.29
N MET H 150 -41.10 15.02 -11.04
CA MET H 150 -39.69 15.21 -11.10
C MET H 150 -38.96 13.86 -11.16
N SER H 151 -39.67 12.75 -10.89
CA SER H 151 -39.16 11.40 -11.19
C SER H 151 -38.72 11.28 -12.65
N VAL H 152 -39.41 11.99 -13.55
CA VAL H 152 -39.10 11.85 -14.97
C VAL H 152 -37.90 12.77 -15.30
N ILE H 153 -37.88 13.98 -14.73
CA ILE H 153 -36.78 14.94 -14.90
C ILE H 153 -35.52 14.39 -14.27
N PHE H 154 -35.65 13.65 -13.16
CA PHE H 154 -34.49 12.97 -12.59
C PHE H 154 -33.79 12.13 -13.67
N GLN H 155 -34.58 11.57 -14.60
CA GLN H 155 -34.00 10.89 -15.74
CA GLN H 155 -33.99 10.88 -15.74
C GLN H 155 -33.43 11.88 -16.75
N LEU H 156 -34.02 13.07 -16.85
CA LEU H 156 -33.52 14.07 -17.80
C LEU H 156 -32.23 14.71 -17.31
N ASP H 157 -32.13 14.96 -16.01
CA ASP H 157 -30.88 15.47 -15.44
C ASP H 157 -29.77 14.46 -15.63
N ARG H 158 -30.04 13.19 -15.29
CA ARG H 158 -29.04 12.14 -15.45
C ARG H 158 -28.60 12.02 -16.89
N TYR H 159 -29.55 12.05 -17.83
CA TYR H 159 -29.21 11.89 -19.24
C TYR H 159 -28.34 13.03 -19.74
N LEU H 160 -28.75 14.28 -19.48
CA LEU H 160 -27.94 15.41 -19.89
C LEU H 160 -26.61 15.48 -19.16
N GLY H 161 -26.51 14.89 -17.96
CA GLY H 161 -25.24 14.81 -17.28
C GLY H 161 -24.26 13.83 -17.91
N GLN H 162 -24.75 12.93 -18.77
CA GLN H 162 -23.90 12.01 -19.50
C GLN H 162 -23.18 12.67 -20.66
N ARG H 163 -23.43 13.97 -20.88
CA ARG H 163 -22.89 14.65 -22.04
C ARG H 163 -21.39 14.46 -22.16
N GLU H 164 -20.99 14.26 -23.41
CA GLU H 164 -19.70 13.77 -23.85
C GLU H 164 -18.66 14.83 -23.51
FE FE I . -11.97 -44.07 7.60
S SO4 J . -24.36 -48.15 9.00
O1 SO4 J . -25.15 -49.02 8.14
O2 SO4 J . -23.39 -48.97 9.73
O3 SO4 J . -23.68 -47.17 8.16
O4 SO4 J . -25.22 -47.45 9.96
C1 GOL K . -11.74 -53.03 17.26
O1 GOL K . -10.84 -51.99 17.01
C2 GOL K . -12.38 -52.69 18.62
O2 GOL K . -11.96 -51.45 19.07
C3 GOL K . -13.92 -52.77 18.37
O3 GOL K . -14.53 -51.67 19.02
C1 GOL L . 0.30 -47.27 -9.13
O1 GOL L . -0.09 -46.05 -8.56
C2 GOL L . 0.33 -48.34 -7.99
O2 GOL L . -0.94 -48.84 -7.70
C3 GOL L . 1.28 -49.44 -8.50
O3 GOL L . 0.86 -50.64 -7.91
C1 GOL M . -1.26 -51.06 -11.61
O1 GOL M . -0.76 -49.92 -10.94
C2 GOL M . -2.32 -50.57 -12.65
O2 GOL M . -3.32 -49.79 -12.06
C3 GOL M . -2.87 -51.89 -13.31
O3 GOL M . -4.10 -51.59 -13.94
S SO4 N . -5.99 -65.39 6.50
O1 SO4 N . -4.84 -65.12 7.35
O2 SO4 N . -5.72 -66.58 5.69
O3 SO4 N . -6.24 -64.24 5.64
O4 SO4 N . -7.17 -65.63 7.33
S SO4 O . -27.60 -36.17 15.82
O1 SO4 O . -26.95 -36.67 14.61
O2 SO4 O . -27.76 -37.25 16.79
O3 SO4 O . -28.91 -35.63 15.50
O4 SO4 O . -26.76 -35.12 16.41
S SO4 P . -24.67 -31.75 19.70
O1 SO4 P . -24.69 -32.88 18.79
O2 SO4 P . -24.29 -32.23 21.03
O3 SO4 P . -26.01 -31.15 19.77
O4 SO4 P . -23.72 -30.72 19.24
S SO4 Q . -11.64 -35.20 32.19
O1 SO4 Q . -10.19 -35.26 32.03
O2 SO4 Q . -11.98 -35.35 33.59
O3 SO4 Q . -12.26 -36.29 31.44
O4 SO4 Q . -12.13 -33.90 31.70
FE FE R . 13.61 -47.54 5.34
S SO4 S . 12.75 -73.25 -2.01
O1 SO4 S . 13.98 -72.82 -1.35
O2 SO4 S . 13.06 -74.24 -3.04
O3 SO4 S . 11.85 -73.84 -1.02
O4 SO4 S . 12.10 -72.10 -2.63
S SO4 T . 17.50 -31.88 24.26
O1 SO4 T . 18.24 -32.22 25.48
O2 SO4 T . 17.47 -33.07 23.42
O3 SO4 T . 18.15 -30.78 23.54
O4 SO4 T . 16.13 -31.50 24.60
C1 GOL U . 25.87 -51.00 9.15
O1 GOL U . 27.27 -50.97 9.16
C2 GOL U . 25.34 -49.89 10.12
O2 GOL U . 25.27 -50.31 11.43
C3 GOL U . 26.26 -48.66 9.92
O3 GOL U . 25.98 -48.15 8.64
S SO4 V . 21.30 -15.91 21.20
O1 SO4 V . 21.10 -15.76 22.63
O2 SO4 V . 21.39 -17.34 20.92
O3 SO4 V . 20.19 -15.32 20.48
O4 SO4 V . 22.53 -15.26 20.75
C1 GOL W . 12.40 -54.95 14.31
O1 GOL W . 11.17 -54.44 13.80
C2 GOL W . 12.35 -56.52 14.29
O2 GOL W . 12.61 -57.04 13.03
C3 GOL W . 13.43 -56.99 15.28
O3 GOL W . 14.22 -57.90 14.58
C1 LFA X . 0.22 -35.18 6.71
C2 LFA X . 1.30 -36.15 7.11
C3 LFA X . 0.94 -37.59 6.84
C4 LFA X . 1.91 -38.62 7.38
C5 LFA X . 1.41 -40.06 7.26
C6 LFA X . 2.31 -41.09 7.89
C7 LFA X . 1.65 -42.44 8.08
C8 LFA X . 2.48 -43.49 8.78
C9 LFA X . 1.73 -44.75 9.08
C10 LFA X . 2.58 -45.91 9.55
C11 LFA X . 1.81 -47.20 9.69
C12 LFA X . 0.93 -47.48 8.51
C13 LFA X . 0.32 -48.86 8.44
C14 LFA X . -0.50 -49.06 7.20
C15 LFA X . 0.23 -48.58 5.97
C16 LFA X . -0.49 -48.66 4.65
C17 LFA X . 0.25 -47.95 3.55
C18 LFA X . -0.32 -48.12 2.15
C19 LFA X . 0.54 -47.47 1.08
C20 LFA X . 0.20 -47.86 -0.33
S SO4 Y . 7.30 -45.26 25.99
O1 SO4 Y . 6.78 -44.86 27.30
O2 SO4 Y . 8.19 -46.41 26.15
O3 SO4 Y . 6.18 -45.64 25.14
O4 SO4 Y . 8.04 -44.15 25.39
S SO4 Z . 26.72 -61.36 -5.99
O1 SO4 Z . 26.29 -61.13 -4.62
O2 SO4 Z . 27.12 -62.76 -6.12
O3 SO4 Z . 25.65 -61.05 -6.94
O4 SO4 Z . 27.88 -60.51 -6.29
S SO4 AA . 2.49 -31.54 8.25
O1 SO4 AA . 2.67 -31.74 9.68
O2 SO4 AA . 3.43 -32.38 7.51
O3 SO4 AA . 2.73 -30.13 7.93
O4 SO4 AA . 1.13 -31.91 7.86
FE FE BA . -14.33 10.27 10.19
C1 GOL CA . -18.35 12.14 22.82
O1 GOL CA . -18.32 11.43 21.62
C2 GOL CA . -18.37 13.64 22.44
O2 GOL CA . -18.03 13.80 21.11
C3 GOL CA . -17.35 14.33 23.38
O3 GOL CA . -17.10 15.61 22.84
C1 GOL DA . -18.96 22.76 8.58
O1 GOL DA . -17.68 22.29 8.26
C2 GOL DA . -18.89 23.39 10.00
O2 GOL DA . -17.61 23.88 10.32
C3 GOL DA . -19.35 22.26 10.96
O3 GOL DA . -19.64 22.84 12.20
C1 LFA EA . -7.61 -2.13 11.37
C2 LFA EA . -8.00 -2.18 12.84
C3 LFA EA . -9.49 -2.13 13.06
C4 LFA EA . -9.98 -2.14 14.49
C5 LFA EA . -11.47 -2.01 14.61
C6 LFA EA . -12.02 -1.91 16.01
C7 LFA EA . -13.52 -1.70 16.00
C8 LFA EA . -14.18 -1.61 17.36
C9 LFA EA . -15.67 -1.45 17.28
C10 LFA EA . -16.14 -0.17 16.65
C11 LFA EA . -17.28 -0.32 15.66
C12 LFA EA . -16.87 -0.92 14.35
C13 LFA EA . -17.97 -1.07 13.31
C14 LFA EA . -17.47 -1.76 12.05
C15 LFA EA . -18.50 -2.07 11.01
C16 LFA EA . -17.95 -2.85 9.83
C17 LFA EA . -18.97 -3.22 8.78
C18 LFA EA . -18.47 -4.19 7.72
C19 LFA EA . -19.55 -4.67 6.76
C20 LFA EA . -19.16 -5.86 5.90
S SO4 FA . 0.50 26.78 12.11
O1 SO4 FA . 1.41 25.64 11.96
O2 SO4 FA . -0.61 26.40 12.98
O3 SO4 FA . 0.01 27.18 10.80
O4 SO4 FA . 1.22 27.89 12.72
S SO4 GA . 3.56 18.03 28.70
O1 SO4 GA . 3.53 16.65 28.26
O2 SO4 GA . 3.53 18.07 30.16
O3 SO4 GA . 2.39 18.74 28.18
O4 SO4 GA . 4.78 18.68 28.21
S SO4 HA . -43.77 7.73 -11.16
O1 SO4 HA . -42.49 7.29 -10.64
O2 SO4 HA . -44.85 7.14 -10.38
O3 SO4 HA . -43.90 7.31 -12.56
O4 SO4 HA . -43.85 9.19 -11.09
FE FE IA . -14.88 -13.96 17.45
S SO4 JA . 6.63 -11.38 28.92
O1 SO4 JA . 7.53 -12.14 28.07
O2 SO4 JA . 6.97 -11.57 30.32
O3 SO4 JA . 6.70 -9.96 28.59
O4 SO4 JA . 5.26 -11.85 28.72
C1 GOL KA . -19.93 -8.78 27.89
O1 GOL KA . -18.92 -8.95 26.90
C2 GOL KA . -20.44 -10.20 28.29
O2 GOL KA . -21.34 -10.70 27.36
C3 GOL KA . -21.13 -10.05 29.64
O3 GOL KA . -21.98 -11.15 29.74
C1 GOL LA . -14.88 -24.13 25.99
O1 GOL LA . -15.11 -25.51 25.86
C2 GOL LA . -13.38 -23.84 25.67
O2 GOL LA . -12.58 -23.90 26.80
C3 GOL LA . -12.95 -24.89 24.60
O3 GOL LA . -13.36 -24.39 23.36
S SO4 MA . -6.14 -0.97 32.64
O1 SO4 MA . -6.88 -1.47 33.80
O2 SO4 MA . -5.55 -2.11 31.94
O3 SO4 MA . -5.06 -0.06 33.07
O4 SO4 MA . -7.05 -0.25 31.75
S SO4 NA . -30.43 -29.96 16.56
O1 SO4 NA . -30.88 -31.35 16.57
O2 SO4 NA . -29.06 -29.90 17.06
O3 SO4 NA . -31.29 -29.16 17.43
O4 SO4 NA . -30.49 -29.44 15.18
S SO4 OA . -0.31 -2.51 10.70
O1 SO4 OA . 0.62 -2.86 9.62
O2 SO4 OA . 0.38 -2.63 11.99
O3 SO4 OA . -0.77 -1.14 10.51
O4 SO4 OA . -1.45 -3.42 10.67
FE FE PA . 17.02 17.02 6.31
S SO4 QA . 10.66 18.21 17.82
O1 SO4 QA . 9.82 17.19 17.20
O2 SO4 QA . 11.23 17.70 19.06
O3 SO4 QA . 11.74 18.56 16.91
O4 SO4 QA . 9.87 19.42 18.09
C1 GOL RA . 24.45 26.29 14.21
O1 GOL RA . 24.17 25.15 13.46
C2 GOL RA . 23.22 27.21 14.05
O2 GOL RA . 22.68 27.11 12.79
C3 GOL RA . 22.24 26.74 15.14
O3 GOL RA . 21.06 27.46 14.93
C1 LFA SA . 27.52 5.49 -1.76
C2 LFA SA . 27.40 6.40 -0.56
C3 LFA SA . 27.34 7.87 -0.90
C4 LFA SA . 27.41 8.80 0.29
C5 LFA SA . 27.44 10.26 -0.07
C6 LFA SA . 27.62 11.20 1.10
C7 LFA SA . 27.79 12.64 0.70
C8 LFA SA . 28.04 13.61 1.84
C9 LFA SA . 28.25 15.02 1.37
C10 LFA SA . 28.47 16.04 2.48
C11 LFA SA . 28.35 17.47 2.01
C12 LFA SA . 29.44 17.94 1.08
C13 LFA SA . 28.96 18.85 -0.03
C14 LFA SA . 28.46 18.11 -1.24
C15 LFA SA . 27.61 18.90 -2.19
C16 LFA SA . 27.00 18.05 -3.28
C17 LFA SA . 25.85 18.69 -4.04
C18 LFA SA . 25.10 17.75 -4.95
C19 LFA SA . 23.91 18.37 -5.65
C20 LFA SA . 23.15 17.47 -6.58
S SO4 TA . 0.18 31.13 7.19
O1 SO4 TA . 1.14 30.69 8.20
O2 SO4 TA . -0.86 30.13 7.02
O3 SO4 TA . -0.40 32.39 7.62
O4 SO4 TA . 0.86 31.32 5.90
FE FE UA . 37.69 14.35 -8.53
S SO4 VA . 32.72 36.07 -20.04
O1 SO4 VA . 32.71 34.92 -20.94
O2 SO4 VA . 33.92 36.01 -19.20
O3 SO4 VA . 32.74 37.31 -20.80
O4 SO4 VA . 31.52 36.04 -19.21
C1 GOL WA . 43.13 22.09 -0.91
O1 GOL WA . 41.88 21.48 -0.73
C2 GOL WA . 44.10 21.66 0.25
O2 GOL WA . 44.08 20.30 0.49
C3 GOL WA . 45.50 22.12 -0.19
O3 GOL WA . 46.40 21.20 0.34
S SO4 XA . 33.46 35.24 -3.00
O1 SO4 XA . 34.87 35.52 -3.29
O2 SO4 XA . 33.35 34.51 -1.75
O3 SO4 XA . 32.71 36.49 -2.91
O4 SO4 XA . 32.92 34.43 -4.09
FE FE YA . -4.86 31.89 -12.02
C1 GOL ZA . 10.42 45.47 -26.75
O1 GOL ZA . 9.82 45.29 -25.50
C2 GOL ZA . 11.37 44.27 -27.01
O2 GOL ZA . 10.98 43.14 -26.30
C3 GOL ZA . 11.30 44.04 -28.53
O3 GOL ZA . 9.96 43.83 -28.84
C1 GOL AB . -8.93 43.29 -10.77
O1 GOL AB . -9.29 42.21 -11.59
C2 GOL AB . -9.99 43.41 -9.63
O2 GOL AB . -11.13 44.07 -10.06
C3 GOL AB . -9.27 44.19 -8.48
O3 GOL AB . -9.98 43.93 -7.31
S SO4 BB . -5.32 28.42 9.86
O1 SO4 BB . -5.93 27.18 9.38
O2 SO4 BB . -3.89 28.24 10.05
O3 SO4 BB . -5.94 28.82 11.13
O4 SO4 BB . -5.54 29.48 8.87
S SO4 CB . -4.86 49.30 -25.34
O1 SO4 CB . -4.42 47.90 -25.47
O2 SO4 CB . -5.07 49.62 -23.93
O3 SO4 CB . -6.11 49.49 -26.08
O4 SO4 CB . -3.83 50.18 -25.90
S SO4 DB . 4.10 38.23 -4.47
O1 SO4 DB . 3.28 38.01 -3.28
O2 SO4 DB . 4.39 36.96 -5.13
O3 SO4 DB . 3.40 39.12 -5.38
O4 SO4 DB . 5.37 38.85 -4.07
FE FE EB . -22.08 29.38 -30.81
S SO4 FB . -33.44 30.80 -37.12
O1 SO4 FB . -34.63 30.24 -36.50
O2 SO4 FB . -32.44 29.74 -37.25
O3 SO4 FB . -33.76 31.33 -38.44
O4 SO4 FB . -32.92 31.87 -36.27
C1 GOL GB . -23.68 43.90 -30.95
O1 GOL GB . -22.88 44.45 -29.95
C2 GOL GB . -24.85 43.15 -30.24
O2 GOL GB . -25.69 42.53 -31.16
C3 GOL GB . -24.16 42.13 -29.29
O3 GOL GB . -25.14 41.21 -28.88
C1 GOL HB . -13.96 48.68 -45.40
O1 GOL HB . -14.92 48.18 -46.30
C2 GOL HB . -12.68 49.12 -46.21
O2 GOL HB . -11.56 49.22 -45.40
C3 GOL HB . -12.48 48.07 -47.31
O3 GOL HB . -11.11 47.84 -47.35
C1 LFA IB . -15.67 21.69 -16.92
C2 LFA IB . -16.33 23.05 -17.00
C3 LFA IB . -15.73 24.01 -18.00
C4 LFA IB . -16.44 25.35 -18.07
C5 LFA IB . -15.79 26.39 -18.96
C6 LFA IB . -16.49 27.73 -18.95
C7 LFA IB . -15.83 28.78 -19.81
C8 LFA IB . -16.50 30.13 -19.76
C9 LFA IB . -15.79 31.18 -20.57
C10 LFA IB . -16.34 32.58 -20.47
C11 LFA IB . -15.54 33.62 -21.22
C12 LFA IB . -14.09 33.70 -20.81
C13 LFA IB . -13.15 34.08 -21.92
C14 LFA IB . -11.78 33.45 -21.81
C15 LFA IB . -11.11 33.17 -23.14
C16 LFA IB . -10.34 31.86 -23.18
C17 LFA IB . -9.70 31.56 -24.52
C18 LFA IB . -9.08 30.19 -24.63
C19 LFA IB . -8.53 29.85 -26.00
C20 LFA IB . -8.03 28.43 -26.17
S SO4 JB . -30.73 38.06 -12.91
O1 SO4 JB . -31.21 37.99 -11.54
O2 SO4 JB . -30.28 36.73 -13.32
O3 SO4 JB . -31.81 38.50 -13.80
O4 SO4 JB . -29.61 38.99 -12.98
#